data_8TP2
#
_entry.id   8TP2
#
_cell.length_a   1.00
_cell.length_b   1.00
_cell.length_c   1.00
_cell.angle_alpha   90.00
_cell.angle_beta   90.00
_cell.angle_gamma   90.00
#
_symmetry.space_group_name_H-M   'P 1'
#
loop_
_entity.id
_entity.type
_entity.pdbx_description
1 polymer 'Heavy chain of Fab 1-1-1F05'
2 polymer 'Light chain of Fab 1-1-1F05'
3 polymer Hemagglutinin
4 branched 2-acetamido-2-deoxy-beta-D-glucopyranose-(1-4)-[alpha-L-fucopyranose-(1-6)]2-acetamido-2-deoxy-beta-D-glucopyranose
5 non-polymer 2-acetamido-2-deoxy-beta-D-glucopyranose
#
loop_
_entity_poly.entity_id
_entity_poly.type
_entity_poly.pdbx_seq_one_letter_code
_entity_poly.pdbx_strand_id
1 'polypeptide(L)'
;QVQLQESGPGLVKPSATLSLTCTLSGGSLSTHYWSWIRQPPGKGLEYIGNIHYSGSTNYNPSLRSRVTISVGTSKNQFSL
KLTSVTAADTAVYYCARDAPYSDFLSGVETGWFDPWGQGTLVIVSS
;
H
2 'polypeptide(L)'
;EIVMTQSPATLSVSPGERATLSCRASQSVSSNLAWYQQKPGQAPRLLIYGASTRATGIPARFSGSGSGTDFTLTISSLQS
EDFAVYSCQQYNNWPWTFGQGTKVEIK
;
L
3 'polypeptide(L)'
;MAIIYLILLFTAVRGDQICIGYHANNSTEKVDTILERNVTVTHAKDILEKTHNGKLCKLNGIPPLELGDCSIAGWLLGNP
ECDRLLSVPEWSYIMEKENPRDGLCYPGSFNDYEELKHLLSSVKHFEKVKILPKDRWTQHTTTGGSRACAVSGNPSFFRN
MVWLTKKGSNYPVAKGSYNNTSGEQMLIIWGVHHPNDETEQRTLYQNVGTYVSVGTSTLNKRSTPDIATRPKVNGQGGRM
EFSWTLLDMWDTINFESTGNLIAPEYGFKISKRGSSGIMKTEGTLENCETKCQTPLGAINTTLPFHNVHPLTIGECPKYV
KSEKLVLATGLRNVPQIESRGLFGAIAGFIEGGWQGMVDGWYGYHHSNDQGSGYAADKESTQKAFDGITNKVNSVIEKMN
TQFEAVGKEFSNLERRLENLNKKMEDGFLDVWTYNAELLVLMENERTLDFHDSNVKNLYDKVRMQLRDNVKELGNGCFEF
YHKCDDECMNSVKNGTYDYPKYEEES
;
C,A,B
#
loop_
_chem_comp.id
_chem_comp.type
_chem_comp.name
_chem_comp.formula
FUC L-saccharide, alpha linking alpha-L-fucopyranose 'C6 H12 O5'
NAG D-saccharide, beta linking 2-acetamido-2-deoxy-beta-D-glucopyranose 'C8 H15 N O6'
#
# COMPACT_ATOMS: atom_id res chain seq x y z
N GLN A 1 15.22 -40.01 -37.11
CA GLN A 1 14.06 -40.88 -37.05
C GLN A 1 14.53 -42.26 -36.57
N VAL A 2 13.59 -43.22 -36.44
CA VAL A 2 13.83 -44.58 -35.92
C VAL A 2 13.42 -45.61 -36.91
N GLN A 3 13.92 -46.82 -36.69
CA GLN A 3 13.54 -47.94 -37.51
C GLN A 3 12.89 -48.96 -36.62
N LEU A 4 11.90 -49.64 -37.16
CA LEU A 4 11.18 -50.62 -36.40
C LEU A 4 11.30 -52.00 -36.99
N GLN A 5 11.61 -52.98 -36.15
CA GLN A 5 11.73 -54.34 -36.62
C GLN A 5 10.89 -55.33 -35.84
N GLU A 6 9.96 -55.97 -36.54
CA GLU A 6 9.08 -56.99 -35.98
C GLU A 6 9.83 -58.31 -35.80
N SER A 7 9.52 -59.03 -34.76
CA SER A 7 10.15 -60.32 -34.52
C SER A 7 9.28 -61.34 -33.80
N GLY A 8 9.42 -62.59 -34.17
CA GLY A 8 8.67 -63.65 -33.51
C GLY A 8 8.49 -64.81 -34.44
N PRO A 9 7.81 -65.87 -34.02
CA PRO A 9 7.60 -67.08 -34.79
C PRO A 9 6.74 -66.79 -35.98
N GLY A 10 7.05 -67.43 -37.11
CA GLY A 10 6.25 -67.26 -38.31
C GLY A 10 5.18 -68.33 -38.41
N LEU A 11 5.11 -69.18 -37.39
CA LEU A 11 4.17 -70.27 -37.36
C LEU A 11 3.48 -70.38 -36.01
N VAL A 12 2.17 -70.34 -36.08
CA VAL A 12 1.27 -70.39 -34.94
C VAL A 12 0.23 -71.50 -35.16
N LYS A 13 -0.14 -72.22 -34.13
CA LYS A 13 -1.15 -73.27 -34.30
C LYS A 13 -2.58 -72.68 -34.42
N PRO A 14 -3.56 -73.41 -35.03
CA PRO A 14 -4.97 -73.03 -35.22
C PRO A 14 -5.76 -72.74 -33.95
N SER A 15 -5.22 -73.13 -32.82
CA SER A 15 -5.80 -72.88 -31.51
C SER A 15 -4.60 -72.44 -30.71
N ALA A 16 -4.38 -71.14 -30.64
CA ALA A 16 -3.10 -70.69 -30.08
C ALA A 16 -3.02 -69.25 -29.65
N THR A 17 -1.90 -68.91 -29.03
CA THR A 17 -1.61 -67.52 -28.75
C THR A 17 -0.44 -67.10 -29.63
N LEU A 18 -0.61 -65.98 -30.31
CA LEU A 18 0.40 -65.41 -31.20
C LEU A 18 1.13 -64.33 -30.42
N SER A 19 2.45 -64.32 -30.50
CA SER A 19 3.19 -63.31 -29.76
C SER A 19 4.36 -62.74 -30.53
N LEU A 20 4.26 -61.45 -30.81
CA LEU A 20 5.27 -60.74 -31.58
C LEU A 20 5.83 -59.56 -30.84
N THR A 21 7.10 -59.28 -31.06
CA THR A 21 7.69 -58.12 -30.45
C THR A 21 8.09 -57.13 -31.55
N CYS A 22 8.35 -55.87 -31.17
CA CYS A 22 8.84 -54.80 -32.03
C CYS A 22 9.99 -54.10 -31.31
N THR A 23 11.10 -54.00 -32.00
CA THR A 23 12.27 -53.39 -31.44
C THR A 23 12.57 -52.10 -32.16
N LEU A 24 12.85 -51.07 -31.37
CA LEU A 24 13.18 -49.77 -31.91
C LEU A 24 14.67 -49.65 -32.02
N SER A 25 15.10 -48.99 -33.07
CA SER A 25 16.51 -48.73 -33.26
C SER A 25 16.73 -47.30 -33.69
N GLY A 26 17.64 -46.62 -33.00
CA GLY A 26 17.88 -45.21 -33.29
C GLY A 26 17.00 -44.30 -32.44
N GLY A 27 16.35 -44.88 -31.43
CA GLY A 27 15.47 -44.14 -30.55
C GLY A 27 14.85 -45.03 -29.49
N SER A 28 13.88 -44.46 -28.80
CA SER A 28 13.21 -45.14 -27.70
C SER A 28 11.74 -44.75 -27.74
N LEU A 29 10.94 -45.30 -26.84
CA LEU A 29 9.51 -45.08 -26.92
C LEU A 29 9.14 -43.60 -26.78
N SER A 30 9.84 -42.88 -25.90
CA SER A 30 9.77 -41.42 -25.77
C SER A 30 8.45 -40.70 -25.77
N THR A 31 7.47 -41.13 -24.97
CA THR A 31 6.12 -40.50 -24.79
C THR A 31 5.15 -40.70 -25.94
N HIS A 32 5.58 -41.35 -27.02
CA HIS A 32 4.73 -41.54 -28.17
C HIS A 32 3.85 -42.76 -27.98
N TYR A 33 2.73 -42.80 -28.70
CA TYR A 33 1.92 -44.01 -28.72
C TYR A 33 2.38 -44.90 -29.83
N TRP A 34 2.54 -46.17 -29.54
CA TRP A 34 3.01 -47.14 -30.51
C TRP A 34 1.93 -48.14 -30.87
N SER A 35 1.79 -48.45 -32.15
CA SER A 35 0.73 -49.33 -32.65
C SER A 35 1.10 -50.61 -33.33
N TRP A 36 0.11 -51.53 -33.33
CA TRP A 36 0.14 -52.74 -34.14
C TRP A 36 -0.97 -52.69 -35.17
N ILE A 37 -0.61 -53.08 -36.40
CA ILE A 37 -1.47 -53.12 -37.59
C ILE A 37 -1.37 -54.46 -38.30
N ARG A 38 -2.50 -55.05 -38.68
CA ARG A 38 -2.50 -56.35 -39.34
C ARG A 38 -2.93 -56.33 -40.80
N GLN A 39 -2.31 -57.16 -41.64
CA GLN A 39 -2.74 -57.26 -43.03
C GLN A 39 -2.91 -58.68 -43.57
N PRO A 40 -4.09 -59.30 -43.47
CA PRO A 40 -4.34 -60.64 -43.92
C PRO A 40 -4.03 -60.65 -45.40
N PRO A 41 -3.55 -61.75 -46.01
CA PRO A 41 -3.26 -61.79 -47.41
C PRO A 41 -4.52 -61.46 -48.19
N GLY A 42 -4.39 -60.61 -49.19
CA GLY A 42 -5.52 -60.22 -50.02
C GLY A 42 -6.40 -59.12 -49.43
N LYS A 43 -6.07 -58.64 -48.24
CA LYS A 43 -6.86 -57.64 -47.56
C LYS A 43 -6.13 -56.32 -47.32
N GLY A 44 -6.91 -55.31 -46.96
CA GLY A 44 -6.36 -54.00 -46.63
C GLY A 44 -5.87 -54.08 -45.21
N LEU A 45 -5.47 -52.96 -44.64
CA LEU A 45 -4.92 -52.99 -43.31
C LEU A 45 -6.01 -52.90 -42.25
N GLU A 46 -5.76 -53.56 -41.12
CA GLU A 46 -6.63 -53.55 -39.95
C GLU A 46 -5.88 -52.99 -38.75
N TYR A 47 -6.43 -51.99 -38.10
CA TYR A 47 -5.75 -51.44 -36.95
C TYR A 47 -6.02 -52.30 -35.72
N ILE A 48 -4.98 -52.67 -34.95
CA ILE A 48 -5.21 -53.47 -33.74
C ILE A 48 -5.32 -52.62 -32.50
N GLY A 49 -4.36 -51.73 -32.32
CA GLY A 49 -4.36 -50.90 -31.11
C GLY A 49 -3.00 -50.32 -30.80
N ASN A 50 -2.94 -49.51 -29.73
CA ASN A 50 -1.67 -48.92 -29.35
C ASN A 50 -1.41 -48.91 -27.87
N ILE A 51 -0.21 -48.47 -27.53
CA ILE A 51 0.20 -48.31 -26.16
C ILE A 51 1.17 -47.16 -25.93
N HIS A 52 1.00 -46.49 -24.80
CA HIS A 52 1.87 -45.43 -24.36
C HIS A 52 2.91 -46.01 -23.44
N TYR A 53 4.05 -45.37 -23.34
CA TYR A 53 5.09 -45.83 -22.42
C TYR A 53 4.55 -46.13 -21.02
N SER A 54 3.65 -45.27 -20.54
CA SER A 54 3.03 -45.34 -19.23
C SER A 54 2.13 -46.54 -19.01
N GLY A 55 1.77 -47.23 -20.08
CA GLY A 55 0.88 -48.37 -20.01
C GLY A 55 -0.53 -48.05 -20.47
N SER A 56 -0.83 -46.79 -20.76
CA SER A 56 -2.17 -46.50 -21.26
C SER A 56 -2.36 -47.15 -22.63
N THR A 57 -3.51 -47.79 -22.87
CA THR A 57 -3.78 -48.44 -24.17
C THR A 57 -5.12 -48.14 -24.79
N ASN A 58 -5.19 -48.41 -26.10
CA ASN A 58 -6.40 -48.28 -26.90
C ASN A 58 -6.54 -49.47 -27.84
N TYR A 59 -7.61 -50.23 -27.73
CA TYR A 59 -7.74 -51.38 -28.61
C TYR A 59 -8.90 -51.28 -29.55
N ASN A 60 -8.74 -51.84 -30.73
CA ASN A 60 -9.82 -51.92 -31.69
C ASN A 60 -10.92 -52.65 -30.97
N PRO A 61 -12.13 -52.10 -30.82
CA PRO A 61 -13.21 -52.69 -30.10
C PRO A 61 -13.50 -54.14 -30.46
N SER A 62 -13.26 -54.55 -31.71
CA SER A 62 -13.56 -55.91 -32.12
C SER A 62 -12.55 -56.94 -31.62
N LEU A 63 -11.36 -56.50 -31.24
CA LEU A 63 -10.32 -57.39 -30.77
C LEU A 63 -10.01 -57.24 -29.29
N ARG A 64 -10.80 -56.47 -28.56
CA ARG A 64 -10.45 -56.22 -27.17
C ARG A 64 -10.31 -57.46 -26.33
N SER A 65 -11.20 -58.41 -26.54
CA SER A 65 -11.25 -59.62 -25.73
C SER A 65 -10.09 -60.55 -25.98
N ARG A 66 -9.35 -60.32 -27.06
CA ARG A 66 -8.26 -61.18 -27.40
C ARG A 66 -6.92 -60.48 -27.47
N VAL A 67 -6.85 -59.18 -27.13
CA VAL A 67 -5.58 -58.51 -27.33
C VAL A 67 -4.99 -57.77 -26.18
N THR A 68 -3.72 -58.05 -25.94
CA THR A 68 -2.93 -57.36 -24.97
C THR A 68 -1.71 -56.76 -25.64
N ILE A 69 -1.47 -55.50 -25.36
CA ILE A 69 -0.30 -54.81 -25.85
C ILE A 69 0.43 -54.37 -24.60
N SER A 70 1.73 -54.57 -24.57
CA SER A 70 2.51 -54.22 -23.40
C SER A 70 3.88 -53.67 -23.75
N VAL A 71 4.54 -53.04 -22.77
CA VAL A 71 5.87 -52.50 -23.00
C VAL A 71 7.00 -53.22 -22.29
N GLY A 72 6.89 -53.46 -20.99
CA GLY A 72 8.01 -54.03 -20.29
C GLY A 72 8.95 -52.93 -19.81
N THR A 73 10.22 -53.26 -19.58
CA THR A 73 11.18 -52.34 -18.98
C THR A 73 12.38 -51.87 -19.82
N SER A 74 12.55 -52.39 -21.06
CA SER A 74 13.72 -52.02 -21.87
C SER A 74 13.65 -50.61 -22.45
N LYS A 75 12.44 -50.09 -22.50
CA LYS A 75 12.08 -48.76 -22.98
C LYS A 75 12.30 -48.54 -24.48
N ASN A 76 12.63 -49.59 -25.22
CA ASN A 76 12.79 -49.47 -26.66
C ASN A 76 12.14 -50.64 -27.36
N GLN A 77 11.29 -51.34 -26.64
CA GLN A 77 10.57 -52.47 -27.19
C GLN A 77 9.15 -52.45 -26.74
N PHE A 78 8.29 -53.06 -27.53
CA PHE A 78 6.91 -53.26 -27.13
C PHE A 78 6.42 -54.53 -27.79
N SER A 79 5.32 -55.10 -27.33
CA SER A 79 4.84 -56.35 -27.92
C SER A 79 3.35 -56.57 -27.94
N LEU A 80 2.96 -57.45 -28.85
CA LEU A 80 1.60 -57.86 -29.09
C LEU A 80 1.29 -59.29 -28.75
N LYS A 81 0.27 -59.48 -27.93
CA LYS A 81 -0.22 -60.79 -27.56
C LYS A 81 -1.65 -60.98 -28.04
N LEU A 82 -1.81 -61.87 -29.00
CA LEU A 82 -3.12 -62.15 -29.59
C LEU A 82 -3.57 -63.54 -29.20
N THR A 83 -4.66 -63.61 -28.48
CA THR A 83 -5.12 -64.90 -27.97
C THR A 83 -6.18 -65.51 -28.87
N SER A 84 -6.47 -66.78 -28.59
CA SER A 84 -7.51 -67.52 -29.28
C SER A 84 -7.40 -67.41 -30.79
N VAL A 85 -6.21 -67.66 -31.30
CA VAL A 85 -5.96 -67.63 -32.71
C VAL A 85 -6.76 -68.74 -33.32
N THR A 86 -7.49 -68.40 -34.40
CA THR A 86 -8.38 -69.30 -35.15
C THR A 86 -7.91 -69.52 -36.57
N ALA A 87 -6.75 -68.99 -36.84
CA ALA A 87 -6.08 -68.95 -38.13
C ALA A 87 -6.71 -67.97 -39.11
N ALA A 88 -7.72 -67.21 -38.66
CA ALA A 88 -8.29 -66.14 -39.47
C ALA A 88 -7.40 -64.92 -39.28
N ASP A 89 -6.43 -65.13 -38.41
CA ASP A 89 -5.42 -64.22 -37.95
C ASP A 89 -4.16 -64.35 -38.79
N THR A 90 -4.19 -65.19 -39.84
CA THR A 90 -2.99 -65.23 -40.68
C THR A 90 -2.88 -63.87 -41.30
N ALA A 91 -1.70 -63.27 -41.16
CA ALA A 91 -1.53 -61.91 -41.65
C ALA A 91 -0.12 -61.46 -41.58
N VAL A 92 0.17 -60.36 -42.26
CA VAL A 92 1.43 -59.72 -42.02
C VAL A 92 1.22 -58.77 -40.86
N TYR A 93 2.02 -58.89 -39.84
CA TYR A 93 1.89 -58.01 -38.71
C TYR A 93 2.92 -56.94 -38.79
N TYR A 94 2.49 -55.71 -38.57
CA TYR A 94 3.36 -54.57 -38.60
C TYR A 94 3.29 -53.79 -37.30
N CYS A 95 4.41 -53.16 -36.91
CA CYS A 95 4.46 -52.21 -35.80
C CYS A 95 4.73 -50.82 -36.42
N ALA A 96 4.20 -49.78 -35.78
CA ALA A 96 4.34 -48.42 -36.27
C ALA A 96 4.28 -47.39 -35.16
N ARG A 97 4.83 -46.20 -35.39
CA ARG A 97 4.73 -45.15 -34.38
C ARG A 97 3.64 -44.20 -34.76
N ASP A 98 2.73 -43.89 -33.86
CA ASP A 98 1.73 -42.92 -34.23
C ASP A 98 2.47 -41.64 -34.49
N ALA A 99 2.12 -40.93 -35.53
CA ALA A 99 2.82 -39.69 -35.79
C ALA A 99 2.59 -38.78 -34.63
N PRO A 100 3.56 -37.97 -34.19
CA PRO A 100 3.41 -37.00 -33.14
C PRO A 100 2.59 -35.86 -33.69
N TYR A 101 1.91 -35.14 -32.83
CA TYR A 101 1.21 -33.97 -33.31
C TYR A 101 2.18 -32.96 -33.90
N SER A 102 3.22 -32.65 -33.17
CA SER A 102 4.19 -31.68 -33.62
C SER A 102 5.50 -31.92 -32.90
N ASP A 103 6.54 -31.22 -33.28
CA ASP A 103 7.80 -31.40 -32.58
C ASP A 103 7.64 -31.08 -31.10
N PHE A 104 6.80 -30.08 -30.82
CA PHE A 104 6.52 -29.67 -29.46
C PHE A 104 5.50 -30.49 -28.70
N LEU A 105 4.39 -30.92 -29.32
CA LEU A 105 3.44 -31.67 -28.51
C LEU A 105 3.49 -33.17 -28.79
N SER A 106 3.33 -33.93 -27.72
CA SER A 106 3.32 -35.36 -27.79
C SER A 106 2.43 -35.93 -26.73
N GLY A 107 2.20 -37.24 -26.78
CA GLY A 107 1.38 -37.92 -25.80
C GLY A 107 -0.09 -37.71 -26.10
N VAL A 108 -0.39 -37.24 -27.28
CA VAL A 108 -1.74 -36.96 -27.68
C VAL A 108 -2.07 -37.79 -28.89
N GLU A 109 -3.35 -37.94 -29.15
CA GLU A 109 -3.80 -38.71 -30.28
C GLU A 109 -3.63 -37.93 -31.57
N THR A 110 -3.31 -38.67 -32.61
CA THR A 110 -3.18 -38.18 -33.96
C THR A 110 -4.02 -39.04 -34.87
N GLY A 111 -3.57 -40.28 -35.06
CA GLY A 111 -4.33 -41.31 -35.77
C GLY A 111 -3.69 -41.71 -37.08
N TRP A 112 -2.52 -41.17 -37.40
CA TRP A 112 -1.77 -41.56 -38.62
C TRP A 112 -0.39 -42.05 -38.20
N PHE A 113 0.16 -43.06 -38.89
CA PHE A 113 1.43 -43.67 -38.43
C PHE A 113 2.57 -43.29 -39.36
N ASP A 114 3.64 -42.69 -38.84
CA ASP A 114 4.69 -42.17 -39.75
C ASP A 114 5.84 -43.15 -39.92
N PRO A 115 6.45 -43.72 -38.85
CA PRO A 115 7.48 -44.71 -39.02
C PRO A 115 6.82 -46.10 -38.95
N TRP A 116 6.97 -46.88 -40.00
CA TRP A 116 6.36 -48.23 -40.07
C TRP A 116 7.50 -49.23 -40.19
N GLY A 117 7.25 -50.52 -39.96
CA GLY A 117 8.34 -51.51 -40.10
C GLY A 117 8.04 -52.54 -41.13
N GLN A 118 9.04 -53.24 -41.67
CA GLN A 118 8.80 -54.16 -42.81
C GLN A 118 7.62 -55.07 -42.51
N GLY A 119 7.45 -55.55 -41.29
CA GLY A 119 6.38 -56.49 -41.07
C GLY A 119 6.87 -57.91 -41.10
N THR A 120 6.13 -58.78 -40.44
CA THR A 120 6.46 -60.19 -40.41
C THR A 120 5.23 -61.01 -40.75
N LEU A 121 5.40 -62.02 -41.57
CA LEU A 121 4.26 -62.84 -41.94
C LEU A 121 4.12 -64.03 -41.05
N VAL A 122 2.97 -64.11 -40.43
CA VAL A 122 2.71 -65.21 -39.54
C VAL A 122 1.61 -66.05 -40.11
N ILE A 123 1.93 -67.32 -40.27
CA ILE A 123 1.03 -68.32 -40.80
C ILE A 123 0.45 -69.12 -39.69
N VAL A 124 -0.86 -69.27 -39.68
CA VAL A 124 -1.41 -70.08 -38.66
C VAL A 124 -1.82 -71.40 -39.32
N SER A 125 -1.24 -72.50 -38.89
CA SER A 125 -1.47 -73.79 -39.55
C SER A 125 -1.07 -75.01 -38.69
N SER A 126 -1.48 -76.21 -39.16
CA SER A 126 -1.20 -77.54 -38.61
C SER A 126 -1.38 -78.53 -39.76
N GLU B 1 -18.37 -49.05 -37.61
CA GLU B 1 -17.10 -48.55 -38.11
C GLU B 1 -17.42 -47.71 -39.36
N ILE B 2 -16.38 -47.11 -39.98
CA ILE B 2 -16.49 -46.36 -41.23
C ILE B 2 -15.81 -47.15 -42.31
N VAL B 3 -16.56 -47.50 -43.33
CA VAL B 3 -16.00 -48.28 -44.40
C VAL B 3 -15.35 -47.37 -45.41
N MET B 4 -14.10 -47.65 -45.71
CA MET B 4 -13.37 -46.86 -46.66
C MET B 4 -13.27 -47.61 -47.96
N THR B 5 -13.89 -47.09 -48.99
CA THR B 5 -13.91 -47.79 -50.27
C THR B 5 -13.09 -47.07 -51.30
N GLN B 6 -12.16 -47.76 -51.88
CA GLN B 6 -11.35 -47.16 -52.92
C GLN B 6 -11.79 -47.62 -54.28
N SER B 7 -11.50 -46.79 -55.27
CA SER B 7 -11.77 -47.14 -56.64
C SER B 7 -10.89 -46.38 -57.61
N PRO B 8 -10.59 -46.97 -58.77
CA PRO B 8 -10.91 -48.30 -59.27
C PRO B 8 -10.02 -49.26 -58.54
N ALA B 9 -10.25 -50.56 -58.60
CA ALA B 9 -9.32 -51.45 -57.91
C ALA B 9 -7.89 -51.27 -58.44
N THR B 10 -7.76 -51.02 -59.74
CA THR B 10 -6.45 -50.81 -60.32
C THR B 10 -6.44 -49.68 -61.33
N LEU B 11 -5.28 -49.06 -61.48
CA LEU B 11 -5.00 -48.10 -62.54
C LEU B 11 -3.96 -48.68 -63.45
N SER B 12 -4.06 -48.37 -64.74
CA SER B 12 -3.12 -48.82 -65.76
C SER B 12 -2.26 -47.66 -66.28
N VAL B 13 -2.32 -46.54 -65.57
CA VAL B 13 -1.66 -45.31 -65.98
C VAL B 13 -0.16 -45.55 -66.19
N SER B 14 0.32 -45.12 -67.35
CA SER B 14 1.70 -45.32 -67.77
C SER B 14 2.64 -44.25 -67.25
N PRO B 15 3.96 -44.47 -67.24
CA PRO B 15 4.92 -43.50 -66.78
C PRO B 15 4.78 -42.20 -67.53
N GLY B 16 4.84 -41.12 -66.78
CA GLY B 16 4.76 -39.76 -67.26
C GLY B 16 3.34 -39.19 -67.20
N GLU B 17 2.35 -40.06 -67.04
CA GLU B 17 0.94 -39.66 -67.04
C GLU B 17 0.42 -39.36 -65.64
N ARG B 18 -0.63 -38.56 -65.56
CA ARG B 18 -1.24 -38.27 -64.27
C ARG B 18 -2.05 -39.46 -63.77
N ALA B 19 -1.88 -39.81 -62.50
CA ALA B 19 -2.63 -40.91 -61.90
C ALA B 19 -3.56 -40.41 -60.81
N THR B 20 -4.84 -40.71 -60.93
CA THR B 20 -5.76 -40.26 -59.90
C THR B 20 -6.47 -41.44 -59.28
N LEU B 21 -6.44 -41.49 -57.96
CA LEU B 21 -7.03 -42.55 -57.17
C LEU B 21 -8.14 -41.99 -56.30
N SER B 22 -9.24 -42.72 -56.13
CA SER B 22 -10.33 -42.22 -55.30
C SER B 22 -10.57 -43.06 -54.04
N CYS B 23 -11.11 -42.42 -52.98
CA CYS B 23 -11.54 -43.02 -51.71
C CYS B 23 -12.83 -42.36 -51.25
N ARG B 24 -13.80 -43.19 -50.88
CA ARG B 24 -15.09 -42.74 -50.45
C ARG B 24 -15.44 -43.33 -49.09
N ALA B 25 -15.79 -42.48 -48.15
CA ALA B 25 -16.13 -42.93 -46.82
C ALA B 25 -17.62 -43.15 -46.68
N SER B 26 -18.00 -44.19 -45.94
CA SER B 26 -19.41 -44.42 -45.64
C SER B 26 -20.01 -43.38 -44.68
N GLN B 27 -19.15 -42.67 -43.97
CA GLN B 27 -19.52 -41.62 -43.04
C GLN B 27 -18.53 -40.48 -43.20
N SER B 28 -18.94 -39.26 -42.91
CA SER B 28 -17.99 -38.17 -43.00
C SER B 28 -16.81 -38.34 -42.06
N VAL B 29 -15.63 -38.06 -42.59
CA VAL B 29 -14.42 -38.15 -41.82
C VAL B 29 -13.82 -36.77 -41.69
N SER B 30 -14.61 -35.75 -42.00
CA SER B 30 -14.10 -34.38 -41.94
C SER B 30 -12.89 -34.29 -42.84
N SER B 31 -11.76 -33.89 -42.29
CA SER B 31 -10.49 -33.78 -43.02
C SER B 31 -9.53 -34.83 -42.49
N ASN B 32 -10.02 -35.70 -41.63
CA ASN B 32 -9.20 -36.68 -40.94
C ASN B 32 -8.97 -37.93 -41.75
N LEU B 33 -8.20 -37.75 -42.82
CA LEU B 33 -7.85 -38.83 -43.73
C LEU B 33 -6.39 -38.80 -44.16
N ALA B 34 -5.75 -39.96 -44.19
CA ALA B 34 -4.36 -40.09 -44.61
C ALA B 34 -4.18 -41.07 -45.75
N TRP B 35 -3.13 -40.87 -46.55
CA TRP B 35 -2.81 -41.79 -47.62
C TRP B 35 -1.44 -42.40 -47.42
N TYR B 36 -1.33 -43.69 -47.75
CA TYR B 36 -0.11 -44.47 -47.67
C TYR B 36 0.25 -45.18 -48.96
N GLN B 37 1.55 -45.33 -49.19
CA GLN B 37 2.11 -46.05 -50.33
C GLN B 37 2.74 -47.37 -49.91
N GLN B 38 2.16 -48.47 -50.32
CA GLN B 38 2.66 -49.78 -49.93
C GLN B 38 3.29 -50.52 -51.10
N LYS B 39 4.47 -51.08 -50.88
CA LYS B 39 5.12 -51.84 -51.91
C LYS B 39 5.54 -53.18 -51.37
N PRO B 40 5.60 -54.24 -52.18
CA PRO B 40 6.11 -55.51 -51.77
C PRO B 40 7.52 -55.33 -51.28
N GLY B 41 7.85 -55.97 -50.18
CA GLY B 41 9.19 -55.91 -49.65
C GLY B 41 9.49 -54.74 -48.71
N GLN B 42 8.55 -53.81 -48.53
CA GLN B 42 8.87 -52.69 -47.67
C GLN B 42 7.72 -52.14 -46.87
N ALA B 43 8.06 -51.47 -45.79
CA ALA B 43 7.09 -50.84 -44.94
C ALA B 43 6.29 -49.79 -45.69
N PRO B 44 4.97 -49.66 -45.46
CA PRO B 44 4.13 -48.63 -46.01
C PRO B 44 4.66 -47.26 -45.63
N ARG B 45 4.63 -46.33 -46.56
CA ARG B 45 5.07 -44.97 -46.30
C ARG B 45 3.91 -43.99 -46.28
N LEU B 46 3.93 -43.05 -45.34
CA LEU B 46 2.90 -42.02 -45.28
C LEU B 46 3.15 -40.98 -46.32
N LEU B 47 2.14 -40.65 -47.10
CA LEU B 47 2.31 -39.63 -48.12
C LEU B 47 1.63 -38.34 -47.72
N ILE B 48 0.40 -38.48 -47.26
CA ILE B 48 -0.49 -37.36 -46.95
C ILE B 48 -1.27 -37.61 -45.66
N TYR B 49 -1.52 -36.56 -44.89
CA TYR B 49 -2.38 -36.65 -43.72
C TYR B 49 -3.25 -35.41 -43.62
N GLY B 50 -4.36 -35.48 -42.91
CA GLY B 50 -5.17 -34.28 -42.78
C GLY B 50 -5.85 -33.92 -44.11
N ALA B 51 -6.14 -34.93 -44.93
CA ALA B 51 -6.74 -34.86 -46.27
C ALA B 51 -5.77 -34.32 -47.31
N SER B 52 -5.17 -33.17 -47.06
CA SER B 52 -4.28 -32.54 -48.03
C SER B 52 -2.87 -32.16 -47.56
N THR B 53 -2.48 -32.46 -46.33
CA THR B 53 -1.17 -32.03 -45.89
C THR B 53 -0.12 -33.05 -46.28
N ARG B 54 0.91 -32.61 -46.97
CA ARG B 54 1.92 -33.57 -47.38
C ARG B 54 2.82 -33.94 -46.22
N ALA B 55 3.15 -35.22 -46.11
CA ALA B 55 4.08 -35.75 -45.13
C ALA B 55 5.48 -35.33 -45.54
N THR B 56 6.41 -35.24 -44.61
CA THR B 56 7.73 -34.86 -45.07
C THR B 56 8.42 -36.03 -45.75
N GLY B 57 9.42 -35.72 -46.58
CA GLY B 57 10.19 -36.76 -47.27
C GLY B 57 9.47 -37.23 -48.55
N ILE B 58 8.37 -36.57 -48.87
CA ILE B 58 7.53 -36.89 -49.98
C ILE B 58 7.66 -35.81 -51.05
N PRO B 59 7.90 -36.17 -52.31
CA PRO B 59 8.05 -35.23 -53.41
C PRO B 59 6.73 -34.56 -53.72
N ALA B 60 6.83 -33.36 -54.27
CA ALA B 60 5.72 -32.46 -54.63
C ALA B 60 4.77 -33.04 -55.66
N ARG B 61 5.19 -34.09 -56.34
CA ARG B 61 4.36 -34.72 -57.35
C ARG B 61 3.10 -35.28 -56.69
N PHE B 62 3.17 -35.53 -55.37
CA PHE B 62 2.02 -36.04 -54.65
C PHE B 62 1.23 -34.93 -54.04
N SER B 63 -0.07 -35.01 -54.22
CA SER B 63 -0.99 -34.07 -53.64
C SER B 63 -2.32 -34.75 -53.49
N GLY B 64 -3.23 -34.12 -52.80
CA GLY B 64 -4.54 -34.71 -52.65
C GLY B 64 -5.44 -33.75 -51.94
N SER B 65 -6.71 -34.10 -51.92
CA SER B 65 -7.72 -33.26 -51.31
C SER B 65 -9.01 -33.98 -51.13
N GLY B 66 -9.98 -33.26 -50.61
CA GLY B 66 -11.30 -33.78 -50.39
C GLY B 66 -11.76 -33.46 -49.02
N SER B 67 -13.00 -33.81 -48.76
CA SER B 67 -13.60 -33.57 -47.46
C SER B 67 -14.86 -34.38 -47.26
N GLY B 68 -15.23 -34.54 -46.00
CA GLY B 68 -16.48 -35.21 -45.76
C GLY B 68 -16.29 -36.64 -46.16
N THR B 69 -16.95 -37.06 -47.21
CA THR B 69 -16.82 -38.43 -47.63
C THR B 69 -16.00 -38.62 -48.89
N ASP B 70 -15.74 -37.54 -49.65
CA ASP B 70 -15.12 -37.73 -50.96
C ASP B 70 -13.69 -37.21 -51.07
N PHE B 71 -12.73 -38.14 -51.22
CA PHE B 71 -11.31 -37.80 -51.28
C PHE B 71 -10.58 -38.41 -52.46
N THR B 72 -9.53 -37.71 -52.91
CA THR B 72 -8.65 -38.24 -53.95
C THR B 72 -7.18 -38.04 -53.64
N LEU B 73 -6.38 -38.90 -54.26
CA LEU B 73 -4.92 -38.85 -54.27
C LEU B 73 -4.45 -38.69 -55.69
N THR B 74 -3.61 -37.71 -55.91
CA THR B 74 -3.13 -37.45 -57.26
C THR B 74 -1.63 -37.46 -57.36
N ILE B 75 -1.15 -38.14 -58.39
CA ILE B 75 0.26 -38.12 -58.71
C ILE B 75 0.32 -37.33 -60.00
N SER B 76 0.96 -36.16 -59.99
CA SER B 76 0.88 -35.28 -61.18
C SER B 76 1.49 -35.88 -62.44
N SER B 77 2.50 -36.70 -62.28
CA SER B 77 3.16 -37.41 -63.35
C SER B 77 3.83 -38.60 -62.72
N LEU B 78 3.30 -39.75 -63.02
CA LEU B 78 3.69 -41.00 -62.42
C LEU B 78 5.09 -41.43 -62.82
N GLN B 79 5.94 -41.77 -61.87
CA GLN B 79 7.29 -42.22 -62.22
C GLN B 79 7.38 -43.73 -62.03
N SER B 80 8.48 -44.36 -62.42
CA SER B 80 8.56 -45.82 -62.25
C SER B 80 8.57 -46.23 -60.78
N GLU B 81 9.09 -45.36 -59.92
CA GLU B 81 9.14 -45.64 -58.49
C GLU B 81 7.79 -45.51 -57.81
N ASP B 82 6.78 -45.03 -58.53
CA ASP B 82 5.46 -44.84 -57.96
C ASP B 82 4.52 -45.98 -58.24
N PHE B 83 5.01 -47.06 -58.81
CA PHE B 83 4.09 -48.16 -58.99
C PHE B 83 4.07 -48.93 -57.68
N ALA B 84 2.93 -48.80 -57.02
CA ALA B 84 2.68 -49.23 -55.66
C ALA B 84 1.20 -49.38 -55.42
N VAL B 85 0.85 -49.97 -54.29
CA VAL B 85 -0.54 -50.07 -53.89
C VAL B 85 -0.83 -48.95 -52.91
N TYR B 86 -1.81 -48.15 -53.19
CA TYR B 86 -2.07 -47.03 -52.31
C TYR B 86 -3.33 -47.23 -51.51
N SER B 87 -3.34 -46.73 -50.29
CA SER B 87 -4.55 -46.86 -49.49
C SER B 87 -4.81 -45.62 -48.65
N CYS B 88 -6.09 -45.40 -48.30
CA CYS B 88 -6.59 -44.32 -47.47
C CYS B 88 -6.91 -44.82 -46.05
N GLN B 89 -6.73 -43.94 -45.09
CA GLN B 89 -7.05 -44.20 -43.70
C GLN B 89 -7.96 -43.18 -43.09
N GLN B 90 -8.97 -43.67 -42.43
CA GLN B 90 -9.93 -42.91 -41.67
C GLN B 90 -9.52 -42.78 -40.24
N TYR B 91 -9.51 -41.56 -39.71
CA TYR B 91 -9.22 -41.37 -38.31
C TYR B 91 -10.12 -40.31 -37.67
N ASN B 92 -11.42 -40.37 -37.97
CA ASN B 92 -12.41 -39.46 -37.43
C ASN B 92 -13.41 -40.25 -36.62
N ASN B 93 -13.03 -41.43 -36.23
CA ASN B 93 -13.90 -42.33 -35.51
C ASN B 93 -13.02 -43.33 -34.80
N TRP B 94 -13.64 -44.24 -34.10
CA TRP B 94 -12.90 -45.26 -33.43
C TRP B 94 -13.64 -46.57 -33.59
N PRO B 95 -12.98 -47.60 -34.13
CA PRO B 95 -11.60 -47.73 -34.57
C PRO B 95 -11.30 -47.01 -35.85
N TRP B 96 -10.01 -46.85 -36.07
CA TRP B 96 -9.46 -46.30 -37.28
C TRP B 96 -9.57 -47.39 -38.31
N THR B 97 -9.80 -47.01 -39.55
CA THR B 97 -9.95 -48.01 -40.60
C THR B 97 -9.20 -47.67 -41.86
N PHE B 98 -8.95 -48.66 -42.68
CA PHE B 98 -8.23 -48.45 -43.94
C PHE B 98 -9.00 -48.98 -45.14
N GLY B 99 -8.73 -48.41 -46.31
CA GLY B 99 -9.34 -48.90 -47.55
C GLY B 99 -8.66 -50.19 -48.00
N GLN B 100 -9.18 -50.82 -49.05
CA GLN B 100 -8.67 -52.11 -49.50
C GLN B 100 -7.36 -52.08 -50.28
N GLY B 101 -6.95 -50.93 -50.80
CA GLY B 101 -5.73 -50.84 -51.58
C GLY B 101 -5.97 -50.78 -53.09
N THR B 102 -5.42 -49.77 -53.72
CA THR B 102 -5.54 -49.59 -55.17
C THR B 102 -4.20 -49.76 -55.82
N LYS B 103 -4.11 -50.70 -56.74
CA LYS B 103 -2.82 -50.93 -57.36
C LYS B 103 -2.61 -50.10 -58.60
N VAL B 104 -1.45 -49.49 -58.68
CA VAL B 104 -1.11 -48.78 -59.89
C VAL B 104 -0.13 -49.69 -60.66
N GLU B 105 -0.47 -49.98 -61.92
CA GLU B 105 0.21 -50.90 -62.83
C GLU B 105 0.39 -50.26 -64.20
N ILE B 106 1.35 -50.72 -64.99
CA ILE B 106 1.52 -50.15 -66.34
C ILE B 106 0.80 -50.95 -67.42
N LYS B 107 -0.11 -50.29 -68.21
CA LYS B 107 -0.89 -50.81 -69.36
C LYS B 107 -0.12 -51.81 -70.28
N ASP C 16 40.78 24.52 54.40
CA ASP C 16 41.17 25.77 53.77
C ASP C 16 40.27 26.13 52.59
N GLN C 17 40.12 25.22 51.59
CA GLN C 17 39.33 25.46 50.35
C GLN C 17 38.55 24.26 49.84
N ILE C 18 37.30 24.50 49.43
CA ILE C 18 36.53 23.42 48.79
C ILE C 18 35.97 23.96 47.46
N CYS C 19 36.15 23.20 46.35
CA CYS C 19 35.68 23.54 45.01
C CYS C 19 34.57 22.62 44.56
N ILE C 20 33.66 23.15 43.76
CA ILE C 20 32.61 22.36 43.15
C ILE C 20 32.82 22.34 41.67
N GLY C 21 32.84 21.14 41.11
CA GLY C 21 33.12 20.96 39.70
C GLY C 21 32.60 19.66 39.14
N TYR C 22 33.08 19.32 37.96
CA TYR C 22 32.58 18.16 37.27
C TYR C 22 33.60 17.43 36.43
N HIS C 23 33.24 16.18 36.17
CA HIS C 23 33.94 15.17 35.41
C HIS C 23 34.25 15.52 33.98
N ALA C 24 35.43 15.12 33.57
CA ALA C 24 35.90 15.27 32.21
C ALA C 24 36.73 14.05 31.94
N ASN C 25 36.86 13.67 30.70
CA ASN C 25 37.61 12.49 30.34
C ASN C 25 38.28 12.70 28.99
N ASN C 26 38.61 11.60 28.29
CA ASN C 26 39.36 11.65 26.99
C ASN C 26 38.42 11.40 25.80
N SER C 27 37.12 11.27 26.03
CA SER C 27 36.11 10.97 25.01
C SER C 27 36.11 11.91 23.83
N THR C 28 35.88 11.34 22.66
CA THR C 28 35.77 12.05 21.40
C THR C 28 34.40 11.85 20.77
N GLU C 29 33.44 11.38 21.56
CA GLU C 29 32.09 11.18 21.05
C GLU C 29 31.46 12.52 20.83
N LYS C 30 30.76 12.71 19.72
CA LYS C 30 30.12 14.00 19.52
C LYS C 30 28.64 13.90 19.26
N VAL C 31 27.92 14.92 19.68
CA VAL C 31 26.50 15.02 19.45
C VAL C 31 26.13 16.35 18.87
N ASP C 32 24.96 16.42 18.27
CA ASP C 32 24.43 17.69 17.84
C ASP C 32 23.29 18.06 18.74
N THR C 33 23.02 19.34 18.86
CA THR C 33 21.91 19.83 19.63
C THR C 33 21.19 20.85 18.78
N ILE C 34 20.11 21.41 19.28
CA ILE C 34 19.43 22.42 18.51
C ILE C 34 20.32 23.64 18.32
N LEU C 35 20.97 24.10 19.39
CA LEU C 35 21.78 25.31 19.28
C LEU C 35 23.24 25.11 18.84
N GLU C 36 23.79 23.92 19.02
CA GLU C 36 25.20 23.64 18.75
C GLU C 36 25.43 22.45 17.85
N ARG C 37 26.59 22.41 17.20
CA ARG C 37 26.92 21.27 16.37
C ARG C 37 28.29 20.75 16.80
N ASN C 38 28.52 19.42 16.66
CA ASN C 38 29.78 18.72 16.95
C ASN C 38 30.30 18.97 18.39
N VAL C 39 29.43 18.78 19.41
CA VAL C 39 29.74 18.96 20.82
C VAL C 39 30.30 17.68 21.39
N THR C 40 31.50 17.73 21.94
CA THR C 40 32.10 16.52 22.47
C THR C 40 31.49 16.25 23.82
N VAL C 41 31.11 15.01 24.10
CA VAL C 41 30.51 14.66 25.38
C VAL C 41 31.26 13.52 26.05
N THR C 42 31.12 13.41 27.37
CA THR C 42 31.83 12.37 28.12
C THR C 42 31.27 10.99 27.89
N HIS C 43 29.95 10.93 27.65
CA HIS C 43 29.24 9.69 27.42
C HIS C 43 28.15 9.92 26.38
N ALA C 44 27.89 8.92 25.54
CA ALA C 44 26.82 9.03 24.55
C ALA C 44 26.22 7.66 24.23
N LYS C 45 24.98 7.69 23.77
CA LYS C 45 24.24 6.50 23.38
C LYS C 45 23.75 6.57 21.94
N ASP C 46 24.21 5.64 21.13
CA ASP C 46 23.81 5.59 19.73
C ASP C 46 22.53 4.76 19.64
N ILE C 47 21.44 5.37 19.17
CA ILE C 47 20.16 4.68 19.13
C ILE C 47 19.74 4.24 17.73
N LEU C 48 20.67 4.32 16.78
CA LEU C 48 20.40 3.89 15.40
C LEU C 48 21.26 2.69 15.03
N GLU C 49 20.63 1.60 14.65
CA GLU C 49 21.36 0.41 14.24
C GLU C 49 21.79 0.51 12.80
N LYS C 50 23.07 0.27 12.58
CA LYS C 50 23.65 0.43 11.26
C LYS C 50 24.17 -0.85 10.63
N THR C 51 24.46 -1.86 11.45
CA THR C 51 25.12 -3.04 10.91
C THR C 51 24.35 -4.34 11.01
N HIS C 52 24.26 -5.02 9.89
CA HIS C 52 23.62 -6.33 9.80
C HIS C 52 24.71 -7.39 9.62
N ASN C 53 24.35 -8.67 9.58
CA ASN C 53 25.42 -9.68 9.46
C ASN C 53 25.74 -10.21 8.06
N GLY C 54 25.12 -9.68 7.01
CA GLY C 54 25.42 -10.15 5.66
C GLY C 54 24.80 -11.52 5.27
N LYS C 55 23.99 -12.11 6.14
CA LYS C 55 23.45 -13.44 5.89
C LYS C 55 21.96 -13.56 5.89
N LEU C 56 21.45 -14.54 5.15
CA LEU C 56 20.04 -14.85 5.22
C LEU C 56 19.91 -15.99 6.24
N CYS C 57 19.23 -15.71 7.36
CA CYS C 57 19.09 -16.56 8.55
C CYS C 57 17.72 -17.20 8.66
N LYS C 58 17.67 -18.23 9.48
CA LYS C 58 16.44 -18.89 9.83
C LYS C 58 15.72 -17.85 10.67
N LEU C 59 14.43 -17.69 10.52
CA LEU C 59 13.72 -16.69 11.30
C LEU C 59 12.98 -17.38 12.40
N ASN C 60 13.28 -17.02 13.63
CA ASN C 60 12.73 -17.63 14.83
C ASN C 60 13.03 -19.12 14.85
N GLY C 61 14.20 -19.51 14.32
CA GLY C 61 14.67 -20.89 14.29
C GLY C 61 14.13 -21.72 13.12
N ILE C 62 13.25 -21.15 12.31
CA ILE C 62 12.65 -21.89 11.21
C ILE C 62 13.23 -21.41 9.88
N PRO C 63 13.79 -22.30 9.05
CA PRO C 63 14.35 -21.95 7.78
C PRO C 63 13.32 -21.32 6.85
N PRO C 64 13.73 -20.51 5.89
CA PRO C 64 12.96 -19.96 4.81
C PRO C 64 12.65 -21.00 3.76
N LEU C 65 11.72 -20.69 2.88
CA LEU C 65 11.45 -21.56 1.75
C LEU C 65 12.32 -21.04 0.66
N GLU C 66 13.33 -21.78 0.30
CA GLU C 66 14.21 -21.28 -0.74
C GLU C 66 13.76 -21.82 -2.06
N LEU C 67 13.24 -20.95 -2.93
CA LEU C 67 12.70 -21.38 -4.21
C LEU C 67 13.80 -21.60 -5.24
N GLY C 68 14.97 -21.10 -4.94
CA GLY C 68 16.05 -21.19 -5.90
C GLY C 68 15.64 -20.40 -7.13
N ASP C 69 15.64 -21.04 -8.28
CA ASP C 69 15.28 -20.35 -9.52
C ASP C 69 13.79 -20.39 -9.91
N CYS C 70 12.91 -20.95 -9.04
CA CYS C 70 11.46 -21.12 -9.26
C CYS C 70 10.66 -19.91 -8.79
N SER C 71 9.58 -19.68 -9.49
CA SER C 71 8.59 -18.68 -9.11
C SER C 71 7.53 -19.38 -8.30
N ILE C 72 6.63 -18.62 -7.70
CA ILE C 72 5.53 -19.21 -6.97
C ILE C 72 4.63 -20.01 -7.89
N ALA C 73 4.31 -19.49 -9.07
CA ALA C 73 3.47 -20.25 -9.97
C ALA C 73 4.15 -21.55 -10.39
N GLY C 74 5.46 -21.51 -10.64
CA GLY C 74 6.17 -22.70 -11.07
C GLY C 74 6.10 -23.74 -9.99
N TRP C 75 6.27 -23.31 -8.76
CA TRP C 75 6.23 -24.17 -7.61
C TRP C 75 4.91 -24.88 -7.44
N LEU C 76 3.82 -24.11 -7.43
CA LEU C 76 2.51 -24.66 -7.17
C LEU C 76 1.96 -25.48 -8.34
N LEU C 77 2.31 -25.13 -9.56
CA LEU C 77 1.85 -25.91 -10.70
C LEU C 77 2.67 -27.16 -10.86
N GLY C 78 3.92 -27.12 -10.44
CA GLY C 78 4.77 -28.29 -10.59
C GLY C 78 5.65 -28.24 -11.81
N ASN C 79 6.20 -27.09 -12.12
CA ASN C 79 7.14 -26.99 -13.22
C ASN C 79 8.14 -28.12 -13.01
N PRO C 80 8.42 -28.99 -13.99
CA PRO C 80 9.34 -30.10 -13.90
C PRO C 80 10.74 -29.73 -13.43
N GLU C 81 11.13 -28.48 -13.54
CA GLU C 81 12.46 -28.07 -13.09
C GLU C 81 12.50 -27.68 -11.57
N CYS C 82 11.35 -27.74 -10.87
CA CYS C 82 11.10 -27.38 -9.48
C CYS C 82 10.81 -28.65 -8.67
N ASP C 83 11.38 -29.79 -9.08
CA ASP C 83 11.12 -31.06 -8.38
C ASP C 83 11.55 -31.05 -6.92
N ARG C 84 12.56 -30.26 -6.61
CA ARG C 84 13.05 -30.14 -5.25
C ARG C 84 12.04 -29.48 -4.32
N LEU C 85 11.01 -28.86 -4.88
CA LEU C 85 9.95 -28.20 -4.14
C LEU C 85 8.64 -28.99 -4.09
N LEU C 86 8.66 -30.25 -4.53
CA LEU C 86 7.41 -31.02 -4.49
C LEU C 86 6.93 -31.29 -3.06
N SER C 87 7.86 -31.39 -2.12
CA SER C 87 7.54 -31.57 -0.72
C SER C 87 8.32 -30.54 0.05
N VAL C 88 7.60 -29.59 0.63
CA VAL C 88 8.21 -28.46 1.30
C VAL C 88 7.87 -28.39 2.79
N PRO C 89 8.85 -28.41 3.69
CA PRO C 89 8.71 -28.33 5.12
C PRO C 89 8.33 -26.92 5.50
N GLU C 90 7.85 -26.73 6.71
CA GLU C 90 7.45 -25.43 7.20
C GLU C 90 8.51 -24.38 7.02
N TRP C 91 8.07 -23.22 6.54
CA TRP C 91 8.98 -22.12 6.34
C TRP C 91 8.60 -20.91 7.14
N SER C 92 9.61 -20.11 7.45
CA SER C 92 9.46 -18.86 8.17
C SER C 92 9.24 -17.63 7.32
N TYR C 93 9.67 -17.69 6.07
CA TYR C 93 9.54 -16.64 5.04
C TYR C 93 9.84 -17.29 3.72
N ILE C 94 9.51 -16.65 2.62
CA ILE C 94 9.85 -17.21 1.31
C ILE C 94 10.90 -16.41 0.61
N MET C 95 11.94 -17.07 0.11
CA MET C 95 12.96 -16.36 -0.62
C MET C 95 12.80 -16.60 -2.10
N GLU C 96 12.36 -15.57 -2.77
CA GLU C 96 12.11 -15.66 -4.19
C GLU C 96 13.15 -14.83 -4.90
N LYS C 97 13.75 -15.42 -5.90
CA LYS C 97 14.73 -14.70 -6.66
C LYS C 97 13.99 -13.74 -7.53
N GLU C 98 14.49 -12.54 -7.69
CA GLU C 98 13.81 -11.62 -8.57
C GLU C 98 14.06 -12.10 -9.98
N ASN C 99 13.04 -12.04 -10.83
CA ASN C 99 13.18 -12.52 -12.20
C ASN C 99 13.63 -13.98 -12.26
N PRO C 100 12.87 -14.92 -11.68
CA PRO C 100 13.14 -16.33 -11.59
C PRO C 100 13.03 -16.93 -12.98
N ARG C 101 13.67 -18.07 -13.19
CA ARG C 101 13.64 -18.74 -14.48
C ARG C 101 12.50 -19.73 -14.65
N ASP C 102 12.20 -20.50 -13.61
CA ASP C 102 11.25 -21.58 -13.73
C ASP C 102 9.86 -21.19 -13.25
N GLY C 103 9.01 -20.88 -14.20
CA GLY C 103 7.66 -20.40 -13.94
C GLY C 103 6.72 -21.16 -14.83
N LEU C 104 6.00 -20.45 -15.65
CA LEU C 104 5.07 -21.14 -16.52
C LEU C 104 5.82 -21.59 -17.77
N CYS C 105 6.42 -22.82 -17.74
CA CYS C 105 7.20 -23.41 -18.84
C CYS C 105 6.38 -23.47 -20.11
N TYR C 106 5.15 -23.90 -19.97
CA TYR C 106 4.22 -23.87 -21.06
C TYR C 106 3.78 -22.43 -20.91
N PRO C 107 3.94 -21.55 -21.89
CA PRO C 107 3.69 -20.15 -21.73
C PRO C 107 2.28 -19.90 -21.39
N GLY C 108 2.05 -18.87 -20.62
CA GLY C 108 0.72 -18.57 -20.18
C GLY C 108 0.72 -17.40 -19.26
N SER C 109 -0.34 -17.31 -18.49
CA SER C 109 -0.53 -16.24 -17.54
C SER C 109 -1.23 -16.79 -16.33
N PHE C 110 -1.16 -16.08 -15.22
CA PHE C 110 -1.79 -16.55 -14.01
C PHE C 110 -2.64 -15.41 -13.47
N ASN C 111 -3.93 -15.63 -13.31
CA ASN C 111 -4.84 -14.60 -12.84
C ASN C 111 -4.74 -14.41 -11.36
N ASP C 112 -4.89 -13.16 -10.91
CA ASP C 112 -4.86 -12.86 -9.49
C ASP C 112 -3.62 -13.43 -8.85
N TYR C 113 -2.51 -13.27 -9.53
CA TYR C 113 -1.26 -13.80 -9.07
C TYR C 113 -0.75 -13.03 -7.88
N GLU C 114 -0.90 -11.71 -7.91
CA GLU C 114 -0.44 -10.88 -6.83
C GLU C 114 -1.24 -11.18 -5.57
N GLU C 115 -2.54 -11.42 -5.72
CA GLU C 115 -3.37 -11.77 -4.58
C GLU C 115 -2.94 -13.12 -4.03
N LEU C 116 -2.54 -14.05 -4.90
CA LEU C 116 -2.06 -15.33 -4.41
C LEU C 116 -0.75 -15.17 -3.67
N LYS C 117 0.17 -14.38 -4.19
CA LYS C 117 1.42 -14.19 -3.49
C LYS C 117 1.17 -13.57 -2.12
N HIS C 118 0.20 -12.66 -2.04
CA HIS C 118 -0.18 -12.06 -0.77
C HIS C 118 -0.77 -13.13 0.14
N LEU C 119 -1.66 -13.98 -0.37
CA LEU C 119 -2.25 -15.04 0.43
C LEU C 119 -1.21 -15.93 1.03
N LEU C 120 -0.17 -16.24 0.28
CA LEU C 120 0.87 -17.14 0.74
C LEU C 120 1.75 -16.55 1.79
N SER C 121 1.62 -15.27 2.07
CA SER C 121 2.40 -14.61 3.08
C SER C 121 1.96 -15.16 4.42
N SER C 122 0.68 -15.05 4.74
CA SER C 122 0.21 -15.55 6.04
C SER C 122 -0.17 -17.02 5.96
N VAL C 123 0.80 -17.86 5.58
CA VAL C 123 0.58 -19.29 5.41
C VAL C 123 1.55 -20.22 6.11
N LYS C 124 2.83 -20.06 5.85
CA LYS C 124 3.85 -21.01 6.34
C LYS C 124 3.49 -22.41 5.84
N HIS C 125 3.56 -23.46 6.61
CA HIS C 125 3.33 -24.75 5.98
C HIS C 125 1.92 -25.03 5.40
N PHE C 126 1.90 -25.76 4.27
CA PHE C 126 0.67 -26.32 3.68
C PHE C 126 0.90 -27.74 3.21
N GLU C 127 -0.17 -28.53 3.20
CA GLU C 127 -0.13 -29.93 2.80
C GLU C 127 -0.66 -30.18 1.40
N LYS C 128 0.11 -30.84 0.57
CA LYS C 128 -0.40 -31.13 -0.76
C LYS C 128 -1.28 -32.38 -0.65
N VAL C 129 -2.52 -32.26 -1.10
CA VAL C 129 -3.55 -33.29 -1.01
C VAL C 129 -4.03 -33.73 -2.36
N LYS C 130 -4.05 -35.01 -2.63
CA LYS C 130 -4.56 -35.41 -3.94
C LYS C 130 -6.07 -35.28 -3.91
N ILE C 131 -6.63 -34.55 -4.88
CA ILE C 131 -8.08 -34.31 -4.91
C ILE C 131 -8.76 -35.05 -6.06
N LEU C 132 -8.15 -35.01 -7.24
CA LEU C 132 -8.71 -35.59 -8.45
C LEU C 132 -7.67 -36.43 -9.15
N PRO C 133 -7.39 -37.66 -8.71
CA PRO C 133 -6.30 -38.48 -9.17
C PRO C 133 -6.30 -38.58 -10.66
N LYS C 134 -5.12 -38.52 -11.26
CA LYS C 134 -5.00 -38.54 -12.72
C LYS C 134 -5.71 -39.71 -13.37
N ASP C 135 -5.68 -40.86 -12.75
CA ASP C 135 -6.26 -42.05 -13.34
C ASP C 135 -7.75 -42.17 -13.17
N ARG C 136 -8.40 -41.15 -12.61
CA ARG C 136 -9.84 -41.19 -12.49
C ARG C 136 -10.41 -40.75 -13.81
N TRP C 137 -9.59 -40.12 -14.64
CA TRP C 137 -10.10 -39.55 -15.86
C TRP C 137 -10.16 -40.56 -16.96
N THR C 138 -11.06 -41.50 -16.82
CA THR C 138 -11.15 -42.50 -17.81
C THR C 138 -11.84 -41.82 -18.94
N GLN C 139 -11.75 -42.38 -20.12
CA GLN C 139 -12.32 -41.82 -21.33
C GLN C 139 -11.64 -40.53 -21.78
N HIS C 140 -10.51 -40.17 -21.20
CA HIS C 140 -9.73 -39.02 -21.61
C HIS C 140 -8.28 -39.40 -21.69
N THR C 141 -7.54 -38.69 -22.50
CA THR C 141 -6.12 -38.91 -22.59
C THR C 141 -5.48 -37.98 -21.57
N THR C 142 -4.68 -38.54 -20.68
CA THR C 142 -4.02 -37.80 -19.61
C THR C 142 -2.53 -37.83 -19.75
N THR C 143 -2.06 -38.23 -20.93
CA THR C 143 -0.65 -38.42 -21.24
C THR C 143 -0.02 -37.31 -22.04
N GLY C 144 -0.76 -36.27 -22.34
CA GLY C 144 -0.26 -35.18 -23.16
C GLY C 144 0.79 -34.38 -22.44
N GLY C 145 1.69 -33.79 -23.21
CA GLY C 145 2.74 -32.94 -22.66
C GLY C 145 3.40 -32.12 -23.75
N SER C 146 4.45 -31.41 -23.36
CA SER C 146 5.14 -30.51 -24.28
C SER C 146 6.62 -30.40 -24.05
N ARG C 147 7.33 -30.25 -25.16
CA ARG C 147 8.77 -30.09 -25.18
C ARG C 147 9.22 -28.90 -24.36
N ALA C 148 8.40 -27.85 -24.30
CA ALA C 148 8.76 -26.67 -23.52
C ALA C 148 9.06 -26.98 -22.03
N CYS C 149 8.42 -28.03 -21.46
CA CYS C 149 8.48 -28.46 -20.07
C CYS C 149 9.30 -29.77 -20.00
N ALA C 150 10.04 -30.10 -21.06
CA ALA C 150 10.75 -31.37 -21.13
C ALA C 150 11.78 -31.60 -20.06
N VAL C 151 11.87 -32.86 -19.67
CA VAL C 151 12.82 -33.32 -18.68
C VAL C 151 13.68 -34.36 -19.33
N SER C 152 14.98 -34.13 -19.35
CA SER C 152 15.89 -35.08 -19.98
C SER C 152 15.45 -35.38 -21.41
N GLY C 153 15.11 -34.33 -22.16
CA GLY C 153 14.71 -34.45 -23.56
C GLY C 153 13.22 -34.72 -23.74
N ASN C 154 12.73 -35.74 -23.08
CA ASN C 154 11.33 -36.14 -23.16
C ASN C 154 10.33 -35.05 -22.75
N PRO C 155 9.31 -34.75 -23.57
CA PRO C 155 8.26 -33.79 -23.30
C PRO C 155 7.59 -34.11 -21.99
N SER C 156 7.14 -33.09 -21.29
CA SER C 156 6.50 -33.32 -20.01
C SER C 156 5.49 -32.24 -19.69
N PHE C 157 5.05 -32.14 -18.46
CA PHE C 157 4.05 -31.14 -18.14
C PHE C 157 4.12 -30.76 -16.69
N PHE C 158 3.28 -29.84 -16.28
CA PHE C 158 3.26 -29.42 -14.91
C PHE C 158 2.87 -30.64 -14.12
N ARG C 159 3.60 -30.95 -13.06
CA ARG C 159 3.36 -32.17 -12.36
C ARG C 159 2.13 -32.23 -11.50
N ASN C 160 1.56 -31.11 -11.09
CA ASN C 160 0.39 -31.19 -10.25
C ASN C 160 -0.89 -31.01 -11.06
N MET C 161 -0.75 -30.98 -12.39
CA MET C 161 -1.87 -30.71 -13.29
C MET C 161 -2.10 -31.81 -14.34
N VAL C 162 -3.33 -31.99 -14.76
CA VAL C 162 -3.66 -32.98 -15.77
C VAL C 162 -4.19 -32.32 -17.03
N TRP C 163 -3.52 -32.54 -18.14
CA TRP C 163 -3.98 -31.95 -19.38
C TRP C 163 -4.91 -32.92 -20.05
N LEU C 164 -6.21 -32.64 -20.07
CA LEU C 164 -7.14 -33.61 -20.62
C LEU C 164 -7.40 -33.37 -22.08
N THR C 165 -7.10 -34.36 -22.91
CA THR C 165 -7.30 -34.27 -24.37
C THR C 165 -8.12 -35.45 -24.87
N LYS C 166 -8.39 -35.40 -26.19
CA LYS C 166 -9.26 -36.43 -26.81
C LYS C 166 -8.68 -37.83 -26.70
N LYS C 167 -9.55 -38.80 -26.50
CA LYS C 167 -9.19 -40.23 -26.43
C LYS C 167 -10.03 -40.97 -27.45
N GLY C 168 -9.46 -41.92 -28.17
CA GLY C 168 -10.30 -42.54 -29.19
C GLY C 168 -10.61 -41.38 -30.11
N SER C 169 -11.88 -41.14 -30.40
CA SER C 169 -12.28 -40.03 -31.26
C SER C 169 -13.17 -39.03 -30.53
N ASN C 170 -13.19 -39.11 -29.20
CA ASN C 170 -14.09 -38.25 -28.44
C ASN C 170 -13.54 -37.55 -27.23
N TYR C 171 -14.24 -36.50 -26.84
CA TYR C 171 -13.97 -35.76 -25.63
C TYR C 171 -15.28 -35.66 -24.85
N PRO C 172 -15.65 -36.68 -24.07
CA PRO C 172 -16.88 -36.75 -23.32
C PRO C 172 -16.83 -35.61 -22.35
N VAL C 173 -17.97 -35.12 -21.90
CA VAL C 173 -17.86 -34.01 -20.99
C VAL C 173 -17.06 -34.49 -19.80
N ALA C 174 -16.04 -33.72 -19.45
CA ALA C 174 -15.16 -34.03 -18.37
C ALA C 174 -15.75 -33.49 -17.11
N LYS C 175 -15.95 -34.34 -16.13
CA LYS C 175 -16.52 -33.88 -14.89
C LYS C 175 -15.77 -34.43 -13.73
N GLY C 176 -15.82 -33.70 -12.64
CA GLY C 176 -15.29 -34.17 -11.38
C GLY C 176 -15.55 -33.15 -10.33
N SER C 177 -15.42 -33.55 -9.08
CA SER C 177 -15.64 -32.63 -8.00
C SER C 177 -14.89 -33.07 -6.80
N TYR C 178 -14.72 -32.16 -5.88
CA TYR C 178 -14.08 -32.46 -4.64
C TYR C 178 -14.73 -31.76 -3.45
N ASN C 179 -15.02 -32.53 -2.39
CA ASN C 179 -15.57 -32.07 -1.13
C ASN C 179 -14.41 -31.85 -0.14
N ASN C 180 -14.26 -30.62 0.39
CA ASN C 180 -13.13 -30.30 1.27
C ASN C 180 -13.36 -30.81 2.67
N THR C 181 -12.87 -32.02 2.89
CA THR C 181 -12.97 -32.72 4.14
C THR C 181 -11.56 -32.85 4.72
N SER C 182 -10.62 -32.07 4.17
CA SER C 182 -9.20 -32.12 4.53
C SER C 182 -8.87 -31.59 5.91
N GLY C 183 -9.78 -30.83 6.49
CA GLY C 183 -9.64 -30.22 7.79
C GLY C 183 -9.37 -28.72 7.80
N GLU C 184 -9.01 -28.15 6.66
CA GLU C 184 -8.75 -26.70 6.58
C GLU C 184 -8.98 -26.18 5.16
N GLN C 185 -9.18 -24.88 5.05
CA GLN C 185 -9.38 -24.18 3.78
C GLN C 185 -8.27 -24.54 2.81
N MET C 186 -8.68 -24.90 1.58
CA MET C 186 -7.76 -25.38 0.54
C MET C 186 -7.62 -24.52 -0.71
N LEU C 187 -6.40 -24.43 -1.22
CA LEU C 187 -6.10 -23.73 -2.46
C LEU C 187 -6.15 -24.63 -3.68
N ILE C 188 -7.00 -24.28 -4.62
CA ILE C 188 -7.15 -25.06 -5.83
C ILE C 188 -6.85 -24.23 -7.07
N ILE C 189 -5.99 -24.77 -7.92
CA ILE C 189 -5.54 -24.13 -9.16
C ILE C 189 -6.00 -24.93 -10.37
N TRP C 190 -6.44 -24.27 -11.41
CA TRP C 190 -6.84 -24.96 -12.63
C TRP C 190 -6.56 -24.05 -13.79
N GLY C 191 -6.62 -24.55 -15.01
CA GLY C 191 -6.44 -23.61 -16.10
C GLY C 191 -7.09 -24.01 -17.41
N VAL C 192 -6.98 -23.11 -18.38
CA VAL C 192 -7.57 -23.26 -19.69
C VAL C 192 -6.56 -23.13 -20.81
N HIS C 193 -6.57 -24.08 -21.71
CA HIS C 193 -5.70 -24.03 -22.86
C HIS C 193 -6.29 -23.14 -23.95
N HIS C 194 -5.46 -22.31 -24.53
CA HIS C 194 -5.81 -21.41 -25.62
C HIS C 194 -4.93 -21.73 -26.84
N PRO C 195 -5.40 -22.52 -27.80
CA PRO C 195 -4.70 -22.99 -28.98
C PRO C 195 -4.27 -21.89 -29.89
N ASN C 196 -3.24 -22.20 -30.68
CA ASN C 196 -2.74 -21.28 -31.67
C ASN C 196 -3.71 -21.19 -32.84
N ASP C 197 -4.34 -22.31 -33.21
CA ASP C 197 -5.30 -22.28 -34.30
C ASP C 197 -6.40 -23.35 -34.18
N GLU C 198 -7.33 -23.32 -35.14
CA GLU C 198 -8.43 -24.28 -35.14
C GLU C 198 -7.97 -25.71 -35.30
N THR C 199 -6.92 -25.94 -36.08
CA THR C 199 -6.45 -27.29 -36.28
C THR C 199 -6.02 -27.89 -34.96
N GLU C 200 -5.26 -27.12 -34.17
CA GLU C 200 -4.84 -27.59 -32.86
C GLU C 200 -6.05 -27.87 -31.97
N GLN C 201 -7.04 -26.98 -32.02
CA GLN C 201 -8.22 -27.19 -31.19
C GLN C 201 -8.93 -28.47 -31.54
N ARG C 202 -9.07 -28.77 -32.81
CA ARG C 202 -9.75 -29.99 -33.15
C ARG C 202 -8.91 -31.22 -32.89
N THR C 203 -7.62 -31.15 -33.15
CA THR C 203 -6.78 -32.31 -32.95
C THR C 203 -6.72 -32.68 -31.48
N LEU C 204 -6.65 -31.68 -30.61
CA LEU C 204 -6.57 -31.99 -29.21
C LEU C 204 -7.91 -32.21 -28.53
N TYR C 205 -8.99 -31.51 -28.93
CA TYR C 205 -10.23 -31.65 -28.19
C TYR C 205 -11.47 -32.10 -28.97
N GLN C 206 -11.37 -32.34 -30.28
CA GLN C 206 -12.47 -32.71 -31.18
C GLN C 206 -13.48 -31.58 -31.43
N ASN C 207 -14.08 -31.06 -30.37
CA ASN C 207 -15.00 -29.95 -30.55
C ASN C 207 -14.25 -28.64 -30.53
N VAL C 208 -14.85 -27.63 -31.13
CA VAL C 208 -14.34 -26.27 -31.14
C VAL C 208 -15.14 -25.39 -30.21
N GLY C 209 -16.45 -25.56 -30.17
CA GLY C 209 -17.30 -24.70 -29.36
C GLY C 209 -17.31 -25.15 -27.90
N THR C 210 -16.14 -25.10 -27.28
CA THR C 210 -15.96 -25.62 -25.95
C THR C 210 -16.00 -24.58 -24.86
N TYR C 211 -16.12 -25.06 -23.63
CA TYR C 211 -16.09 -24.22 -22.45
C TYR C 211 -15.54 -24.98 -21.26
N VAL C 212 -15.09 -24.21 -20.27
CA VAL C 212 -14.66 -24.70 -18.99
C VAL C 212 -15.44 -24.01 -17.88
N SER C 213 -16.09 -24.78 -17.02
CA SER C 213 -16.90 -24.23 -15.95
C SER C 213 -16.52 -24.76 -14.58
N VAL C 214 -16.24 -23.84 -13.68
CA VAL C 214 -15.82 -24.18 -12.34
C VAL C 214 -16.62 -23.42 -11.29
N GLY C 215 -16.99 -24.11 -10.21
CA GLY C 215 -17.67 -23.37 -9.16
C GLY C 215 -17.77 -24.06 -7.81
N THR C 216 -18.07 -23.24 -6.83
CA THR C 216 -18.20 -23.58 -5.40
C THR C 216 -19.42 -22.86 -4.91
N SER C 217 -19.64 -22.77 -3.59
CA SER C 217 -20.82 -22.05 -3.15
C SER C 217 -20.69 -20.54 -3.39
N THR C 218 -19.46 -20.05 -3.63
CA THR C 218 -19.20 -18.63 -3.88
C THR C 218 -18.64 -18.33 -5.27
N LEU C 219 -18.02 -19.31 -5.90
CA LEU C 219 -17.39 -19.14 -7.20
C LEU C 219 -18.27 -19.62 -8.33
N ASN C 220 -18.45 -18.76 -9.32
CA ASN C 220 -19.26 -19.10 -10.48
C ASN C 220 -18.53 -18.62 -11.71
N LYS C 221 -17.61 -19.41 -12.23
CA LYS C 221 -16.78 -18.93 -13.32
C LYS C 221 -16.81 -19.81 -14.54
N ARG C 222 -17.10 -19.22 -15.68
CA ARG C 222 -17.15 -19.95 -16.92
C ARG C 222 -16.38 -19.21 -17.97
N SER C 223 -15.57 -19.93 -18.73
CA SER C 223 -14.81 -19.32 -19.79
C SER C 223 -14.68 -20.20 -20.98
N THR C 224 -14.34 -19.62 -22.11
CA THR C 224 -14.16 -20.35 -23.33
C THR C 224 -12.77 -20.05 -23.80
N PRO C 225 -12.14 -20.92 -24.60
CA PRO C 225 -10.84 -20.70 -25.14
C PRO C 225 -10.88 -19.61 -26.19
N ASP C 226 -9.80 -18.88 -26.28
CA ASP C 226 -9.59 -17.85 -27.27
C ASP C 226 -8.57 -18.34 -28.27
N ILE C 227 -9.03 -18.83 -29.41
CA ILE C 227 -8.10 -19.37 -30.38
C ILE C 227 -7.56 -18.23 -31.19
N ALA C 228 -6.25 -18.10 -31.21
CA ALA C 228 -5.65 -16.99 -31.92
C ALA C 228 -4.19 -17.22 -32.22
N THR C 229 -3.70 -16.60 -33.27
CA THR C 229 -2.28 -16.65 -33.51
C THR C 229 -1.61 -15.70 -32.54
N ARG C 230 -0.58 -16.18 -31.88
CA ARG C 230 0.15 -15.39 -30.91
C ARG C 230 1.63 -15.58 -31.19
N PRO C 231 2.52 -14.67 -30.77
CA PRO C 231 3.96 -14.84 -30.86
C PRO C 231 4.33 -16.10 -30.12
N LYS C 232 5.30 -16.84 -30.62
CA LYS C 232 5.68 -18.04 -29.90
C LYS C 232 6.55 -17.73 -28.70
N VAL C 233 6.29 -18.42 -27.63
CA VAL C 233 7.11 -18.35 -26.43
C VAL C 233 7.53 -19.76 -26.12
N ASN C 234 8.82 -19.99 -26.02
CA ASN C 234 9.37 -21.32 -25.78
C ASN C 234 8.88 -22.32 -26.83
N GLY C 235 8.74 -21.86 -28.08
CA GLY C 235 8.32 -22.70 -29.20
C GLY C 235 6.81 -22.90 -29.36
N GLN C 236 6.02 -22.35 -28.44
CA GLN C 236 4.59 -22.55 -28.48
C GLN C 236 3.78 -21.27 -28.74
N GLY C 237 2.86 -21.35 -29.70
CA GLY C 237 2.03 -20.20 -30.08
C GLY C 237 0.74 -20.18 -29.30
N GLY C 238 0.60 -21.17 -28.45
CA GLY C 238 -0.54 -21.38 -27.60
C GLY C 238 -0.26 -20.82 -26.23
N ARG C 239 -1.30 -20.69 -25.42
CA ARG C 239 -1.14 -20.20 -24.05
C ARG C 239 -1.97 -20.94 -23.04
N MET C 240 -1.49 -21.07 -21.82
CA MET C 240 -2.34 -21.60 -20.75
C MET C 240 -2.68 -20.54 -19.71
N GLU C 241 -3.95 -20.39 -19.43
CA GLU C 241 -4.40 -19.44 -18.44
C GLU C 241 -4.72 -20.12 -17.14
N PHE C 242 -4.07 -19.75 -16.06
CA PHE C 242 -4.33 -20.40 -14.79
C PHE C 242 -5.03 -19.47 -13.84
N SER C 243 -5.86 -20.03 -12.99
CA SER C 243 -6.59 -19.27 -12.00
C SER C 243 -6.77 -20.08 -10.75
N TRP C 244 -7.22 -19.45 -9.68
CA TRP C 244 -7.34 -20.18 -8.44
C TRP C 244 -8.43 -19.70 -7.53
N THR C 245 -8.84 -20.58 -6.65
CA THR C 245 -9.81 -20.22 -5.61
C THR C 245 -9.47 -20.87 -4.31
N LEU C 246 -10.16 -20.46 -3.25
CA LEU C 246 -10.03 -21.15 -1.99
C LEU C 246 -11.32 -21.82 -1.72
N LEU C 247 -11.23 -23.10 -1.46
CA LEU C 247 -12.39 -23.88 -1.19
C LEU C 247 -12.56 -23.94 0.31
N ASP C 248 -13.65 -23.37 0.77
CA ASP C 248 -13.92 -23.28 2.19
C ASP C 248 -14.15 -24.64 2.73
N MET C 249 -13.88 -24.80 4.01
CA MET C 249 -14.02 -26.10 4.60
C MET C 249 -15.46 -26.56 4.48
N TRP C 250 -15.62 -27.82 4.11
CA TRP C 250 -16.86 -28.54 3.88
C TRP C 250 -17.62 -28.12 2.63
N ASP C 251 -17.05 -27.24 1.82
CA ASP C 251 -17.73 -26.91 0.58
C ASP C 251 -17.31 -27.90 -0.50
N THR C 252 -17.87 -27.77 -1.69
CA THR C 252 -17.54 -28.63 -2.82
C THR C 252 -17.24 -27.86 -4.08
N ILE C 253 -16.16 -28.23 -4.75
CA ILE C 253 -15.82 -27.58 -6.00
C ILE C 253 -16.16 -28.51 -7.13
N ASN C 254 -16.87 -27.99 -8.10
CA ASN C 254 -17.22 -28.78 -9.26
C ASN C 254 -16.48 -28.27 -10.46
N PHE C 255 -16.07 -29.19 -11.32
CA PHE C 255 -15.48 -28.88 -12.59
C PHE C 255 -16.28 -29.54 -13.69
N GLU C 256 -16.46 -28.83 -14.78
CA GLU C 256 -17.11 -29.36 -15.97
C GLU C 256 -16.46 -28.81 -17.22
N SER C 257 -16.16 -29.67 -18.18
CA SER C 257 -15.56 -29.18 -19.40
C SER C 257 -15.85 -29.95 -20.66
N THR C 258 -15.95 -29.24 -21.75
CA THR C 258 -16.13 -29.84 -23.05
C THR C 258 -14.88 -29.76 -23.87
N GLY C 259 -13.83 -29.28 -23.25
CA GLY C 259 -12.53 -29.15 -23.86
C GLY C 259 -11.73 -28.05 -23.22
N ASN C 260 -10.44 -28.08 -23.46
CA ASN C 260 -9.47 -27.11 -23.02
C ASN C 260 -9.25 -27.02 -21.51
N LEU C 261 -9.68 -28.01 -20.75
CA LEU C 261 -9.45 -28.03 -19.31
C LEU C 261 -8.18 -28.72 -18.89
N ILE C 262 -7.46 -28.01 -18.02
CA ILE C 262 -6.29 -28.50 -17.35
C ILE C 262 -6.73 -28.63 -15.90
N ALA C 263 -6.92 -29.86 -15.47
CA ALA C 263 -7.49 -30.09 -14.17
C ALA C 263 -6.40 -30.16 -13.14
N PRO C 264 -6.64 -29.79 -11.90
CA PRO C 264 -5.69 -30.02 -10.86
C PRO C 264 -5.71 -31.47 -10.53
N GLU C 265 -4.59 -32.01 -10.12
CA GLU C 265 -4.61 -33.33 -9.55
C GLU C 265 -4.60 -33.14 -8.05
N TYR C 266 -3.88 -32.10 -7.61
CA TYR C 266 -3.70 -31.82 -6.19
C TYR C 266 -4.24 -30.46 -5.77
N GLY C 267 -4.62 -30.36 -4.50
CA GLY C 267 -4.97 -29.08 -3.91
C GLY C 267 -4.02 -28.84 -2.76
N PHE C 268 -4.04 -27.65 -2.17
CA PHE C 268 -3.14 -27.41 -1.06
C PHE C 268 -3.85 -26.98 0.20
N LYS C 269 -3.78 -27.79 1.23
CA LYS C 269 -4.46 -27.50 2.48
C LYS C 269 -3.62 -26.57 3.29
N ILE C 270 -4.14 -25.46 3.72
CA ILE C 270 -3.27 -24.60 4.51
C ILE C 270 -3.06 -25.22 5.88
N SER C 271 -1.81 -25.37 6.35
CA SER C 271 -1.63 -26.02 7.64
C SER C 271 -1.37 -25.08 8.81
N LYS C 272 -0.64 -23.97 8.58
CA LYS C 272 -0.33 -23.13 9.75
C LYS C 272 -1.06 -21.78 9.85
N ARG C 273 -1.17 -21.04 8.75
CA ARG C 273 -1.86 -19.72 8.75
C ARG C 273 -1.24 -18.73 9.72
N GLY C 274 0.08 -18.72 9.80
CA GLY C 274 0.79 -17.80 10.68
C GLY C 274 1.13 -16.51 9.95
N SER C 275 2.07 -15.75 10.49
CA SER C 275 2.48 -14.47 9.89
C SER C 275 3.90 -14.54 9.36
N SER C 276 4.04 -14.22 8.09
CA SER C 276 5.28 -14.28 7.33
C SER C 276 5.28 -13.25 6.18
N GLY C 277 6.07 -13.51 5.13
CA GLY C 277 6.18 -12.63 3.97
C GLY C 277 7.13 -13.16 2.89
N ILE C 278 7.18 -12.46 1.76
CA ILE C 278 8.05 -12.87 0.65
C ILE C 278 9.14 -11.87 0.45
N MET C 279 10.37 -12.35 0.49
CA MET C 279 11.55 -11.54 0.34
C MET C 279 12.18 -11.73 -1.02
N LYS C 280 12.63 -10.65 -1.63
CA LYS C 280 13.32 -10.77 -2.91
C LYS C 280 14.81 -10.76 -2.71
N THR C 281 15.43 -11.87 -3.02
CA THR C 281 16.85 -11.98 -2.82
C THR C 281 17.50 -13.05 -3.66
N GLU C 282 18.75 -12.81 -4.01
CA GLU C 282 19.53 -13.73 -4.81
C GLU C 282 20.41 -14.65 -3.97
N GLY C 283 20.32 -14.51 -2.66
CA GLY C 283 21.16 -15.30 -1.78
C GLY C 283 20.56 -16.64 -1.43
N THR C 284 21.21 -17.32 -0.49
CA THR C 284 20.83 -18.64 -0.03
C THR C 284 20.79 -18.66 1.47
N LEU C 285 20.33 -19.74 2.05
CA LEU C 285 20.32 -19.85 3.51
C LEU C 285 21.69 -20.20 4.06
N GLU C 286 22.14 -19.40 5.03
CA GLU C 286 23.46 -19.54 5.67
C GLU C 286 23.46 -20.29 7.00
N ASN C 287 22.31 -20.79 7.40
CA ASN C 287 22.10 -21.54 8.65
C ASN C 287 22.47 -20.85 9.99
N CYS C 288 22.15 -19.55 10.08
CA CYS C 288 22.29 -18.62 11.21
C CYS C 288 20.88 -18.35 11.73
N GLU C 289 20.73 -17.66 12.87
CA GLU C 289 19.37 -17.37 13.35
C GLU C 289 19.11 -15.91 13.65
N THR C 290 17.91 -15.45 13.34
CA THR C 290 17.50 -14.10 13.68
C THR C 290 16.06 -13.94 14.12
N LYS C 291 15.76 -12.72 14.55
CA LYS C 291 14.40 -12.24 14.86
C LYS C 291 13.86 -11.13 13.91
N CYS C 292 14.77 -10.59 13.05
CA CYS C 292 14.60 -9.48 12.10
C CYS C 292 15.52 -9.70 10.90
N GLN C 293 14.94 -9.97 9.73
CA GLN C 293 15.74 -10.27 8.55
C GLN C 293 15.54 -9.26 7.43
N THR C 294 16.61 -8.64 6.94
CA THR C 294 16.45 -7.73 5.84
C THR C 294 17.03 -8.51 4.66
N PRO C 295 16.83 -8.12 3.41
CA PRO C 295 17.42 -8.75 2.25
C PRO C 295 18.95 -8.70 2.24
N LEU C 296 19.55 -7.81 3.03
CA LEU C 296 20.99 -7.67 3.04
C LEU C 296 21.65 -8.46 4.14
N GLY C 297 20.86 -8.98 5.05
CA GLY C 297 21.41 -9.64 6.22
C GLY C 297 20.50 -9.47 7.44
N ALA C 298 20.77 -10.22 8.49
CA ALA C 298 19.96 -10.14 9.68
C ALA C 298 20.39 -9.01 10.59
N ILE C 299 19.44 -8.44 11.33
CA ILE C 299 19.77 -7.39 12.29
C ILE C 299 19.56 -7.85 13.73
N ASN C 300 20.64 -7.88 14.53
CA ASN C 300 20.64 -8.24 15.95
C ASN C 300 20.84 -6.95 16.76
N THR C 301 19.72 -6.33 17.25
CA THR C 301 19.76 -5.02 17.94
C THR C 301 18.60 -4.84 18.88
N THR C 302 18.80 -3.96 19.84
CA THR C 302 17.77 -3.55 20.79
C THR C 302 17.42 -2.07 20.62
N LEU C 303 17.98 -1.43 19.61
CA LEU C 303 17.78 0.00 19.41
C LEU C 303 16.45 0.28 18.73
N PRO C 304 15.81 1.45 18.95
CA PRO C 304 14.55 1.85 18.35
C PRO C 304 14.56 2.17 16.87
N PHE C 305 15.71 2.48 16.29
CA PHE C 305 15.76 2.81 14.88
C PHE C 305 16.87 2.04 14.18
N HIS C 306 16.75 1.84 12.88
CA HIS C 306 17.84 1.27 12.08
C HIS C 306 17.82 1.93 10.72
N ASN C 307 18.93 1.87 10.00
CA ASN C 307 18.96 2.40 8.65
C ASN C 307 19.51 1.38 7.65
N VAL C 308 19.21 0.09 7.83
CA VAL C 308 19.77 -0.93 6.94
C VAL C 308 19.03 -1.12 5.63
N HIS C 309 17.73 -1.36 5.67
CA HIS C 309 16.97 -1.56 4.44
C HIS C 309 15.49 -1.46 4.79
N PRO C 310 14.63 -0.79 4.02
CA PRO C 310 13.23 -0.71 4.31
C PRO C 310 12.39 -1.98 4.15
N LEU C 311 12.82 -2.96 3.35
CA LEU C 311 11.95 -4.12 3.14
C LEU C 311 12.28 -5.24 4.07
N THR C 312 12.04 -5.00 5.32
CA THR C 312 12.42 -5.95 6.35
C THR C 312 11.27 -6.79 6.89
N ILE C 313 11.50 -8.11 7.03
CA ILE C 313 10.50 -9.02 7.58
C ILE C 313 10.87 -9.42 9.00
N GLY C 314 9.99 -9.15 9.95
CA GLY C 314 10.29 -9.49 11.35
C GLY C 314 9.81 -8.43 12.31
N GLU C 315 10.24 -8.56 13.57
CA GLU C 315 9.87 -7.60 14.62
C GLU C 315 11.08 -6.67 14.71
N CYS C 316 11.01 -5.52 14.00
CA CYS C 316 12.15 -4.65 13.71
C CYS C 316 12.02 -3.20 14.19
N PRO C 317 13.14 -2.49 14.39
CA PRO C 317 13.24 -1.08 14.71
C PRO C 317 12.67 -0.29 13.56
N LYS C 318 12.32 0.97 13.78
CA LYS C 318 11.80 1.75 12.66
C LYS C 318 12.92 2.02 11.71
N TYR C 319 12.63 1.98 10.43
CA TYR C 319 13.61 2.35 9.44
C TYR C 319 13.56 3.84 9.28
N VAL C 320 14.72 4.47 9.32
CA VAL C 320 14.83 5.92 9.13
C VAL C 320 15.87 6.25 8.09
N LYS C 321 15.78 7.45 7.55
CA LYS C 321 16.73 7.94 6.57
C LYS C 321 17.94 8.62 7.19
N SER C 322 17.98 8.69 8.51
CA SER C 322 19.06 9.32 9.22
C SER C 322 20.33 8.50 9.13
N GLU C 323 21.47 9.14 9.39
CA GLU C 323 22.75 8.46 9.39
C GLU C 323 23.23 8.17 10.79
N LYS C 324 22.86 9.01 11.72
CA LYS C 324 23.24 8.86 13.10
C LYS C 324 22.18 9.47 13.97
N LEU C 325 21.92 8.86 15.10
CA LEU C 325 21.02 9.39 16.10
C LEU C 325 21.69 9.17 17.41
N VAL C 326 22.39 10.16 17.92
CA VAL C 326 23.15 9.90 19.14
C VAL C 326 22.73 10.82 20.24
N LEU C 327 22.35 10.23 21.36
CA LEU C 327 21.94 10.97 22.52
C LEU C 327 23.12 11.22 23.41
N ALA C 328 23.21 12.41 23.96
CA ALA C 328 24.22 12.66 24.95
C ALA C 328 23.70 12.03 26.19
N THR C 329 24.55 11.45 27.01
CA THR C 329 24.05 10.95 28.26
C THR C 329 24.88 11.62 29.29
N GLY C 330 26.06 12.02 28.86
CA GLY C 330 27.06 12.61 29.71
C GLY C 330 27.10 14.13 29.63
N LEU C 331 28.21 14.66 30.05
CA LEU C 331 28.46 16.08 30.20
C LEU C 331 29.25 16.58 29.04
N ARG C 332 29.29 17.89 28.82
CA ARG C 332 30.17 18.28 27.74
C ARG C 332 31.55 17.85 28.16
N ASN C 333 32.31 17.26 27.27
CA ASN C 333 33.62 16.84 27.67
C ASN C 333 34.52 18.01 27.50
N VAL C 334 34.64 18.73 28.57
CA VAL C 334 35.42 19.92 28.58
C VAL C 334 36.66 19.71 29.39
N PRO C 335 37.84 19.48 28.79
CA PRO C 335 39.08 19.33 29.52
C PRO C 335 39.39 20.71 30.09
N ALA C 345 42.23 22.19 38.38
CA ALA C 345 42.56 21.52 39.63
C ALA C 345 42.24 22.39 40.86
N ILE C 346 42.38 23.69 40.70
CA ILE C 346 42.11 24.61 41.79
C ILE C 346 41.00 25.56 41.41
N ALA C 347 40.07 25.07 40.59
CA ALA C 347 38.93 25.82 40.13
C ALA C 347 37.76 24.86 39.98
N GLY C 348 36.56 25.38 39.99
CA GLY C 348 35.41 24.53 39.88
C GLY C 348 34.82 24.47 38.47
N PHE C 349 33.51 24.33 38.45
CA PHE C 349 32.68 24.16 37.27
C PHE C 349 32.80 25.30 36.27
N ILE C 350 33.31 26.41 36.72
CA ILE C 350 33.53 27.59 35.91
C ILE C 350 34.55 27.28 34.82
N GLU C 351 35.60 26.51 35.15
CA GLU C 351 36.60 26.17 34.14
C GLU C 351 36.38 24.74 33.62
N GLY C 352 35.86 23.87 34.48
CA GLY C 352 35.63 22.46 34.16
C GLY C 352 36.93 21.68 34.10
N GLY C 353 36.88 20.51 33.47
CA GLY C 353 38.06 19.68 33.34
C GLY C 353 38.52 18.80 34.48
N TRP C 354 37.67 18.35 35.39
CA TRP C 354 38.25 17.53 36.44
C TRP C 354 38.49 16.11 36.01
N GLN C 355 39.55 15.91 35.25
CA GLN C 355 39.90 14.60 34.71
C GLN C 355 40.44 13.71 35.82
N GLY C 356 40.79 14.32 36.93
CA GLY C 356 41.27 13.61 38.09
C GLY C 356 40.13 13.06 38.96
N MET C 357 38.88 13.36 38.61
CA MET C 357 37.76 12.87 39.39
C MET C 357 37.05 11.82 38.58
N VAL C 358 37.08 10.57 39.04
CA VAL C 358 36.48 9.46 38.29
C VAL C 358 35.42 8.71 39.07
N ASP C 359 34.97 9.34 40.14
CA ASP C 359 34.01 8.81 41.09
C ASP C 359 32.54 9.03 40.70
N GLY C 360 32.28 10.05 39.89
CA GLY C 360 30.93 10.40 39.50
C GLY C 360 30.99 11.67 38.70
N TRP C 361 29.87 12.07 38.15
CA TRP C 361 29.79 13.26 37.33
C TRP C 361 29.99 14.55 38.07
N TYR C 362 29.44 14.66 39.25
CA TYR C 362 29.51 15.90 39.98
C TYR C 362 30.23 15.67 41.26
N GLY C 363 30.97 16.65 41.72
CA GLY C 363 31.68 16.44 42.96
C GLY C 363 32.45 17.62 43.47
N TYR C 364 33.35 17.30 44.38
CA TYR C 364 34.12 18.26 45.10
C TYR C 364 35.62 18.00 45.02
N HIS C 365 36.37 19.07 45.16
CA HIS C 365 37.82 18.97 45.31
C HIS C 365 38.17 19.75 46.55
N HIS C 366 38.64 19.07 47.58
CA HIS C 366 38.95 19.80 48.80
C HIS C 366 40.42 19.80 49.07
N SER C 367 40.86 20.85 49.77
CA SER C 367 42.23 20.99 50.23
C SER C 367 42.29 21.55 51.64
N ASN C 368 42.98 20.84 52.52
CA ASN C 368 43.13 21.21 53.91
C ASN C 368 44.48 20.75 54.47
N ASP C 369 44.62 20.79 55.79
CA ASP C 369 45.86 20.43 56.48
C ASP C 369 46.22 18.95 56.38
N GLN C 370 45.22 18.08 56.26
CA GLN C 370 45.46 16.65 56.24
C GLN C 370 45.84 16.19 54.85
N GLY C 371 45.26 16.85 53.86
CA GLY C 371 45.51 16.48 52.48
C GLY C 371 44.52 17.09 51.51
N SER C 372 44.48 16.54 50.32
CA SER C 372 43.59 17.05 49.31
C SER C 372 43.14 15.93 48.40
N GLY C 373 42.03 16.14 47.73
CA GLY C 373 41.58 15.15 46.77
C GLY C 373 40.17 15.33 46.25
N TYR C 374 39.82 14.49 45.30
CA TYR C 374 38.52 14.57 44.67
C TYR C 374 37.56 13.59 45.28
N ALA C 375 36.29 13.94 45.28
CA ALA C 375 35.24 13.05 45.70
C ALA C 375 33.98 13.34 44.93
N ALA C 376 33.17 12.33 44.70
CA ALA C 376 31.92 12.60 44.02
C ALA C 376 30.86 12.95 45.00
N ASP C 377 29.92 13.74 44.54
CA ASP C 377 28.74 13.99 45.29
C ASP C 377 27.82 12.90 44.84
N LYS C 378 27.69 11.86 45.64
CA LYS C 378 26.97 10.69 45.19
C LYS C 378 25.49 10.94 45.10
N GLU C 379 24.93 11.78 45.96
CA GLU C 379 23.50 12.02 45.88
C GLU C 379 23.16 12.69 44.58
N SER C 380 23.94 13.72 44.23
CA SER C 380 23.70 14.48 43.02
C SER C 380 23.92 13.66 41.78
N THR C 381 25.01 12.88 41.77
CA THR C 381 25.31 12.09 40.61
C THR C 381 24.27 11.02 40.43
N GLN C 382 23.85 10.34 41.49
CA GLN C 382 22.89 9.29 41.29
C GLN C 382 21.57 9.83 40.81
N LYS C 383 21.14 11.01 41.29
CA LYS C 383 19.88 11.51 40.80
C LYS C 383 19.99 11.89 39.34
N ALA C 384 21.11 12.51 38.96
CA ALA C 384 21.28 12.89 37.59
C ALA C 384 21.32 11.68 36.70
N PHE C 385 21.98 10.64 37.18
CA PHE C 385 22.13 9.40 36.47
C PHE C 385 20.80 8.76 36.22
N ASP C 386 19.96 8.67 37.26
CA ASP C 386 18.67 8.02 37.12
C ASP C 386 17.82 8.78 36.14
N GLY C 387 17.91 10.11 36.17
CA GLY C 387 17.18 10.97 35.26
C GLY C 387 17.57 10.68 33.83
N ILE C 388 18.85 10.63 33.55
CA ILE C 388 19.30 10.36 32.20
C ILE C 388 18.88 8.97 31.77
N THR C 389 18.98 7.99 32.66
CA THR C 389 18.59 6.64 32.31
C THR C 389 17.13 6.58 31.94
N ASN C 390 16.27 7.24 32.70
CA ASN C 390 14.85 7.24 32.40
C ASN C 390 14.56 7.94 31.10
N LYS C 391 15.27 9.01 30.81
CA LYS C 391 15.07 9.73 29.56
C LYS C 391 15.41 8.88 28.36
N VAL C 392 16.54 8.18 28.43
CA VAL C 392 16.95 7.34 27.32
C VAL C 392 15.95 6.22 27.16
N ASN C 393 15.51 5.63 28.26
CA ASN C 393 14.56 4.57 28.17
C ASN C 393 13.22 5.06 27.65
N SER C 394 12.82 6.29 27.93
CA SER C 394 11.54 6.77 27.39
C SER C 394 11.59 6.81 25.88
N VAL C 395 12.69 7.32 25.35
CA VAL C 395 12.84 7.44 23.92
C VAL C 395 12.76 6.07 23.25
N ILE C 396 13.40 5.07 23.86
CA ILE C 396 13.44 3.73 23.30
C ILE C 396 12.19 2.88 23.56
N GLU C 397 11.72 2.86 24.80
CA GLU C 397 10.60 2.04 25.24
C GLU C 397 9.28 2.48 24.69
N LYS C 398 9.12 3.75 24.33
CA LYS C 398 7.85 4.19 23.79
C LYS C 398 7.71 3.84 22.32
N MET C 399 8.73 3.29 21.69
CA MET C 399 8.59 2.96 20.29
C MET C 399 7.87 1.62 20.14
N ASN C 400 6.83 1.59 19.32
CA ASN C 400 6.06 0.36 19.11
C ASN C 400 6.60 -0.58 18.04
N THR C 401 7.11 -1.72 18.46
CA THR C 401 7.68 -2.70 17.54
C THR C 401 6.70 -3.85 17.32
N GLN C 402 6.34 -4.07 16.06
CA GLN C 402 5.38 -5.08 15.63
C GLN C 402 5.95 -5.92 14.52
N PHE C 403 5.47 -7.15 14.38
CA PHE C 403 5.88 -7.96 13.24
C PHE C 403 5.28 -7.38 11.97
N GLU C 404 6.09 -7.24 10.95
CA GLU C 404 5.62 -6.73 9.65
C GLU C 404 6.37 -7.42 8.50
N ALA C 405 5.73 -7.50 7.31
CA ALA C 405 6.36 -8.08 6.12
C ALA C 405 6.78 -7.02 5.10
N VAL C 406 6.11 -5.88 5.15
CA VAL C 406 6.34 -4.68 4.34
C VAL C 406 6.04 -4.77 2.85
N GLY C 407 6.71 -5.66 2.14
CA GLY C 407 6.59 -5.71 0.68
C GLY C 407 5.24 -6.17 0.15
N LYS C 408 4.83 -5.59 -0.98
CA LYS C 408 3.60 -5.93 -1.69
C LYS C 408 3.84 -6.04 -3.17
N GLU C 409 3.10 -6.92 -3.81
CA GLU C 409 3.18 -7.11 -5.24
C GLU C 409 2.05 -6.40 -5.94
N PHE C 410 2.34 -5.78 -7.07
CA PHE C 410 1.32 -5.14 -7.90
C PHE C 410 1.52 -5.52 -9.35
N SER C 411 0.43 -5.55 -10.11
CA SER C 411 0.53 -5.89 -11.53
C SER C 411 0.87 -4.64 -12.30
N ASN C 412 1.12 -4.77 -13.58
CA ASN C 412 1.46 -3.61 -14.38
C ASN C 412 0.25 -2.77 -14.74
N LEU C 413 -0.92 -3.22 -14.34
CA LEU C 413 -2.16 -2.51 -14.61
C LEU C 413 -2.67 -1.88 -13.33
N GLU C 414 -1.84 -1.88 -12.30
CA GLU C 414 -2.17 -1.32 -11.01
C GLU C 414 -1.14 -0.32 -10.57
N ARG C 415 -0.81 0.62 -11.46
CA ARG C 415 0.24 1.55 -11.13
C ARG C 415 -0.26 2.63 -10.19
N ARG C 416 -1.54 2.98 -10.25
CA ARG C 416 -1.96 4.03 -9.34
C ARG C 416 -1.93 3.49 -7.93
N LEU C 417 -2.27 2.22 -7.76
CA LEU C 417 -2.31 1.60 -6.45
C LEU C 417 -0.91 1.35 -5.92
N GLU C 418 0.00 0.92 -6.80
CA GLU C 418 1.36 0.71 -6.41
C GLU C 418 1.98 2.00 -5.95
N ASN C 419 1.68 3.08 -6.65
CA ASN C 419 2.23 4.37 -6.30
C ASN C 419 1.61 4.88 -5.02
N LEU C 420 0.33 4.59 -4.78
CA LEU C 420 -0.30 5.02 -3.54
C LEU C 420 0.43 4.34 -2.39
N ASN C 421 0.69 3.03 -2.53
CA ASN C 421 1.38 2.30 -1.50
C ASN C 421 2.76 2.87 -1.24
N LYS C 422 3.49 3.20 -2.31
CA LYS C 422 4.80 3.78 -2.14
C LYS C 422 4.73 5.09 -1.43
N LYS C 423 3.79 5.94 -1.83
CA LYS C 423 3.66 7.24 -1.24
C LYS C 423 3.37 7.12 0.24
N MET C 424 2.52 6.18 0.62
CA MET C 424 2.20 5.97 2.01
C MET C 424 3.44 5.64 2.79
N GLU C 425 4.27 4.74 2.27
CA GLU C 425 5.50 4.37 2.98
C GLU C 425 6.49 5.50 3.04
N ASP C 426 6.61 6.29 1.99
CA ASP C 426 7.55 7.39 2.00
C ASP C 426 7.08 8.42 2.98
N GLY C 427 5.78 8.62 3.06
CA GLY C 427 5.16 9.56 3.97
C GLY C 427 5.49 9.21 5.40
N PHE C 428 5.28 7.94 5.78
CA PHE C 428 5.55 7.57 7.15
C PHE C 428 7.02 7.62 7.43
N LEU C 429 7.86 7.30 6.46
CA LEU C 429 9.28 7.35 6.68
C LEU C 429 9.73 8.77 6.94
N ASP C 430 9.23 9.75 6.18
CA ASP C 430 9.62 11.12 6.45
C ASP C 430 9.14 11.58 7.81
N VAL C 431 7.97 11.15 8.23
CA VAL C 431 7.48 11.53 9.54
C VAL C 431 8.35 10.98 10.63
N TRP C 432 8.70 9.70 10.55
CA TRP C 432 9.51 9.12 11.59
C TRP C 432 10.93 9.61 11.57
N THR C 433 11.48 9.89 10.40
CA THR C 433 12.84 10.38 10.35
C THR C 433 12.91 11.75 10.95
N TYR C 434 11.96 12.62 10.60
CA TYR C 434 11.94 13.99 11.09
C TYR C 434 11.80 13.98 12.59
N ASN C 435 10.88 13.16 13.11
CA ASN C 435 10.69 13.12 14.53
C ASN C 435 11.90 12.57 15.23
N ALA C 436 12.57 11.56 14.66
CA ALA C 436 13.74 11.01 15.31
C ALA C 436 14.86 12.03 15.39
N GLU C 437 15.02 12.82 14.33
CA GLU C 437 16.06 13.81 14.27
C GLU C 437 15.84 14.92 15.27
N LEU C 438 14.60 15.39 15.40
CA LEU C 438 14.37 16.48 16.33
C LEU C 438 14.26 15.98 17.74
N LEU C 439 13.82 14.76 17.96
CA LEU C 439 13.76 14.31 19.32
C LEU C 439 15.17 14.22 19.83
N VAL C 440 16.10 13.72 19.02
CA VAL C 440 17.46 13.64 19.49
C VAL C 440 18.05 15.03 19.71
N LEU C 441 17.85 15.96 18.79
CA LEU C 441 18.46 17.25 19.00
C LEU C 441 17.85 17.98 20.18
N MET C 442 16.54 17.90 20.35
CA MET C 442 15.91 18.61 21.45
C MET C 442 16.32 18.01 22.78
N GLU C 443 16.44 16.68 22.83
CA GLU C 443 16.82 16.07 24.07
C GLU C 443 18.28 16.32 24.38
N ASN C 444 19.16 16.40 23.38
CA ASN C 444 20.54 16.66 23.69
C ASN C 444 20.71 18.07 24.21
N GLU C 445 19.88 18.99 23.76
CA GLU C 445 19.97 20.35 24.24
C GLU C 445 19.55 20.39 25.71
N ARG C 446 18.50 19.64 26.06
CA ARG C 446 18.04 19.60 27.43
C ARG C 446 19.00 18.85 28.32
N THR C 447 19.66 17.82 27.79
CA THR C 447 20.61 17.03 28.57
C THR C 447 21.78 17.86 28.99
N LEU C 448 22.33 18.63 28.07
CA LEU C 448 23.49 19.39 28.45
C LEU C 448 23.09 20.52 29.38
N ASP C 449 21.91 21.11 29.17
CA ASP C 449 21.45 22.18 30.05
C ASP C 449 21.21 21.62 31.46
N PHE C 450 20.69 20.39 31.54
CA PHE C 450 20.42 19.66 32.76
C PHE C 450 21.68 19.50 33.55
N HIS C 451 22.74 19.05 32.90
CA HIS C 451 23.97 18.85 33.62
C HIS C 451 24.58 20.18 34.08
N ASP C 452 24.47 21.24 33.27
CA ASP C 452 25.03 22.50 33.71
C ASP C 452 24.26 23.02 34.92
N SER C 453 22.96 22.80 34.91
CA SER C 453 22.10 23.20 36.01
C SER C 453 22.46 22.44 37.26
N ASN C 454 22.69 21.14 37.16
CA ASN C 454 23.01 20.35 38.32
C ASN C 454 24.32 20.76 38.99
N VAL C 455 25.35 21.10 38.22
CA VAL C 455 26.57 21.48 38.90
C VAL C 455 26.38 22.84 39.55
N LYS C 456 25.64 23.74 38.88
CA LYS C 456 25.38 25.03 39.47
C LYS C 456 24.57 24.85 40.74
N ASN C 457 23.63 23.92 40.76
CA ASN C 457 22.84 23.71 41.94
C ASN C 457 23.69 23.26 43.10
N LEU C 458 24.75 22.46 42.88
CA LEU C 458 25.58 22.14 44.04
C LEU C 458 26.28 23.38 44.50
N TYR C 459 26.71 24.21 43.58
CA TYR C 459 27.41 25.39 43.98
C TYR C 459 26.57 26.23 44.90
N ASP C 460 25.31 26.43 44.57
CA ASP C 460 24.45 27.23 45.42
C ASP C 460 23.95 26.47 46.64
N LYS C 461 23.75 25.16 46.55
CA LYS C 461 23.32 24.39 47.69
C LYS C 461 24.32 24.56 48.80
N VAL C 462 25.59 24.50 48.43
CA VAL C 462 26.68 24.65 49.35
C VAL C 462 26.86 26.10 49.76
N ARG C 463 26.83 27.04 48.82
CA ARG C 463 27.01 28.44 49.18
C ARG C 463 26.03 28.89 50.25
N MET C 464 24.78 28.46 50.14
CA MET C 464 23.72 28.83 51.06
C MET C 464 23.88 28.23 52.45
N GLN C 465 24.69 27.20 52.58
CA GLN C 465 24.90 26.58 53.87
C GLN C 465 26.14 27.16 54.55
N LEU C 466 27.17 27.43 53.75
CA LEU C 466 28.42 27.97 54.26
C LEU C 466 28.23 29.43 54.65
N ARG C 467 27.35 30.10 53.94
CA ARG C 467 26.97 31.47 54.21
C ARG C 467 28.13 32.43 54.38
N ASP C 468 28.22 33.05 55.55
CA ASP C 468 29.23 34.06 55.81
C ASP C 468 30.54 33.51 56.32
N ASN C 469 30.67 32.20 56.42
CA ASN C 469 31.91 31.66 56.94
C ASN C 469 32.93 31.41 55.84
N VAL C 470 32.55 31.70 54.60
CA VAL C 470 33.45 31.53 53.47
C VAL C 470 33.50 32.73 52.56
N LYS C 471 34.54 32.78 51.77
CA LYS C 471 34.75 33.79 50.75
C LYS C 471 34.51 33.16 49.39
N GLU C 472 33.72 33.82 48.56
CA GLU C 472 33.50 33.27 47.22
C GLU C 472 34.69 33.71 46.39
N LEU C 473 35.35 32.77 45.71
CA LEU C 473 36.54 33.17 44.96
C LEU C 473 36.30 33.55 43.50
N GLY C 474 35.07 33.36 43.03
CA GLY C 474 34.69 33.72 41.68
C GLY C 474 35.02 32.70 40.58
N ASN C 475 35.61 31.58 40.95
CA ASN C 475 36.01 30.54 40.02
C ASN C 475 35.38 29.20 40.34
N GLY C 476 34.26 29.21 41.03
CA GLY C 476 33.59 27.98 41.44
C GLY C 476 34.07 27.35 42.78
N CYS C 477 34.98 28.04 43.54
CA CYS C 477 35.55 27.57 44.81
C CYS C 477 35.22 28.50 45.99
N PHE C 478 35.14 27.90 47.17
CA PHE C 478 34.93 28.63 48.40
C PHE C 478 36.14 28.55 49.33
N GLU C 479 36.56 29.68 49.85
CA GLU C 479 37.67 29.72 50.79
C GLU C 479 37.15 29.87 52.21
N PHE C 480 37.60 29.05 53.12
CA PHE C 480 37.10 29.15 54.48
C PHE C 480 37.86 30.17 55.25
N TYR C 481 37.14 30.96 56.07
CA TYR C 481 37.87 31.90 56.89
C TYR C 481 38.46 31.15 58.06
N HIS C 482 37.69 30.21 58.58
CA HIS C 482 38.09 29.41 59.72
C HIS C 482 38.87 28.22 59.24
N LYS C 483 39.62 27.59 60.11
CA LYS C 483 40.26 26.38 59.65
C LYS C 483 39.18 25.30 59.52
N CYS C 484 39.21 24.55 58.41
CA CYS C 484 38.29 23.46 58.08
C CYS C 484 39.11 22.20 57.78
N ASP C 485 39.03 21.25 58.68
CA ASP C 485 39.75 19.98 58.70
C ASP C 485 39.01 18.91 57.91
N ASP C 486 39.47 17.67 57.94
CA ASP C 486 38.83 16.67 57.11
C ASP C 486 37.44 16.29 57.60
N GLU C 487 37.21 16.40 58.90
CA GLU C 487 35.86 16.11 59.42
C GLU C 487 34.87 17.20 58.96
N CYS C 488 35.31 18.50 58.96
CA CYS C 488 34.59 19.67 58.45
C CYS C 488 34.29 19.47 56.96
N MET C 489 35.29 19.09 56.18
CA MET C 489 35.03 18.91 54.77
C MET C 489 34.02 17.81 54.55
N ASN C 490 34.03 16.75 55.37
CA ASN C 490 33.05 15.70 55.18
C ASN C 490 31.64 16.21 55.46
N SER C 491 31.52 17.06 56.49
CA SER C 491 30.27 17.67 56.90
C SER C 491 29.76 18.59 55.80
N VAL C 492 30.65 19.36 55.18
CA VAL C 492 30.21 20.24 54.12
C VAL C 492 29.75 19.42 52.93
N LYS C 493 30.53 18.40 52.54
CA LYS C 493 30.21 17.61 51.37
C LYS C 493 28.86 16.89 51.41
N ASN C 494 28.38 16.37 52.59
CA ASN C 494 27.06 15.73 52.70
C ASN C 494 25.94 16.67 53.23
N GLY C 495 26.19 18.01 53.31
CA GLY C 495 25.21 19.01 53.72
C GLY C 495 24.89 19.10 55.21
N THR C 496 25.80 18.72 56.09
CA THR C 496 25.54 18.75 57.52
C THR C 496 26.37 19.82 58.23
N TYR C 497 26.97 20.73 57.48
CA TYR C 497 27.81 21.76 58.07
C TYR C 497 27.04 22.59 59.08
N ASP C 498 27.65 22.72 60.24
CA ASP C 498 27.10 23.48 61.35
C ASP C 498 27.57 24.91 61.29
N TYR C 499 26.76 25.80 60.73
CA TYR C 499 27.21 27.17 60.57
C TYR C 499 27.63 27.84 61.90
N PRO C 500 26.78 27.90 62.96
CA PRO C 500 27.09 28.56 64.23
C PRO C 500 28.42 28.18 64.88
N LYS C 501 28.81 26.91 64.76
CA LYS C 501 30.06 26.49 65.37
C LYS C 501 31.29 27.15 64.79
N TYR C 502 31.18 27.68 63.60
CA TYR C 502 32.32 28.25 62.96
C TYR C 502 32.27 29.76 62.83
N GLU C 503 31.40 30.44 63.58
CA GLU C 503 31.39 31.90 63.44
C GLU C 503 32.52 32.51 64.27
N GLU C 504 33.73 32.34 63.75
CA GLU C 504 34.98 32.75 64.40
C GLU C 504 36.06 33.00 63.32
N GLU C 505 37.24 33.44 63.76
CA GLU C 505 38.42 33.71 62.90
C GLU C 505 38.17 34.70 61.74
N SER C 506 37.38 35.78 62.00
CA SER C 506 37.02 36.84 61.06
C SER C 506 36.35 37.95 61.85
N ASP D 16 32.44 54.70 38.08
CA ASP D 16 31.50 54.70 39.17
C ASP D 16 30.48 53.57 39.09
N GLN D 17 29.74 53.44 37.97
CA GLN D 17 28.69 52.41 37.79
C GLN D 17 28.71 51.70 36.46
N ILE D 18 28.53 50.38 36.52
CA ILE D 18 28.38 49.61 35.29
C ILE D 18 27.09 48.80 35.40
N CYS D 19 26.24 48.81 34.36
CA CYS D 19 24.98 48.07 34.29
C CYS D 19 25.04 47.01 33.21
N ILE D 20 24.32 45.92 33.44
CA ILE D 20 24.16 44.86 32.47
C ILE D 20 22.74 44.78 32.03
N GLY D 21 22.52 44.83 30.73
CA GLY D 21 21.18 44.86 30.20
C GLY D 21 21.10 44.35 28.79
N TYR D 22 19.99 44.61 28.14
CA TYR D 22 19.76 44.10 26.82
C TYR D 22 18.98 45.01 25.91
N HIS D 23 19.14 44.72 24.64
CA HIS D 23 18.58 45.37 23.48
C HIS D 23 17.08 45.40 23.44
N ALA D 24 16.57 46.54 23.01
CA ALA D 24 15.17 46.76 22.80
C ALA D 24 15.10 47.64 21.60
N ASN D 25 14.00 47.61 20.89
CA ASN D 25 13.89 48.41 19.69
C ASN D 25 12.42 48.82 19.54
N ASN D 26 12.03 49.25 18.33
CA ASN D 26 10.69 49.72 17.96
C ASN D 26 9.85 48.63 17.22
N SER D 27 10.28 47.33 17.24
CA SER D 27 9.62 46.19 16.60
C SER D 27 8.25 45.89 17.15
N THR D 28 7.36 45.52 16.24
CA THR D 28 6.00 45.14 16.52
C THR D 28 5.74 43.70 16.10
N GLU D 29 6.81 42.95 15.84
CA GLU D 29 6.64 41.55 15.43
C GLU D 29 6.16 40.76 16.61
N LYS D 30 5.22 39.84 16.41
CA LYS D 30 4.76 39.06 17.55
C LYS D 30 4.80 37.57 17.30
N VAL D 31 5.04 36.84 18.36
CA VAL D 31 5.06 35.40 18.30
C VAL D 31 4.22 34.77 19.39
N ASP D 32 3.84 33.52 19.21
CA ASP D 32 3.20 32.81 20.29
C ASP D 32 4.20 31.84 20.86
N THR D 33 4.01 31.48 22.10
CA THR D 33 4.87 30.52 22.76
C THR D 33 3.96 29.52 23.41
N ILE D 34 4.49 28.51 24.04
CA ILE D 34 3.58 27.56 24.61
C ILE D 34 2.86 28.20 25.82
N LEU D 35 3.56 29.04 26.61
CA LEU D 35 2.94 29.67 27.79
C LEU D 35 2.27 31.03 27.54
N GLU D 36 2.72 31.77 26.53
CA GLU D 36 2.27 33.13 26.25
C GLU D 36 1.67 33.31 24.87
N ARG D 37 0.89 34.35 24.70
CA ARG D 37 0.34 34.64 23.37
C ARG D 37 0.64 36.10 23.05
N ASN D 38 0.85 36.42 21.73
CA ASN D 38 1.10 37.77 21.20
C ASN D 38 2.27 38.50 21.90
N VAL D 39 3.43 37.82 22.02
CA VAL D 39 4.64 38.34 22.63
C VAL D 39 5.41 39.15 21.63
N THR D 40 5.70 40.40 21.93
CA THR D 40 6.40 41.21 20.96
C THR D 40 7.87 40.89 21.07
N VAL D 41 8.54 40.71 19.95
CA VAL D 41 9.96 40.38 19.93
C VAL D 41 10.74 41.36 19.07
N THR D 42 12.04 41.47 19.34
CA THR D 42 12.89 42.40 18.60
C THR D 42 13.17 41.96 17.17
N HIS D 43 13.21 40.64 16.98
CA HIS D 43 13.48 40.03 15.69
C HIS D 43 12.67 38.74 15.56
N ALA D 44 12.21 38.43 14.35
CA ALA D 44 11.47 37.20 14.12
C ALA D 44 11.61 36.73 12.68
N LYS D 45 11.39 35.44 12.46
CA LYS D 45 11.42 34.87 11.13
C LYS D 45 10.17 34.08 10.80
N ASP D 46 9.55 34.44 9.70
CA ASP D 46 8.36 33.77 9.22
C ASP D 46 8.80 32.58 8.37
N ILE D 47 8.40 31.37 8.76
CA ILE D 47 8.85 30.17 8.06
C ILE D 47 7.74 29.52 7.23
N LEU D 48 6.62 30.23 7.05
CA LEU D 48 5.51 29.75 6.24
C LEU D 48 5.33 30.64 5.02
N GLU D 49 5.40 30.06 3.84
CA GLU D 49 5.23 30.82 2.62
C GLU D 49 3.78 30.98 2.24
N LYS D 50 3.34 32.21 2.16
CA LYS D 50 1.95 32.50 1.87
C LYS D 50 1.67 33.10 0.49
N THR D 51 2.70 33.54 -0.25
CA THR D 51 2.41 34.22 -1.52
C THR D 51 2.98 33.57 -2.77
N HIS D 52 2.11 33.39 -3.74
CA HIS D 52 2.49 32.87 -5.04
C HIS D 52 2.40 34.00 -6.05
N ASN D 53 2.77 33.77 -7.31
CA ASN D 53 2.70 34.89 -8.26
C ASN D 53 1.46 34.99 -9.16
N GLY D 54 0.47 34.14 -8.99
CA GLY D 54 -0.74 34.20 -9.80
C GLY D 54 -0.61 33.66 -11.24
N LYS D 55 0.55 33.12 -11.61
CA LYS D 55 0.78 32.68 -12.98
C LYS D 55 1.15 31.23 -13.14
N LEU D 56 0.86 30.69 -14.31
CA LEU D 56 1.31 29.35 -14.63
C LEU D 56 2.61 29.54 -15.41
N CYS D 57 3.73 29.05 -14.85
CA CYS D 57 5.11 29.21 -15.29
C CYS D 57 5.67 27.96 -15.94
N LYS D 58 6.72 28.15 -16.72
CA LYS D 58 7.48 27.07 -17.29
C LYS D 58 8.15 26.43 -16.09
N LEU D 59 8.26 25.13 -16.07
CA LEU D 59 8.87 24.47 -14.91
C LEU D 59 10.26 24.01 -15.30
N ASN D 60 11.26 24.51 -14.58
CA ASN D 60 12.66 24.22 -14.87
C ASN D 60 13.02 24.63 -16.30
N GLY D 61 12.42 25.71 -16.78
CA GLY D 61 12.67 26.26 -18.10
C GLY D 61 11.89 25.60 -19.23
N ILE D 62 11.12 24.55 -18.93
CA ILE D 62 10.39 23.83 -19.94
C ILE D 62 8.89 24.13 -19.82
N PRO D 63 8.23 24.63 -20.87
CA PRO D 63 6.82 24.93 -20.86
C PRO D 63 5.98 23.70 -20.59
N PRO D 64 4.77 23.85 -20.07
CA PRO D 64 3.76 22.85 -19.92
C PRO D 64 3.12 22.51 -21.25
N LEU D 65 2.40 21.40 -21.30
CA LEU D 65 1.60 21.07 -22.45
C LEU D 65 0.26 21.69 -22.21
N GLU D 66 -0.13 22.61 -23.04
CA GLU D 66 -1.40 23.25 -22.82
C GLU D 66 -2.43 22.61 -23.72
N LEU D 67 -3.36 21.87 -23.14
CA LEU D 67 -4.35 21.15 -23.93
C LEU D 67 -5.47 22.07 -24.37
N GLY D 68 -5.57 23.22 -23.75
CA GLY D 68 -6.66 24.10 -24.08
C GLY D 68 -7.95 23.40 -23.71
N ASP D 69 -8.85 23.25 -24.66
CA ASP D 69 -10.12 22.61 -24.39
C ASP D 69 -10.17 21.08 -24.58
N CYS D 70 -9.02 20.43 -24.92
CA CYS D 70 -8.88 19.00 -25.19
C CYS D 70 -8.63 18.18 -23.93
N SER D 71 -9.15 16.97 -23.95
CA SER D 71 -8.88 15.98 -22.93
C SER D 71 -7.73 15.14 -23.40
N ILE D 72 -7.20 14.30 -22.53
CA ILE D 72 -6.12 13.42 -22.94
C ILE D 72 -6.60 12.47 -24.03
N ALA D 73 -7.80 11.90 -23.90
CA ALA D 73 -8.27 11.01 -24.94
C ALA D 73 -8.44 11.72 -26.27
N GLY D 74 -8.92 12.96 -26.25
CA GLY D 74 -9.10 13.71 -27.48
C GLY D 74 -7.78 13.92 -28.15
N TRP D 75 -6.78 14.25 -27.36
CA TRP D 75 -5.45 14.49 -27.85
C TRP D 75 -4.83 13.27 -28.52
N LEU D 76 -4.85 12.14 -27.84
CA LEU D 76 -4.19 10.95 -28.35
C LEU D 76 -4.94 10.30 -29.50
N LEU D 77 -6.26 10.41 -29.52
CA LEU D 77 -7.02 9.82 -30.61
C LEU D 77 -6.99 10.72 -31.82
N GLY D 78 -6.83 12.02 -31.62
CA GLY D 78 -6.81 12.92 -32.74
C GLY D 78 -8.16 13.56 -33.01
N ASN D 79 -8.88 13.92 -31.97
CA ASN D 79 -10.13 14.63 -32.15
C ASN D 79 -9.83 15.77 -33.11
N PRO D 80 -10.59 15.96 -34.19
CA PRO D 80 -10.37 17.00 -35.20
C PRO D 80 -10.30 18.42 -34.63
N GLU D 81 -10.83 18.64 -33.44
CA GLU D 81 -10.76 19.98 -32.86
C GLU D 81 -9.44 20.24 -32.05
N CYS D 82 -8.54 19.23 -31.97
CA CYS D 82 -7.28 19.17 -31.25
C CYS D 82 -6.12 19.16 -32.26
N ASP D 83 -6.32 19.74 -33.44
CA ASP D 83 -5.27 19.74 -34.46
C ASP D 83 -3.99 20.42 -34.03
N ARG D 84 -4.11 21.39 -33.15
CA ARG D 84 -2.96 22.12 -32.63
C ARG D 84 -2.04 21.25 -31.78
N LEU D 85 -2.53 20.07 -31.38
CA LEU D 85 -1.79 19.12 -30.57
C LEU D 85 -1.26 17.92 -31.35
N LEU D 86 -1.33 17.97 -32.69
CA LEU D 86 -0.84 16.83 -33.47
C LEU D 86 0.67 16.64 -33.33
N SER D 87 1.40 17.73 -33.12
CA SER D 87 2.84 17.67 -32.89
C SER D 87 3.12 18.49 -31.66
N VAL D 88 3.54 17.81 -30.59
CA VAL D 88 3.72 18.47 -29.31
C VAL D 88 5.18 18.40 -28.83
N PRO D 89 5.84 19.54 -28.57
CA PRO D 89 7.19 19.65 -28.10
C PRO D 89 7.23 19.23 -26.65
N GLU D 90 8.41 18.94 -26.14
CA GLU D 90 8.59 18.49 -24.77
C GLU D 90 7.94 19.40 -23.76
N TRP D 91 7.28 18.76 -22.79
CA TRP D 91 6.60 19.48 -21.74
C TRP D 91 7.05 19.07 -20.36
N SER D 92 6.94 20.03 -19.44
CA SER D 92 7.26 19.85 -18.03
C SER D 92 6.13 19.40 -17.13
N TYR D 93 4.90 19.62 -17.56
CA TYR D 93 3.66 19.22 -16.87
C TYR D 93 2.54 19.36 -17.88
N ILE D 94 1.38 18.79 -17.59
CA ILE D 94 0.23 18.96 -18.48
C ILE D 94 -0.85 19.80 -17.86
N MET D 95 -1.33 20.78 -18.58
CA MET D 95 -2.43 21.59 -18.08
C MET D 95 -3.72 21.16 -18.74
N GLU D 96 -4.51 20.45 -17.97
CA GLU D 96 -5.75 19.93 -18.49
C GLU D 96 -6.86 20.74 -17.89
N LYS D 97 -7.77 21.20 -18.70
CA LYS D 97 -8.86 21.97 -18.19
C LYS D 97 -9.79 21.00 -17.49
N GLU D 98 -10.35 21.38 -16.37
CA GLU D 98 -11.30 20.48 -15.74
C GLU D 98 -12.54 20.51 -16.59
N ASN D 99 -13.16 19.36 -16.83
CA ASN D 99 -14.34 19.28 -17.68
C ASN D 99 -14.09 19.86 -19.07
N PRO D 100 -13.14 19.29 -19.84
CA PRO D 100 -12.74 19.72 -21.17
C PRO D 100 -13.84 19.41 -22.15
N ARG D 101 -13.85 20.11 -23.27
CA ARG D 101 -14.87 19.92 -24.30
C ARG D 101 -14.54 18.87 -25.34
N ASP D 102 -13.30 18.86 -25.80
CA ASP D 102 -12.91 18.05 -26.94
C ASP D 102 -12.30 16.72 -26.50
N GLY D 103 -13.11 15.69 -26.51
CA GLY D 103 -12.73 14.37 -26.04
C GLY D 103 -13.17 13.34 -27.04
N LEU D 104 -13.98 12.42 -26.62
CA LEU D 104 -14.43 11.40 -27.54
C LEU D 104 -15.63 11.94 -28.31
N CYS D 105 -15.38 12.66 -29.45
CA CYS D 105 -16.41 13.27 -30.31
C CYS D 105 -17.42 12.22 -30.76
N TYR D 106 -16.90 11.10 -31.20
CA TYR D 106 -17.77 10.02 -31.50
C TYR D 106 -17.97 9.48 -30.10
N PRO D 107 -19.18 9.38 -29.56
CA PRO D 107 -19.40 9.03 -28.19
C PRO D 107 -18.86 7.67 -27.93
N GLY D 108 -18.39 7.47 -26.73
CA GLY D 108 -17.82 6.19 -26.39
C GLY D 108 -17.24 6.23 -25.00
N SER D 109 -16.31 5.33 -24.76
CA SER D 109 -15.67 5.20 -23.47
C SER D 109 -14.23 4.82 -23.68
N PHE D 110 -13.40 5.03 -22.68
CA PHE D 110 -12.00 4.69 -22.81
C PHE D 110 -11.64 3.87 -21.58
N ASN D 111 -11.18 2.65 -21.78
CA ASN D 111 -10.85 1.75 -20.70
C ASN D 111 -9.53 2.09 -20.09
N ASP D 112 -9.43 1.91 -18.77
CA ASP D 112 -8.19 2.16 -18.06
C ASP D 112 -7.66 3.53 -18.37
N TYR D 113 -8.56 4.50 -18.39
CA TYR D 113 -8.22 5.85 -18.71
C TYR D 113 -7.45 6.48 -17.58
N GLU D 114 -7.81 6.19 -16.35
CA GLU D 114 -7.12 6.75 -15.21
C GLU D 114 -5.69 6.21 -15.15
N GLU D 115 -5.50 4.93 -15.49
CA GLU D 115 -4.16 4.37 -15.54
C GLU D 115 -3.36 5.02 -16.64
N LEU D 116 -4.00 5.35 -17.77
CA LEU D 116 -3.28 6.03 -18.83
C LEU D 116 -2.88 7.42 -18.39
N LYS D 117 -3.78 8.15 -17.75
CA LYS D 117 -3.42 9.48 -17.30
C LYS D 117 -2.25 9.42 -16.32
N HIS D 118 -2.24 8.40 -15.47
CA HIS D 118 -1.15 8.18 -14.53
C HIS D 118 0.13 7.89 -15.32
N LEU D 119 0.04 7.03 -16.33
CA LEU D 119 1.20 6.70 -17.14
C LEU D 119 1.82 7.91 -17.76
N LEU D 120 0.99 8.83 -18.24
CA LEU D 120 1.49 10.01 -18.92
C LEU D 120 2.16 11.00 -17.99
N SER D 121 2.05 10.79 -16.69
CA SER D 121 2.68 11.67 -15.74
C SER D 121 4.17 11.50 -15.89
N SER D 122 4.69 10.29 -15.72
CA SER D 122 6.13 10.10 -15.86
C SER D 122 6.54 9.83 -17.30
N VAL D 123 6.24 10.78 -18.18
CA VAL D 123 6.55 10.66 -19.60
C VAL D 123 7.24 11.85 -20.22
N LYS D 124 6.65 13.03 -20.09
CA LYS D 124 7.11 14.22 -20.82
C LYS D 124 7.08 13.94 -22.32
N HIS D 125 8.10 14.26 -23.07
CA HIS D 125 7.96 14.09 -24.52
C HIS D 125 7.79 12.65 -25.02
N PHE D 126 7.02 12.53 -26.10
CA PHE D 126 6.87 11.29 -26.86
C PHE D 126 6.68 11.57 -28.35
N GLU D 127 7.08 10.60 -29.16
CA GLU D 127 7.01 10.69 -30.61
C GLU D 127 5.90 9.91 -31.25
N LYS D 128 5.13 10.56 -32.10
CA LYS D 128 4.09 9.82 -32.79
C LYS D 128 4.74 9.10 -33.97
N VAL D 129 4.54 7.79 -34.03
CA VAL D 129 5.14 6.91 -35.03
C VAL D 129 4.08 6.20 -35.85
N LYS D 130 4.20 6.23 -37.16
CA LYS D 130 3.19 5.53 -37.95
C LYS D 130 3.48 4.03 -37.85
N ILE D 131 2.48 3.25 -37.44
CA ILE D 131 2.66 1.82 -37.27
C ILE D 131 1.92 0.99 -38.31
N LEU D 132 0.71 1.40 -38.64
CA LEU D 132 -0.16 0.69 -39.57
C LEU D 132 -0.74 1.67 -40.57
N PRO D 133 0.02 2.14 -41.56
CA PRO D 133 -0.35 3.21 -42.45
C PRO D 133 -1.72 2.94 -43.01
N LYS D 134 -2.55 3.95 -43.10
CA LYS D 134 -3.91 3.77 -43.57
C LYS D 134 -4.02 3.05 -44.90
N ASP D 135 -3.10 3.33 -45.80
CA ASP D 135 -3.15 2.79 -47.15
C ASP D 135 -2.77 1.31 -47.23
N ARG D 136 -2.36 0.71 -46.12
CA ARG D 136 -2.00 -0.70 -46.15
C ARG D 136 -3.27 -1.52 -46.12
N TRP D 137 -4.38 -0.90 -45.73
CA TRP D 137 -5.59 -1.66 -45.55
C TRP D 137 -6.33 -1.83 -46.86
N THR D 138 -5.74 -2.62 -47.72
CA THR D 138 -6.34 -2.81 -49.00
C THR D 138 -7.49 -3.72 -48.76
N GLN D 139 -8.42 -3.73 -49.69
CA GLN D 139 -9.64 -4.54 -49.60
C GLN D 139 -10.57 -4.07 -48.48
N HIS D 140 -10.33 -2.90 -47.90
CA HIS D 140 -11.21 -2.31 -46.89
C HIS D 140 -11.46 -0.87 -47.20
N THR D 141 -12.54 -0.34 -46.67
CA THR D 141 -12.84 1.05 -46.79
C THR D 141 -12.24 1.75 -45.58
N THR D 142 -11.42 2.76 -45.84
CA THR D 142 -10.70 3.52 -44.81
C THR D 142 -11.13 4.97 -44.77
N THR D 143 -12.25 5.25 -45.41
CA THR D 143 -12.79 6.58 -45.61
C THR D 143 -14.09 6.86 -44.89
N GLY D 144 -14.38 6.13 -43.83
CA GLY D 144 -15.63 6.35 -43.12
C GLY D 144 -15.49 7.57 -42.21
N GLY D 145 -16.57 7.91 -41.52
CA GLY D 145 -16.56 9.07 -40.66
C GLY D 145 -17.96 9.35 -40.17
N SER D 146 -18.10 10.39 -39.39
CA SER D 146 -19.39 10.77 -38.82
C SER D 146 -19.56 12.25 -38.61
N ARG D 147 -20.81 12.68 -38.63
CA ARG D 147 -21.12 14.08 -38.40
C ARG D 147 -20.70 14.51 -37.01
N ALA D 148 -20.61 13.56 -36.08
CA ALA D 148 -20.22 13.86 -34.70
C ALA D 148 -18.83 14.52 -34.57
N CYS D 149 -17.88 14.17 -35.46
CA CYS D 149 -16.49 14.62 -35.47
C CYS D 149 -16.28 15.55 -36.67
N ALA D 150 -17.37 16.04 -37.25
CA ALA D 150 -17.28 16.82 -38.48
C ALA D 150 -16.47 18.09 -38.35
N VAL D 151 -15.79 18.40 -39.45
CA VAL D 151 -14.99 19.58 -39.57
C VAL D 151 -15.56 20.40 -40.69
N SER D 152 -16.01 21.62 -40.38
CA SER D 152 -16.64 22.46 -41.39
C SER D 152 -17.80 21.73 -42.07
N GLY D 153 -18.63 21.07 -41.27
CA GLY D 153 -19.81 20.35 -41.76
C GLY D 153 -19.50 18.93 -42.19
N ASN D 154 -18.47 18.79 -43.00
CA ASN D 154 -18.04 17.52 -43.55
C ASN D 154 -17.74 16.47 -42.46
N PRO D 155 -18.37 15.28 -42.51
CA PRO D 155 -18.16 14.20 -41.56
C PRO D 155 -16.70 13.87 -41.51
N SER D 156 -16.21 13.50 -40.34
CA SER D 156 -14.80 13.17 -40.21
C SER D 156 -14.59 12.18 -39.10
N PHE D 157 -13.36 12.00 -38.69
CA PHE D 157 -13.09 11.00 -37.67
C PHE D 157 -11.82 11.34 -36.91
N PHE D 158 -11.49 10.52 -35.94
CA PHE D 158 -10.30 10.74 -35.15
C PHE D 158 -9.13 10.62 -36.11
N ARG D 159 -8.21 11.57 -36.06
CA ARG D 159 -7.14 11.58 -37.02
C ARG D 159 -6.06 10.53 -36.86
N ASN D 160 -5.89 9.94 -35.68
CA ASN D 160 -4.84 8.95 -35.55
C ASN D 160 -5.40 7.54 -35.67
N MET D 161 -6.69 7.42 -36.05
CA MET D 161 -7.39 6.14 -36.11
C MET D 161 -7.99 5.83 -37.49
N VAL D 162 -8.06 4.55 -37.83
CA VAL D 162 -8.65 4.12 -39.07
C VAL D 162 -9.90 3.30 -38.82
N TRP D 163 -11.03 3.77 -39.32
CA TRP D 163 -12.26 3.05 -39.12
C TRP D 163 -12.44 2.10 -40.27
N LEU D 164 -12.30 0.80 -40.06
CA LEU D 164 -12.35 -0.12 -41.19
C LEU D 164 -13.72 -0.65 -41.40
N THR D 165 -14.28 -0.39 -42.58
CA THR D 165 -15.63 -0.81 -42.94
C THR D 165 -15.65 -1.58 -44.27
N LYS D 166 -16.84 -2.08 -44.58
CA LYS D 166 -17.03 -2.92 -45.79
C LYS D 166 -16.65 -2.18 -47.06
N LYS D 167 -16.05 -2.91 -47.99
CA LYS D 167 -15.66 -2.39 -49.29
C LYS D 167 -16.33 -3.22 -50.36
N GLY D 168 -17.01 -2.57 -51.31
CA GLY D 168 -17.72 -3.40 -52.25
C GLY D 168 -18.78 -4.11 -51.43
N SER D 169 -18.80 -5.43 -51.47
CA SER D 169 -19.77 -6.22 -50.72
C SER D 169 -19.09 -7.12 -49.67
N ASN D 170 -17.82 -6.87 -49.36
CA ASN D 170 -17.11 -7.75 -48.44
C ASN D 170 -16.31 -7.08 -47.33
N TYR D 171 -16.11 -7.86 -46.28
CA TYR D 171 -15.25 -7.47 -45.17
C TYR D 171 -14.28 -8.62 -44.90
N PRO D 172 -13.17 -8.71 -45.64
CA PRO D 172 -12.18 -9.75 -45.51
C PRO D 172 -11.65 -9.65 -44.12
N VAL D 173 -11.15 -10.73 -43.56
CA VAL D 173 -10.66 -10.57 -42.20
C VAL D 173 -9.54 -9.55 -42.25
N ALA D 174 -9.64 -8.57 -41.37
CA ALA D 174 -8.71 -7.49 -41.28
C ALA D 174 -7.56 -7.90 -40.42
N LYS D 175 -6.36 -7.80 -40.96
CA LYS D 175 -5.20 -8.19 -40.18
C LYS D 175 -4.09 -7.20 -40.32
N GLY D 176 -3.26 -7.14 -39.30
CA GLY D 176 -2.04 -6.35 -39.35
C GLY D 176 -1.28 -6.51 -38.07
N SER D 177 -0.05 -6.06 -38.06
CA SER D 177 0.74 -6.19 -36.87
C SER D 177 1.86 -5.19 -36.87
N TYR D 178 2.45 -5.00 -35.72
CA TYR D 178 3.60 -4.14 -35.63
C TYR D 178 4.64 -4.65 -34.62
N ASN D 179 5.91 -4.71 -35.06
CA ASN D 179 7.08 -5.08 -34.26
C ASN D 179 7.72 -3.80 -33.73
N ASN D 180 7.86 -3.66 -32.38
CA ASN D 180 8.40 -2.43 -31.80
C ASN D 180 9.90 -2.37 -31.90
N THR D 181 10.33 -1.75 -32.98
CA THR D 181 11.73 -1.55 -33.31
C THR D 181 12.01 -0.05 -33.25
N SER D 182 11.09 0.72 -32.64
CA SER D 182 11.15 2.19 -32.57
C SER D 182 12.24 2.74 -31.67
N GLY D 183 12.77 1.92 -30.81
CA GLY D 183 13.81 2.27 -29.86
C GLY D 183 13.34 2.41 -28.41
N GLU D 184 12.04 2.50 -28.17
CA GLU D 184 11.52 2.62 -26.81
C GLU D 184 10.08 2.09 -26.72
N GLN D 185 9.66 1.75 -25.51
CA GLN D 185 8.32 1.24 -25.21
C GLN D 185 7.27 2.14 -25.82
N MET D 186 6.30 1.50 -26.49
CA MET D 186 5.26 2.23 -27.21
C MET D 186 3.82 2.08 -26.74
N LEU D 187 3.10 3.18 -26.76
CA LEU D 187 1.68 3.20 -26.43
C LEU D 187 0.79 3.02 -27.64
N ILE D 188 -0.05 2.00 -27.60
CA ILE D 188 -0.95 1.71 -28.70
C ILE D 188 -2.39 1.72 -28.24
N ILE D 189 -3.21 2.49 -28.94
CA ILE D 189 -4.63 2.67 -28.67
C ILE D 189 -5.49 2.13 -29.81
N TRP D 190 -6.53 1.37 -29.51
CA TRP D 190 -7.39 0.83 -30.56
C TRP D 190 -8.78 0.75 -30.03
N GLY D 191 -9.77 0.48 -30.88
CA GLY D 191 -11.09 0.34 -30.31
C GLY D 191 -12.08 -0.50 -31.09
N VAL D 192 -13.26 -0.63 -30.52
CA VAL D 192 -14.35 -1.43 -31.07
C VAL D 192 -15.63 -0.63 -31.23
N HIS D 193 -16.21 -0.70 -32.40
CA HIS D 193 -17.49 -0.04 -32.64
C HIS D 193 -18.64 -0.90 -32.12
N HIS D 194 -19.56 -0.26 -31.42
CA HIS D 194 -20.76 -0.89 -30.87
C HIS D 194 -22.02 -0.24 -31.46
N PRO D 195 -22.65 -0.83 -32.48
CA PRO D 195 -23.80 -0.35 -33.21
C PRO D 195 -25.03 -0.22 -32.35
N ASN D 196 -25.93 0.66 -32.77
CA ASN D 196 -27.21 0.85 -32.13
C ASN D 196 -28.10 -0.33 -32.51
N ASP D 197 -27.96 -0.81 -33.75
CA ASP D 197 -28.77 -1.95 -34.19
C ASP D 197 -28.09 -2.82 -35.26
N GLU D 198 -28.79 -3.89 -35.64
CA GLU D 198 -28.33 -4.84 -36.64
C GLU D 198 -28.24 -4.27 -38.02
N THR D 199 -29.11 -3.34 -38.37
CA THR D 199 -29.07 -2.74 -39.68
C THR D 199 -27.75 -2.01 -39.82
N GLU D 200 -27.37 -1.24 -38.79
CA GLU D 200 -26.10 -0.52 -38.80
C GLU D 200 -24.93 -1.49 -38.90
N GLN D 201 -24.99 -2.59 -38.17
CA GLN D 201 -23.92 -3.57 -38.21
C GLN D 201 -23.74 -4.16 -39.58
N ARG D 202 -24.84 -4.48 -40.25
CA ARG D 202 -24.71 -5.05 -41.57
C ARG D 202 -24.27 -4.03 -42.59
N THR D 203 -24.78 -2.82 -42.49
CA THR D 203 -24.45 -1.78 -43.44
C THR D 203 -22.96 -1.48 -43.42
N LEU D 204 -22.38 -1.42 -42.22
CA LEU D 204 -20.97 -1.13 -42.09
C LEU D 204 -20.03 -2.33 -42.22
N TYR D 205 -20.41 -3.51 -41.72
CA TYR D 205 -19.46 -4.62 -41.71
C TYR D 205 -19.86 -5.91 -42.44
N GLN D 206 -21.07 -5.98 -43.02
CA GLN D 206 -21.63 -7.16 -43.69
C GLN D 206 -21.99 -8.30 -42.72
N ASN D 207 -21.03 -8.78 -41.96
CA ASN D 207 -21.29 -9.83 -40.99
C ASN D 207 -21.77 -9.22 -39.70
N VAL D 208 -22.50 -10.02 -38.93
CA VAL D 208 -22.97 -9.65 -37.62
C VAL D 208 -22.19 -10.36 -36.53
N GLY D 209 -21.86 -11.62 -36.74
CA GLY D 209 -21.17 -12.40 -35.71
C GLY D 209 -19.68 -12.09 -35.70
N THR D 210 -19.34 -10.84 -35.42
CA THR D 210 -17.98 -10.38 -35.52
C THR D 210 -17.26 -10.33 -34.19
N TYR D 211 -15.94 -10.20 -34.28
CA TYR D 211 -15.09 -10.04 -33.13
C TYR D 211 -13.85 -9.25 -33.48
N VAL D 212 -13.23 -8.72 -32.44
CA VAL D 212 -11.95 -8.05 -32.53
C VAL D 212 -10.95 -8.69 -31.55
N SER D 213 -9.81 -9.10 -32.06
CA SER D 213 -8.78 -9.76 -31.27
C SER D 213 -7.44 -9.08 -31.36
N VAL D 214 -6.90 -8.71 -30.20
CA VAL D 214 -5.63 -8.02 -30.13
C VAL D 214 -4.70 -8.68 -29.12
N GLY D 215 -3.44 -8.83 -29.48
CA GLY D 215 -2.53 -9.37 -28.49
C GLY D 215 -1.03 -9.19 -28.75
N THR D 216 -0.27 -9.40 -27.69
CA THR D 216 1.18 -9.25 -27.60
C THR D 216 1.68 -10.44 -26.80
N SER D 217 2.92 -10.42 -26.32
CA SER D 217 3.36 -11.56 -25.53
C SER D 217 2.67 -11.60 -24.16
N THR D 218 2.07 -10.48 -23.74
CA THR D 218 1.38 -10.38 -22.46
C THR D 218 -0.12 -10.09 -22.57
N LEU D 219 -0.54 -9.51 -23.69
CA LEU D 219 -1.93 -9.12 -23.90
C LEU D 219 -2.68 -10.15 -24.70
N ASN D 220 -3.83 -10.56 -24.19
CA ASN D 220 -4.70 -11.51 -24.88
C ASN D 220 -6.13 -11.02 -24.77
N LYS D 221 -6.49 -10.06 -25.59
CA LYS D 221 -7.79 -9.44 -25.47
C LYS D 221 -8.70 -9.75 -26.63
N ARG D 222 -9.88 -10.29 -26.34
CA ARG D 222 -10.82 -10.54 -27.40
C ARG D 222 -12.18 -10.09 -26.97
N SER D 223 -12.87 -9.38 -27.85
CA SER D 223 -14.18 -8.89 -27.55
C SER D 223 -15.07 -8.89 -28.76
N THR D 224 -16.37 -8.80 -28.52
CA THR D 224 -17.32 -8.74 -29.59
C THR D 224 -18.13 -7.48 -29.42
N PRO D 225 -18.69 -6.90 -30.47
CA PRO D 225 -19.56 -5.76 -30.41
C PRO D 225 -20.80 -6.08 -29.64
N ASP D 226 -21.24 -5.11 -28.87
CA ASP D 226 -22.47 -5.24 -28.12
C ASP D 226 -23.54 -4.41 -28.79
N ILE D 227 -24.40 -5.04 -29.58
CA ILE D 227 -25.41 -4.30 -30.30
C ILE D 227 -26.60 -4.08 -29.42
N ALA D 228 -26.96 -2.82 -29.21
CA ALA D 228 -28.09 -2.51 -28.36
C ALA D 228 -28.59 -1.12 -28.59
N THR D 229 -29.86 -0.88 -28.35
CA THR D 229 -30.34 0.49 -28.43
C THR D 229 -29.83 1.26 -27.24
N ARG D 230 -29.28 2.43 -27.52
CA ARG D 230 -28.74 3.28 -26.46
C ARG D 230 -29.26 4.70 -26.62
N PRO D 231 -29.32 5.52 -25.55
CA PRO D 231 -29.63 6.93 -25.61
C PRO D 231 -28.63 7.58 -26.52
N LYS D 232 -29.04 8.57 -27.27
CA LYS D 232 -28.07 9.22 -28.13
C LYS D 232 -27.19 10.17 -27.37
N VAL D 233 -25.91 10.16 -27.73
CA VAL D 233 -24.94 11.10 -27.20
C VAL D 233 -24.29 11.75 -28.39
N ASN D 234 -24.30 13.07 -28.44
CA ASN D 234 -23.75 13.81 -29.57
C ASN D 234 -24.43 13.39 -30.87
N GLY D 235 -25.71 13.05 -30.79
CA GLY D 235 -26.50 12.65 -31.94
C GLY D 235 -26.41 11.16 -32.34
N GLN D 236 -25.55 10.38 -31.70
CA GLN D 236 -25.43 8.99 -32.12
C GLN D 236 -25.83 7.99 -31.05
N GLY D 237 -26.50 6.91 -31.48
CA GLY D 237 -26.92 5.86 -30.54
C GLY D 237 -25.89 4.76 -30.42
N GLY D 238 -24.82 4.92 -31.16
CA GLY D 238 -23.71 3.98 -31.19
C GLY D 238 -22.64 4.44 -30.22
N ARG D 239 -21.69 3.55 -29.93
CA ARG D 239 -20.58 3.89 -29.06
C ARG D 239 -19.25 3.32 -29.53
N MET D 240 -18.16 4.04 -29.34
CA MET D 240 -16.84 3.43 -29.59
C MET D 240 -16.09 3.19 -28.31
N GLU D 241 -15.61 1.97 -28.13
CA GLU D 241 -14.86 1.62 -26.94
C GLU D 241 -13.38 1.58 -27.23
N PHE D 242 -12.61 2.39 -26.53
CA PHE D 242 -11.18 2.42 -26.78
C PHE D 242 -10.43 1.80 -25.65
N SER D 243 -9.30 1.17 -25.95
CA SER D 243 -8.45 0.56 -24.96
C SER D 243 -7.01 0.70 -25.36
N TRP D 244 -6.10 0.43 -24.45
CA TRP D 244 -4.71 0.61 -24.80
C TRP D 244 -3.78 -0.34 -24.11
N THR D 245 -2.62 -0.51 -24.70
CA THR D 245 -1.56 -1.28 -24.06
C THR D 245 -0.22 -0.68 -24.31
N LEU D 246 0.79 -1.18 -23.62
CA LEU D 246 2.15 -0.78 -23.92
C LEU D 246 2.83 -1.96 -24.53
N LEU D 247 3.42 -1.71 -25.67
CA LEU D 247 4.12 -2.72 -26.37
C LEU D 247 5.58 -2.61 -25.98
N ASP D 248 6.07 -3.64 -25.35
CA ASP D 248 7.42 -3.66 -24.86
C ASP D 248 8.36 -3.67 -26.00
N MET D 249 9.55 -3.16 -25.79
CA MET D 249 10.50 -3.07 -26.86
C MET D 249 10.79 -4.48 -27.38
N TRP D 250 10.82 -4.59 -28.71
CA TRP D 250 11.05 -5.79 -29.50
C TRP D 250 9.89 -6.78 -29.49
N ASP D 251 8.75 -6.45 -28.88
CA ASP D 251 7.63 -7.37 -28.97
C ASP D 251 6.82 -7.05 -30.21
N THR D 252 5.76 -7.83 -30.46
CA THR D 252 4.88 -7.61 -31.61
C THR D 252 3.42 -7.60 -31.25
N ILE D 253 2.70 -6.61 -31.75
CA ILE D 253 1.27 -6.57 -31.50
C ILE D 253 0.54 -7.02 -32.72
N ASN D 254 -0.37 -7.96 -32.53
CA ASN D 254 -1.17 -8.47 -33.61
C ASN D 254 -2.60 -8.03 -33.48
N PHE D 255 -3.19 -7.66 -34.62
CA PHE D 255 -4.60 -7.31 -34.70
C PHE D 255 -5.28 -8.23 -35.69
N GLU D 256 -6.47 -8.69 -35.33
CA GLU D 256 -7.32 -9.49 -36.19
C GLU D 256 -8.78 -9.13 -36.00
N SER D 257 -9.49 -8.90 -37.09
CA SER D 257 -10.90 -8.56 -36.95
C SER D 257 -11.80 -9.00 -38.07
N THR D 258 -13.00 -9.37 -37.71
CA THR D 258 -14.00 -9.75 -38.68
C THR D 258 -15.04 -8.66 -38.83
N GLY D 259 -14.78 -7.55 -38.17
CA GLY D 259 -15.63 -6.37 -38.21
C GLY D 259 -15.51 -5.59 -36.93
N ASN D 260 -15.93 -4.34 -36.99
CA ASN D 260 -15.98 -3.40 -35.89
C ASN D 260 -14.64 -2.96 -35.32
N LEU D 261 -13.55 -3.16 -36.05
CA LEU D 261 -12.25 -2.69 -35.62
C LEU D 261 -11.92 -1.30 -36.09
N ILE D 262 -11.45 -0.52 -35.12
CA ILE D 262 -10.94 0.80 -35.35
C ILE D 262 -9.45 0.65 -35.05
N ALA D 263 -8.65 0.66 -36.10
CA ALA D 263 -7.25 0.35 -35.97
C ALA D 263 -6.49 1.61 -35.70
N PRO D 264 -5.40 1.59 -34.98
CA PRO D 264 -4.56 2.73 -34.85
C PRO D 264 -3.84 2.91 -36.13
N GLU D 265 -3.55 4.13 -36.49
CA GLU D 265 -2.62 4.34 -37.59
C GLU D 265 -1.27 4.59 -36.95
N TYR D 266 -1.30 5.28 -35.81
CA TYR D 266 -0.08 5.67 -35.12
C TYR D 266 0.04 5.11 -33.73
N GLY D 267 1.28 4.94 -33.27
CA GLY D 267 1.53 4.58 -31.87
C GLY D 267 2.38 5.68 -31.27
N PHE D 268 2.62 5.63 -29.97
CA PHE D 268 3.43 6.70 -29.39
C PHE D 268 4.66 6.19 -28.67
N LYS D 269 5.81 6.61 -29.13
CA LYS D 269 7.05 6.15 -28.53
C LYS D 269 7.40 7.04 -27.40
N ILE D 270 7.60 6.49 -26.23
CA ILE D 270 7.94 7.35 -25.12
C ILE D 270 9.36 7.91 -25.32
N SER D 271 9.56 9.24 -25.20
CA SER D 271 10.90 9.75 -25.44
C SER D 271 11.69 10.06 -24.17
N LYS D 272 11.03 10.61 -23.13
CA LYS D 272 11.84 11.02 -21.97
C LYS D 272 11.70 10.24 -20.68
N ARG D 273 10.50 9.86 -20.27
CA ARG D 273 10.26 9.13 -19.02
C ARG D 273 10.77 9.87 -17.78
N GLY D 274 10.59 11.18 -17.75
CA GLY D 274 11.02 11.97 -16.60
C GLY D 274 9.90 12.13 -15.58
N SER D 275 10.13 12.96 -14.56
CA SER D 275 9.13 13.20 -13.52
C SER D 275 8.30 14.43 -13.87
N SER D 276 6.99 14.27 -13.87
CA SER D 276 6.02 15.31 -14.22
C SER D 276 4.68 15.04 -13.54
N GLY D 277 3.59 15.58 -14.10
CA GLY D 277 2.25 15.40 -13.55
C GLY D 277 1.18 16.18 -14.31
N ILE D 278 -0.09 15.94 -13.97
CA ILE D 278 -1.20 16.62 -14.64
C ILE D 278 -1.89 17.55 -13.68
N MET D 279 -1.95 18.80 -14.06
CA MET D 279 -2.56 19.85 -13.28
C MET D 279 -3.90 20.23 -13.84
N LYS D 280 -4.88 20.46 -12.96
CA LYS D 280 -6.20 20.87 -13.42
C LYS D 280 -6.34 22.36 -13.32
N THR D 281 -6.42 23.00 -14.46
CA THR D 281 -6.48 24.45 -14.44
C THR D 281 -7.06 25.06 -15.69
N GLU D 282 -7.72 26.19 -15.51
CA GLU D 282 -8.33 26.94 -16.60
C GLU D 282 -7.45 28.05 -17.14
N GLY D 283 -6.25 28.16 -16.58
CA GLY D 283 -5.36 29.23 -16.99
C GLY D 283 -4.54 28.88 -18.21
N THR D 284 -3.59 29.75 -18.52
CA THR D 284 -2.73 29.60 -19.69
C THR D 284 -1.30 29.79 -19.26
N LEU D 285 -0.38 29.59 -20.18
CA LEU D 285 1.03 29.82 -19.88
C LEU D 285 1.42 31.27 -20.04
N GLU D 286 2.02 31.83 -18.97
CA GLU D 286 2.44 33.23 -18.93
C GLU D 286 3.92 33.47 -19.24
N ASN D 287 4.63 32.39 -19.54
CA ASN D 287 6.07 32.38 -19.87
C ASN D 287 7.05 32.97 -18.81
N CYS D 288 6.78 32.67 -17.54
CA CYS D 288 7.55 32.97 -16.33
C CYS D 288 8.26 31.68 -15.94
N GLU D 289 9.21 31.70 -15.00
CA GLU D 289 9.83 30.42 -14.64
C GLU D 289 9.76 30.06 -13.17
N THR D 290 9.55 28.79 -12.91
CA THR D 290 9.56 28.29 -11.53
C THR D 290 10.25 26.95 -11.32
N LYS D 291 10.28 26.57 -10.06
CA LYS D 291 10.76 25.28 -9.52
C LYS D 291 9.65 24.44 -8.80
N CYS D 292 8.51 25.11 -8.49
CA CYS D 292 7.32 24.68 -7.75
C CYS D 292 6.11 25.43 -8.31
N GLN D 293 5.11 24.69 -8.78
CA GLN D 293 3.93 25.29 -9.38
C GLN D 293 2.63 24.79 -8.80
N THR D 294 1.78 25.70 -8.33
CA THR D 294 0.49 25.27 -7.82
C THR D 294 -0.49 25.71 -8.89
N PRO D 295 -1.73 25.25 -8.91
CA PRO D 295 -2.77 25.67 -9.83
C PRO D 295 -3.09 27.16 -9.72
N LEU D 296 -2.72 27.81 -8.61
CA LEU D 296 -3.02 29.20 -8.38
C LEU D 296 -1.89 30.12 -8.80
N GLY D 297 -0.71 29.57 -9.06
CA GLY D 297 0.45 30.39 -9.30
C GLY D 297 1.73 29.70 -8.84
N ALA D 298 2.88 30.23 -9.25
CA ALA D 298 4.13 29.60 -8.87
C ALA D 298 4.60 30.08 -7.52
N ILE D 299 5.32 29.22 -6.81
CA ILE D 299 5.88 29.57 -5.52
C ILE D 299 7.41 29.65 -5.55
N ASN D 300 7.99 30.84 -5.29
CA ASN D 300 9.43 31.07 -5.23
C ASN D 300 9.82 31.35 -3.76
N THR D 301 10.34 30.31 -3.04
CA THR D 301 10.63 30.41 -1.61
C THR D 301 11.65 29.42 -1.16
N THR D 302 12.27 29.73 -0.04
CA THR D 302 13.23 28.86 0.62
C THR D 302 12.72 28.37 1.97
N LEU D 303 11.48 28.71 2.32
CA LEU D 303 10.94 28.36 3.61
C LEU D 303 10.46 26.91 3.61
N PRO D 304 10.47 26.20 4.76
CA PRO D 304 10.05 24.81 4.92
C PRO D 304 8.58 24.50 4.76
N PHE D 305 7.70 25.50 4.95
CA PHE D 305 6.27 25.23 4.83
C PHE D 305 5.61 26.26 3.96
N HIS D 306 4.47 25.91 3.37
CA HIS D 306 3.66 26.88 2.63
C HIS D 306 2.20 26.55 2.87
N ASN D 307 1.33 27.51 2.64
CA ASN D 307 -0.09 27.23 2.77
C ASN D 307 -0.86 27.69 1.53
N VAL D 308 -0.27 27.55 0.35
CA VAL D 308 -0.93 28.03 -0.85
C VAL D 308 -1.96 27.08 -1.44
N HIS D 309 -1.60 25.83 -1.70
CA HIS D 309 -2.55 24.90 -2.28
C HIS D 309 -2.00 23.49 -2.10
N PRO D 310 -2.78 22.47 -1.72
CA PRO D 310 -2.28 21.13 -1.60
C PRO D 310 -1.90 20.39 -2.88
N LEU D 311 -2.44 20.77 -4.05
CA LEU D 311 -2.13 19.99 -5.25
C LEU D 311 -1.00 20.59 -6.03
N THR D 312 0.16 20.54 -5.46
CA THR D 312 1.29 21.22 -6.06
C THR D 312 2.27 20.29 -6.75
N ILE D 313 2.70 20.65 -7.97
CA ILE D 313 3.67 19.85 -8.72
C ILE D 313 5.04 20.50 -8.66
N GLY D 314 6.04 19.74 -8.22
CA GLY D 314 7.39 20.29 -8.14
C GLY D 314 8.09 19.92 -6.86
N GLU D 315 9.23 20.57 -6.60
CA GLU D 315 10.00 20.34 -5.38
C GLU D 315 9.62 21.47 -4.44
N CYS D 316 8.65 21.21 -3.55
CA CYS D 316 7.93 22.22 -2.77
C CYS D 316 8.04 22.04 -1.24
N PRO D 317 7.79 23.11 -0.47
CA PRO D 317 7.71 23.14 0.98
C PRO D 317 6.54 22.27 1.39
N LYS D 318 6.47 21.85 2.64
CA LYS D 318 5.32 21.03 3.01
C LYS D 318 4.11 21.92 3.07
N TYR D 319 2.98 21.40 2.64
CA TYR D 319 1.76 22.14 2.76
C TYR D 319 1.19 21.91 4.13
N VAL D 320 0.81 22.99 4.81
CA VAL D 320 0.19 22.91 6.12
C VAL D 320 -1.09 23.72 6.17
N LYS D 321 -1.91 23.42 7.15
CA LYS D 321 -3.16 24.12 7.36
C LYS D 321 -3.03 25.36 8.23
N SER D 322 -1.81 25.64 8.68
CA SER D 322 -1.56 26.77 9.54
C SER D 322 -1.65 28.07 8.77
N GLU D 323 -1.79 29.18 9.51
CA GLU D 323 -1.88 30.50 8.91
C GLU D 323 -0.58 31.26 9.04
N LYS D 324 0.15 30.98 10.11
CA LYS D 324 1.40 31.64 10.36
C LYS D 324 2.25 30.71 11.19
N LEU D 325 3.54 30.72 10.93
CA LEU D 325 4.49 29.97 11.72
C LEU D 325 5.66 30.88 11.89
N VAL D 326 5.78 31.51 13.03
CA VAL D 326 6.84 32.48 13.18
C VAL D 326 7.73 32.16 14.34
N LEU D 327 9.02 32.07 14.06
CA LEU D 327 9.99 31.80 15.08
C LEU D 327 10.53 33.10 15.62
N ALA D 328 10.67 33.18 16.92
CA ALA D 328 11.31 34.33 17.50
C ALA D 328 12.77 34.10 17.27
N THR D 329 13.53 35.15 17.04
CA THR D 329 14.95 34.95 16.94
C THR D 329 15.52 35.85 17.96
N GLY D 330 14.75 36.90 18.22
CA GLY D 330 15.17 37.98 19.10
C GLY D 330 14.69 37.85 20.51
N LEU D 331 14.75 38.97 21.20
CA LEU D 331 14.48 39.09 22.61
C LEU D 331 13.09 39.60 22.81
N ARG D 332 12.51 39.47 24.00
CA ARG D 332 11.20 40.08 24.09
C ARG D 332 11.45 41.55 23.89
N ASN D 333 10.66 42.18 23.06
CA ASN D 333 10.90 43.59 22.84
C ASN D 333 10.19 44.31 23.90
N VAL D 334 10.94 44.66 24.90
CA VAL D 334 10.37 45.33 26.02
C VAL D 334 11.04 46.66 26.26
N PRO D 335 10.56 47.77 25.65
CA PRO D 335 11.01 49.11 25.89
C PRO D 335 10.97 49.31 27.39
N ILE D 346 19.58 53.75 33.47
CA ILE D 346 20.39 53.62 34.67
C ILE D 346 19.99 52.37 35.43
N ALA D 347 19.56 51.35 34.69
CA ALA D 347 19.14 50.07 35.24
C ALA D 347 19.52 49.00 34.25
N GLY D 348 19.62 47.77 34.71
CA GLY D 348 19.99 46.70 33.84
C GLY D 348 18.80 45.90 33.34
N PHE D 349 19.07 44.62 33.09
CA PHE D 349 18.17 43.62 32.53
C PHE D 349 16.89 43.45 33.33
N ILE D 350 16.92 43.88 34.57
CA ILE D 350 15.79 43.82 35.46
C ILE D 350 14.65 44.65 34.90
N GLU D 351 14.95 45.82 34.33
CA GLU D 351 13.92 46.66 33.76
C GLU D 351 13.89 46.49 32.24
N GLY D 352 15.06 46.22 31.65
CA GLY D 352 15.22 46.07 30.20
C GLY D 352 15.11 47.40 29.51
N GLY D 353 14.80 47.36 28.21
CA GLY D 353 14.65 48.59 27.46
C GLY D 353 15.86 49.34 26.94
N TRP D 354 17.00 48.73 26.70
CA TRP D 354 18.09 49.58 26.24
C TRP D 354 18.01 49.88 24.77
N GLN D 355 17.13 50.79 24.42
CA GLN D 355 16.92 51.17 23.03
C GLN D 355 18.11 51.95 22.50
N GLY D 356 18.93 52.46 23.40
CA GLY D 356 20.12 53.20 23.05
C GLY D 356 21.31 52.29 22.73
N MET D 357 21.14 50.98 22.89
CA MET D 357 22.23 50.06 22.59
C MET D 357 21.91 49.36 21.31
N VAL D 358 22.68 49.63 20.26
CA VAL D 358 22.39 49.06 18.94
C VAL D 358 23.55 48.23 18.40
N ASP D 359 24.43 47.89 19.30
CA ASP D 359 25.66 47.16 19.03
C ASP D 359 25.52 45.64 19.05
N GLY D 360 24.52 45.14 19.79
CA GLY D 360 24.33 43.71 19.94
C GLY D 360 23.21 43.47 20.91
N TRP D 361 22.84 42.21 21.09
CA TRP D 361 21.75 41.82 21.97
C TRP D 361 22.00 42.04 23.45
N TYR D 362 23.20 41.77 23.92
CA TYR D 362 23.41 41.90 25.35
C TYR D 362 24.58 42.83 25.50
N GLY D 363 24.63 43.56 26.59
CA GLY D 363 25.75 44.47 26.75
C GLY D 363 25.80 45.21 28.06
N TYR D 364 26.60 46.27 28.03
CA TYR D 364 26.92 47.08 29.17
C TYR D 364 26.63 48.56 28.98
N HIS D 365 26.35 49.22 30.09
CA HIS D 365 26.21 50.67 30.11
C HIS D 365 27.10 51.20 31.21
N HIS D 366 28.11 51.98 30.87
CA HIS D 366 28.96 52.45 31.95
C HIS D 366 28.80 53.93 32.13
N SER D 367 29.04 54.36 33.36
CA SER D 367 29.09 55.76 33.71
C SER D 367 30.21 56.04 34.68
N ASN D 368 31.13 56.92 34.28
CA ASN D 368 32.28 57.28 35.10
C ASN D 368 32.61 58.76 34.87
N ASP D 369 33.77 59.22 35.32
CA ASP D 369 34.09 60.64 35.20
C ASP D 369 34.69 61.05 33.85
N GLN D 370 34.92 60.07 32.98
CA GLN D 370 35.49 60.35 31.68
C GLN D 370 34.39 60.38 30.64
N GLY D 371 33.33 59.62 30.89
CA GLY D 371 32.23 59.54 29.96
C GLY D 371 31.24 58.45 30.31
N SER D 372 30.31 58.21 29.40
CA SER D 372 29.30 57.20 29.59
C SER D 372 28.87 56.69 28.25
N GLY D 373 28.26 55.52 28.24
CA GLY D 373 27.74 54.99 27.00
C GLY D 373 27.47 53.50 26.97
N TYR D 374 26.91 53.04 25.86
CA TYR D 374 26.56 51.65 25.70
C TYR D 374 27.58 50.92 24.88
N ALA D 375 27.73 49.64 25.17
CA ALA D 375 28.58 48.76 24.39
C ALA D 375 28.01 47.37 24.40
N ALA D 376 28.23 46.62 23.35
CA ALA D 376 27.75 45.25 23.35
C ALA D 376 28.77 44.34 23.94
N ASP D 377 28.29 43.27 24.51
CA ASP D 377 29.15 42.21 24.93
C ASP D 377 29.23 41.34 23.70
N LYS D 378 30.32 41.47 22.96
CA LYS D 378 30.37 40.80 21.67
C LYS D 378 30.50 39.30 21.81
N GLU D 379 31.17 38.83 22.86
CA GLU D 379 31.30 37.40 23.01
C GLU D 379 29.96 36.76 23.25
N SER D 380 29.18 37.34 24.16
CA SER D 380 27.89 36.80 24.50
C SER D 380 26.92 36.89 23.35
N THR D 381 26.92 38.04 22.67
CA THR D 381 26.00 38.23 21.59
C THR D 381 26.31 37.29 20.46
N GLN D 382 27.58 37.13 20.11
CA GLN D 382 27.87 36.25 18.99
C GLN D 382 27.52 34.83 19.32
N LYS D 383 27.75 34.37 20.55
CA LYS D 383 27.40 32.99 20.82
C LYS D 383 25.91 32.79 20.76
N ALA D 384 25.14 33.74 21.30
CA ALA D 384 23.70 33.59 21.26
C ALA D 384 23.22 33.62 19.84
N PHE D 385 23.82 34.47 19.02
CA PHE D 385 23.47 34.63 17.65
C PHE D 385 23.68 33.35 16.89
N ASP D 386 24.85 32.73 17.07
CA ASP D 386 25.15 31.51 16.36
C ASP D 386 24.19 30.42 16.76
N GLY D 387 23.82 30.39 18.05
CA GLY D 387 22.88 29.41 18.56
C GLY D 387 21.53 29.57 17.89
N ILE D 388 21.04 30.78 17.80
CA ILE D 388 19.76 31.02 17.18
C ILE D 388 19.82 30.66 15.71
N THR D 389 20.91 31.00 15.03
CA THR D 389 21.03 30.66 13.62
C THR D 389 20.97 29.15 13.43
N ASN D 390 21.68 28.40 14.28
CA ASN D 390 21.67 26.95 14.16
C ASN D 390 20.29 26.39 14.44
N LYS D 391 19.56 26.97 15.38
CA LYS D 391 18.22 26.52 15.70
C LYS D 391 17.28 26.67 14.54
N VAL D 392 17.36 27.81 13.87
CA VAL D 392 16.52 28.08 12.73
C VAL D 392 16.87 27.11 11.61
N ASN D 393 18.15 26.89 11.39
CA ASN D 393 18.54 25.98 10.35
C ASN D 393 18.16 24.56 10.69
N SER D 394 18.13 24.16 11.95
CA SER D 394 17.71 22.81 12.28
C SER D 394 16.26 22.60 11.83
N VAL D 395 15.43 23.58 12.13
CA VAL D 395 14.03 23.50 11.76
C VAL D 395 13.83 23.41 10.26
N ILE D 396 14.58 24.21 9.50
CA ILE D 396 14.43 24.26 8.06
C ILE D 396 15.16 23.16 7.29
N GLU D 397 16.42 22.94 7.61
CA GLU D 397 17.27 21.98 6.92
C GLU D 397 16.89 20.55 7.15
N LYS D 398 16.21 20.23 8.26
CA LYS D 398 15.83 18.84 8.48
C LYS D 398 14.56 18.48 7.73
N MET D 399 13.93 19.43 7.05
CA MET D 399 12.71 19.09 6.34
C MET D 399 13.08 18.49 4.99
N ASN D 400 12.49 17.33 4.66
CA ASN D 400 12.79 16.66 3.41
C ASN D 400 11.93 17.08 2.21
N THR D 401 12.53 17.77 1.26
CA THR D 401 11.83 18.27 0.08
C THR D 401 12.13 17.37 -1.12
N GLN D 402 11.07 16.83 -1.72
CA GLN D 402 11.15 15.91 -2.85
C GLN D 402 10.17 16.30 -3.93
N PHE D 403 10.45 15.92 -5.18
CA PHE D 403 9.49 16.16 -6.25
C PHE D 403 8.26 15.29 -6.10
N GLU D 404 7.09 15.91 -6.22
CA GLU D 404 5.83 15.17 -6.21
C GLU D 404 4.86 15.67 -7.26
N ALA D 405 4.01 14.77 -7.78
CA ALA D 405 2.92 15.17 -8.69
C ALA D 405 1.61 15.40 -7.93
N VAL D 406 1.47 14.69 -6.81
CA VAL D 406 0.38 14.71 -5.84
C VAL D 406 -1.01 14.23 -6.30
N GLY D 407 -1.56 14.82 -7.34
CA GLY D 407 -2.91 14.47 -7.76
C GLY D 407 -3.04 13.07 -8.41
N LYS D 408 -4.20 12.43 -8.19
CA LYS D 408 -4.53 11.14 -8.79
C LYS D 408 -5.95 11.11 -9.30
N GLU D 409 -6.14 10.36 -10.37
CA GLU D 409 -7.46 10.19 -10.95
C GLU D 409 -8.09 8.88 -10.55
N PHE D 410 -9.38 8.91 -10.28
CA PHE D 410 -10.13 7.70 -9.96
C PHE D 410 -11.43 7.68 -10.74
N SER D 411 -11.92 6.50 -11.07
CA SER D 411 -13.18 6.34 -11.78
C SER D 411 -14.31 6.36 -10.80
N ASN D 412 -15.54 6.37 -11.27
CA ASN D 412 -16.69 6.40 -10.40
C ASN D 412 -16.97 5.07 -9.73
N LEU D 413 -16.21 4.05 -10.07
CA LEU D 413 -16.40 2.74 -9.48
C LEU D 413 -15.26 2.45 -8.53
N GLU D 414 -14.47 3.47 -8.23
CA GLU D 414 -13.33 3.35 -7.34
C GLU D 414 -13.41 4.30 -6.18
N ARG D 415 -14.62 4.55 -5.70
CA ARG D 415 -14.84 5.47 -4.61
C ARG D 415 -14.12 5.08 -3.33
N ARG D 416 -13.99 3.79 -3.05
CA ARG D 416 -13.32 3.42 -1.81
C ARG D 416 -11.83 3.71 -1.91
N LEU D 417 -11.26 3.57 -3.11
CA LEU D 417 -9.85 3.79 -3.29
C LEU D 417 -9.57 5.28 -3.28
N GLU D 418 -10.45 6.07 -3.88
CA GLU D 418 -10.29 7.50 -3.86
C GLU D 418 -10.35 7.99 -2.44
N ASN D 419 -11.26 7.43 -1.65
CA ASN D 419 -11.42 7.83 -0.28
C ASN D 419 -10.22 7.41 0.54
N LEU D 420 -9.63 6.26 0.25
CA LEU D 420 -8.44 5.83 0.97
C LEU D 420 -7.34 6.82 0.66
N ASN D 421 -7.18 7.20 -0.60
CA ASN D 421 -6.15 8.13 -1.00
C ASN D 421 -6.33 9.46 -0.30
N LYS D 422 -7.59 9.93 -0.20
CA LYS D 422 -7.86 11.18 0.47
C LYS D 422 -7.50 11.08 1.92
N LYS D 423 -7.85 9.98 2.57
CA LYS D 423 -7.55 9.82 3.96
C LYS D 423 -6.07 9.86 4.20
N MET D 424 -5.29 9.21 3.34
CA MET D 424 -3.87 9.22 3.49
C MET D 424 -3.34 10.63 3.46
N GLU D 425 -3.79 11.44 2.48
CA GLU D 425 -3.32 12.80 2.35
C GLU D 425 -3.74 13.68 3.52
N ASP D 426 -4.95 13.49 4.02
CA ASP D 426 -5.44 14.30 5.13
C ASP D 426 -4.71 13.92 6.38
N GLY D 427 -4.43 12.64 6.54
CA GLY D 427 -3.74 12.12 7.68
C GLY D 427 -2.37 12.73 7.77
N PHE D 428 -1.62 12.72 6.67
CA PHE D 428 -0.29 13.27 6.73
C PHE D 428 -0.33 14.77 6.92
N LEU D 429 -1.32 15.44 6.35
CA LEU D 429 -1.41 16.87 6.52
C LEU D 429 -1.67 17.23 7.97
N ASP D 430 -2.56 16.51 8.67
CA ASP D 430 -2.78 16.81 10.07
C ASP D 430 -1.54 16.55 10.89
N VAL D 431 -0.78 15.51 10.56
CA VAL D 431 0.43 15.24 11.31
C VAL D 431 1.44 16.35 11.12
N TRP D 432 1.65 16.79 9.89
CA TRP D 432 2.63 17.83 9.67
C TRP D 432 2.20 19.16 10.20
N THR D 433 0.90 19.47 10.14
CA THR D 433 0.46 20.76 10.64
C THR D 433 0.61 20.79 12.13
N TYR D 434 0.22 19.72 12.83
CA TYR D 434 0.29 19.67 14.27
C TYR D 434 1.73 19.79 14.71
N ASN D 435 2.62 19.06 14.06
CA ASN D 435 4.00 19.14 14.46
C ASN D 435 4.59 20.50 14.17
N ALA D 436 4.23 21.15 13.05
CA ALA D 436 4.77 22.46 12.77
C ALA D 436 4.32 23.47 13.80
N GLU D 437 3.06 23.36 14.23
CA GLU D 437 2.52 24.28 15.21
C GLU D 437 3.19 24.12 16.55
N LEU D 438 3.43 22.89 16.99
CA LEU D 438 4.05 22.71 18.29
C LEU D 438 5.53 22.91 18.23
N LEU D 439 6.17 22.65 17.11
CA LEU D 439 7.59 22.88 17.09
C LEU D 439 7.82 24.35 17.22
N VAL D 440 7.02 25.17 16.54
CA VAL D 440 7.22 26.59 16.66
C VAL D 440 6.92 27.07 18.07
N LEU D 441 5.84 26.62 18.69
CA LEU D 441 5.57 27.12 20.02
C LEU D 441 6.61 26.66 21.03
N MET D 442 7.07 25.42 20.94
CA MET D 442 8.04 24.96 21.91
C MET D 442 9.36 25.67 21.71
N GLU D 443 9.74 25.93 20.47
CA GLU D 443 10.99 26.59 20.25
C GLU D 443 10.92 28.05 20.64
N ASN D 444 9.78 28.72 20.45
CA ASN D 444 9.73 30.11 20.85
C ASN D 444 9.79 30.25 22.36
N GLU D 445 9.24 29.29 23.09
CA GLU D 445 9.30 29.39 24.53
C GLU D 445 10.75 29.24 24.97
N ARG D 446 11.47 28.31 24.34
CA ARG D 446 12.85 28.09 24.69
C ARG D 446 13.72 29.26 24.27
N THR D 447 13.40 29.91 23.15
CA THR D 447 14.18 31.03 22.66
C THR D 447 14.13 32.16 23.62
N LEU D 448 12.95 32.47 24.12
CA LEU D 448 12.87 33.59 24.99
C LEU D 448 13.52 33.26 26.32
N ASP D 449 13.40 32.01 26.79
CA ASP D 449 14.02 31.62 28.04
C ASP D 449 15.56 31.66 27.89
N PHE D 450 16.04 31.29 26.71
CA PHE D 450 17.45 31.31 26.35
C PHE D 450 18.00 32.70 26.48
N HIS D 451 17.32 33.68 25.92
CA HIS D 451 17.81 35.03 26.01
C HIS D 451 17.80 35.54 27.44
N ASP D 452 16.79 35.19 28.22
CA ASP D 452 16.76 35.67 29.60
C ASP D 452 17.91 35.06 30.38
N SER D 453 18.21 33.79 30.09
CA SER D 453 19.30 33.11 30.74
C SER D 453 20.62 33.75 30.39
N ASN D 454 20.82 34.10 29.12
CA ASN D 454 22.07 34.70 28.71
C ASN D 454 22.33 36.05 29.34
N VAL D 455 21.31 36.88 29.50
CA VAL D 455 21.61 38.16 30.13
C VAL D 455 21.89 37.95 31.61
N LYS D 456 21.18 37.02 32.26
CA LYS D 456 21.46 36.75 33.66
C LYS D 456 22.86 36.19 33.81
N ASN D 457 23.30 35.39 32.86
CA ASN D 457 24.63 34.85 32.95
C ASN D 457 25.67 35.95 32.88
N LEU D 458 25.44 37.05 32.15
CA LEU D 458 26.42 38.12 32.22
C LEU D 458 26.37 38.74 33.58
N TYR D 459 25.19 38.90 34.13
CA TYR D 459 25.11 39.52 35.43
C TYR D 459 25.95 38.77 36.43
N ASP D 460 25.89 37.44 36.44
CA ASP D 460 26.71 36.68 37.37
C ASP D 460 28.15 36.54 36.92
N LYS D 461 28.41 36.47 35.61
CA LYS D 461 29.79 36.38 35.16
C LYS D 461 30.57 37.56 35.70
N VAL D 462 29.94 38.73 35.63
CA VAL D 462 30.51 39.94 36.11
C VAL D 462 30.49 40.03 37.62
N ARG D 463 29.37 39.71 38.26
CA ARG D 463 29.31 39.78 39.70
C ARG D 463 30.43 38.99 40.34
N MET D 464 30.73 37.82 39.78
CA MET D 464 31.74 36.92 40.30
C MET D 464 33.18 37.39 40.11
N GLN D 465 33.44 38.36 39.23
CA GLN D 465 34.83 38.82 39.09
C GLN D 465 34.99 40.09 39.91
N LEU D 466 33.88 40.81 40.10
CA LEU D 466 33.92 42.06 40.84
C LEU D 466 33.92 41.78 42.33
N ARG D 467 33.26 40.70 42.72
CA ARG D 467 33.23 40.22 44.08
C ARG D 467 32.89 41.29 45.08
N ASP D 468 33.81 41.59 45.99
CA ASP D 468 33.56 42.55 47.05
C ASP D 468 33.95 43.98 46.74
N ASN D 469 34.37 44.26 45.52
CA ASN D 469 34.77 45.64 45.23
C ASN D 469 33.59 46.47 44.75
N VAL D 470 32.43 45.85 44.65
CA VAL D 470 31.23 46.53 44.20
C VAL D 470 30.02 46.27 45.10
N LYS D 471 29.05 47.13 44.96
CA LYS D 471 27.77 47.02 45.60
C LYS D 471 26.69 46.70 44.58
N GLU D 472 25.89 45.69 44.83
CA GLU D 472 24.80 45.42 43.89
C GLU D 472 23.71 46.41 44.22
N LEU D 473 23.11 47.02 43.21
CA LEU D 473 22.07 48.00 43.49
C LEU D 473 20.65 47.47 43.47
N GLY D 474 20.50 46.19 43.13
CA GLY D 474 19.20 45.52 43.11
C GLY D 474 18.38 45.69 41.81
N ASN D 475 18.92 46.43 40.85
CA ASN D 475 18.26 46.69 39.59
C ASN D 475 19.09 46.28 38.39
N GLY D 476 19.96 45.30 38.56
CA GLY D 476 20.83 44.83 37.48
C GLY D 476 22.12 45.65 37.20
N CYS D 477 22.57 46.50 38.17
CA CYS D 477 23.74 47.37 38.11
C CYS D 477 24.65 47.16 39.30
N PHE D 478 25.94 47.46 39.09
CA PHE D 478 26.94 47.40 40.14
C PHE D 478 27.60 48.77 40.35
N GLU D 479 27.70 49.18 41.61
CA GLU D 479 28.37 50.43 41.93
C GLU D 479 29.75 50.14 42.50
N PHE D 480 30.76 50.78 41.97
CA PHE D 480 32.10 50.51 42.43
C PHE D 480 32.44 51.31 43.65
N TYR D 481 33.14 50.69 44.59
CA TYR D 481 33.56 51.48 45.73
C TYR D 481 34.80 52.25 45.31
N HIS D 482 35.65 51.57 44.56
CA HIS D 482 36.90 52.12 44.09
C HIS D 482 36.61 52.97 42.88
N LYS D 483 37.27 54.09 42.72
CA LYS D 483 37.01 54.81 41.48
C LYS D 483 37.43 53.91 40.31
N CYS D 484 36.55 53.80 39.29
CA CYS D 484 36.72 52.96 38.11
C CYS D 484 36.58 53.83 36.86
N ASP D 485 37.69 53.98 36.16
CA ASP D 485 37.89 54.79 34.96
C ASP D 485 37.71 54.01 33.67
N ASP D 486 37.96 54.63 32.50
CA ASP D 486 37.73 53.89 31.27
C ASP D 486 38.56 52.64 31.13
N GLU D 487 39.81 52.63 31.62
CA GLU D 487 40.62 51.41 31.50
C GLU D 487 40.08 50.27 32.38
N CYS D 488 39.56 50.59 33.59
CA CYS D 488 38.87 49.70 34.54
C CYS D 488 37.57 49.16 33.91
N MET D 489 36.75 50.03 33.33
CA MET D 489 35.52 49.56 32.75
C MET D 489 35.86 48.65 31.59
N ASN D 490 36.90 48.99 30.83
CA ASN D 490 37.33 48.18 29.70
C ASN D 490 38.34 47.14 30.15
N SER D 491 37.93 46.41 31.15
CA SER D 491 38.63 45.34 31.81
C SER D 491 37.52 44.50 32.38
N VAL D 492 36.60 45.15 33.10
CA VAL D 492 35.47 44.41 33.63
C VAL D 492 34.70 43.80 32.46
N LYS D 493 34.49 44.60 31.41
CA LYS D 493 33.79 44.20 30.21
C LYS D 493 34.50 43.10 29.42
N ASN D 494 35.80 42.90 29.66
CA ASN D 494 36.58 41.90 28.95
C ASN D 494 36.81 40.65 29.81
N GLY D 495 36.26 40.63 31.03
CA GLY D 495 36.47 39.50 31.93
C GLY D 495 37.85 39.49 32.57
N THR D 496 38.52 40.64 32.66
CA THR D 496 39.88 40.71 33.21
C THR D 496 40.01 41.64 34.41
N TYR D 497 38.94 41.89 35.13
CA TYR D 497 39.08 42.83 36.23
C TYR D 497 40.13 42.34 37.19
N ASP D 498 41.13 43.17 37.47
CA ASP D 498 42.21 42.73 38.33
C ASP D 498 41.85 42.99 39.77
N TYR D 499 40.96 42.17 40.29
CA TYR D 499 40.37 42.34 41.61
C TYR D 499 41.31 42.83 42.73
N PRO D 500 42.50 42.27 42.99
CA PRO D 500 43.38 42.62 44.10
C PRO D 500 43.88 44.06 44.09
N LYS D 501 43.80 44.75 42.95
CA LYS D 501 44.28 46.11 42.88
C LYS D 501 43.25 47.13 43.26
N TYR D 502 42.01 46.69 43.46
CA TYR D 502 40.93 47.61 43.74
C TYR D 502 40.38 47.44 45.14
N GLU D 503 41.11 46.74 46.00
CA GLU D 503 40.63 46.48 47.35
C GLU D 503 40.90 47.66 48.27
N GLU D 504 40.17 48.75 48.03
CA GLU D 504 40.32 50.03 48.74
C GLU D 504 39.02 50.86 48.66
N GLU D 505 39.01 52.02 49.32
CA GLU D 505 37.89 52.99 49.38
C GLU D 505 36.54 52.49 49.95
N SER D 506 36.59 51.65 51.01
CA SER D 506 35.44 51.09 51.71
C SER D 506 35.93 50.60 53.07
N ASP E 16 10.22 40.43 61.85
CA ASP E 16 11.42 39.67 62.19
C ASP E 16 11.88 38.76 61.04
N GLN E 17 11.00 37.84 60.55
CA GLN E 17 11.33 36.88 59.48
C GLN E 17 10.29 36.75 58.39
N ILE E 18 10.75 36.72 57.14
CA ILE E 18 9.86 36.46 56.01
C ILE E 18 10.43 35.29 55.22
N CYS E 19 9.61 34.29 54.85
CA CYS E 19 9.98 33.10 54.06
C CYS E 19 9.26 33.09 52.73
N ILE E 20 9.93 32.54 51.73
CA ILE E 20 9.38 32.35 50.40
C ILE E 20 9.28 30.88 50.11
N GLY E 21 8.09 30.44 49.74
CA GLY E 21 7.83 29.02 49.52
C GLY E 21 6.59 28.74 48.72
N TYR E 22 6.11 27.50 48.82
CA TYR E 22 5.01 27.08 48.01
C TYR E 22 4.10 26.04 48.60
N HIS E 23 2.93 25.98 47.97
CA HIS E 23 1.78 25.14 48.23
C HIS E 23 2.02 23.65 48.16
N ALA E 24 1.40 22.95 49.09
CA ALA E 24 1.41 21.50 49.17
C ALA E 24 0.04 21.14 49.66
N ASN E 25 -0.42 19.94 49.36
CA ASN E 25 -1.76 19.57 49.76
C ASN E 25 -1.88 18.06 49.98
N ASN E 26 -3.13 17.58 50.20
CA ASN E 26 -3.53 16.19 50.34
C ASN E 26 -3.99 15.67 48.97
N SER E 27 -3.04 15.13 48.15
CA SER E 27 -3.29 14.70 46.76
C SER E 27 -2.39 13.57 46.37
N THR E 28 -2.97 12.65 45.61
CA THR E 28 -2.31 11.48 45.08
C THR E 28 -2.30 11.48 43.55
N GLU E 29 -2.54 12.63 42.93
CA GLU E 29 -2.51 12.67 41.47
C GLU E 29 -1.09 12.42 41.03
N LYS E 30 -0.87 11.54 40.05
CA LYS E 30 0.51 11.31 39.62
C LYS E 30 0.69 11.47 38.15
N VAL E 31 1.85 11.99 37.80
CA VAL E 31 2.19 12.18 36.41
C VAL E 31 3.53 11.57 36.15
N ASP E 32 3.84 11.31 34.89
CA ASP E 32 5.18 10.86 34.55
C ASP E 32 5.89 12.02 33.87
N THR E 33 7.20 12.05 33.92
CA THR E 33 7.97 13.08 33.25
C THR E 33 9.03 12.40 32.43
N ILE E 34 9.80 13.14 31.67
CA ILE E 34 10.79 12.44 30.89
C ILE E 34 11.90 11.91 31.81
N LEU E 35 12.27 12.67 32.87
CA LEU E 35 13.33 12.22 33.76
C LEU E 35 12.87 11.35 34.94
N GLU E 36 11.58 11.46 35.32
CA GLU E 36 11.10 10.90 36.60
C GLU E 36 9.74 10.24 36.41
N ARG E 37 9.48 9.13 37.09
CA ARG E 37 8.19 8.41 36.95
C ARG E 37 7.42 8.44 38.28
N ASN E 38 6.13 8.76 38.23
CA ASN E 38 5.27 8.78 39.44
C ASN E 38 5.47 10.00 40.33
N VAL E 39 5.87 11.13 39.78
CA VAL E 39 5.91 12.36 40.63
C VAL E 39 4.48 12.64 41.05
N THR E 40 4.24 12.96 42.32
CA THR E 40 2.87 13.21 42.85
C THR E 40 2.65 14.72 42.85
N VAL E 41 1.56 15.21 42.26
CA VAL E 41 1.54 16.65 41.96
C VAL E 41 0.36 17.26 42.72
N THR E 42 0.36 18.56 42.94
CA THR E 42 -0.74 19.20 43.64
C THR E 42 -1.99 19.31 42.76
N HIS E 43 -1.87 19.31 41.44
CA HIS E 43 -2.96 19.37 40.49
C HIS E 43 -2.55 18.70 39.18
N ALA E 44 -3.50 18.05 38.52
CA ALA E 44 -3.23 17.40 37.23
C ALA E 44 -4.47 17.36 36.37
N LYS E 45 -4.28 17.24 35.07
CA LYS E 45 -5.40 17.11 34.15
C LYS E 45 -5.27 15.89 33.26
N ASP E 46 -6.28 15.05 33.31
CA ASP E 46 -6.30 13.84 32.48
C ASP E 46 -6.86 14.23 31.13
N ILE E 47 -6.07 14.03 30.07
CA ILE E 47 -6.49 14.45 28.74
C ILE E 47 -6.86 13.29 27.83
N LEU E 48 -7.01 12.10 28.43
CA LEU E 48 -7.42 10.90 27.69
C LEU E 48 -8.78 10.41 28.16
N GLU E 49 -9.73 10.33 27.26
CA GLU E 49 -11.07 9.87 27.60
C GLU E 49 -11.17 8.36 27.57
N LYS E 50 -11.50 7.80 28.70
CA LYS E 50 -11.56 6.36 28.84
C LYS E 50 -12.96 5.76 28.99
N THR E 51 -14.00 6.59 29.21
CA THR E 51 -15.31 6.00 29.49
C THR E 51 -16.44 6.40 28.55
N HIS E 52 -17.12 5.39 28.05
CA HIS E 52 -18.28 5.58 27.20
C HIS E 52 -19.53 5.24 28.01
N ASN E 53 -20.73 5.42 27.45
CA ASN E 53 -21.91 5.12 28.26
C ASN E 53 -22.57 3.75 28.07
N GLY E 54 -21.99 2.86 27.27
CA GLY E 54 -22.57 1.54 27.06
C GLY E 54 -23.79 1.48 26.15
N LYS E 55 -24.18 2.60 25.55
CA LYS E 55 -25.39 2.65 24.74
C LYS E 55 -25.21 3.07 23.30
N LEU E 56 -26.10 2.62 22.45
CA LEU E 56 -26.11 3.11 21.08
C LEU E 56 -27.16 4.24 21.05
N CYS E 57 -26.70 5.47 20.79
CA CYS E 57 -27.44 6.73 20.85
C CYS E 57 -27.82 7.27 19.47
N LYS E 58 -28.78 8.17 19.48
CA LYS E 58 -29.16 8.89 18.30
C LYS E 58 -27.97 9.78 18.06
N LEU E 59 -27.58 9.99 16.83
CA LEU E 59 -26.43 10.84 16.57
C LEU E 59 -26.91 12.17 16.07
N ASN E 60 -26.57 13.23 16.79
CA ASN E 60 -27.00 14.57 16.50
C ASN E 60 -28.53 14.65 16.50
N GLY E 61 -29.18 13.88 17.37
CA GLY E 61 -30.63 13.86 17.52
C GLY E 61 -31.37 12.96 16.53
N ILE E 62 -30.66 12.35 15.59
CA ILE E 62 -31.30 11.52 14.58
C ILE E 62 -31.02 10.03 14.84
N PRO E 63 -32.02 9.17 14.97
CA PRO E 63 -31.85 7.76 15.20
C PRO E 63 -31.07 7.09 14.09
N PRO E 64 -30.42 5.97 14.36
CA PRO E 64 -29.74 5.09 13.44
C PRO E 64 -30.74 4.28 12.65
N LEU E 65 -30.27 3.66 11.59
CA LEU E 65 -31.11 2.76 10.83
C LEU E 65 -30.88 1.39 11.40
N GLU E 66 -31.82 0.89 12.16
CA GLU E 66 -31.57 -0.40 12.74
C GLU E 66 -32.07 -1.46 11.80
N LEU E 67 -31.16 -2.27 11.23
CA LEU E 67 -31.54 -3.27 10.25
C LEU E 67 -31.99 -4.57 10.89
N GLY E 68 -31.79 -4.68 12.19
CA GLY E 68 -32.13 -5.92 12.85
C GLY E 68 -31.26 -7.02 12.26
N ASP E 69 -31.88 -8.08 11.77
CA ASP E 69 -31.14 -9.18 11.18
C ASP E 69 -30.89 -9.12 9.66
N CYS E 70 -31.26 -8.00 8.98
CA CYS E 70 -31.14 -7.77 7.55
C CYS E 70 -29.76 -7.26 7.15
N SER E 71 -29.37 -7.64 5.95
CA SER E 71 -28.17 -7.12 5.33
C SER E 71 -28.60 -5.99 4.45
N ILE E 72 -27.65 -5.23 3.93
CA ILE E 72 -27.98 -4.16 3.01
C ILE E 72 -28.63 -4.72 1.77
N ALA E 73 -28.09 -5.82 1.23
CA ALA E 73 -28.70 -6.40 0.04
C ALA E 73 -30.11 -6.86 0.32
N GLY E 74 -30.36 -7.46 1.48
CA GLY E 74 -31.70 -7.94 1.79
C GLY E 74 -32.67 -6.80 1.87
N TRP E 75 -32.23 -5.70 2.47
CA TRP E 75 -33.03 -4.52 2.63
C TRP E 75 -33.44 -3.90 1.32
N LEU E 76 -32.49 -3.68 0.44
CA LEU E 76 -32.74 -3.02 -0.81
C LEU E 76 -33.48 -3.90 -1.80
N LEU E 77 -33.25 -5.21 -1.77
CA LEU E 77 -33.95 -6.09 -2.68
C LEU E 77 -35.35 -6.37 -2.18
N GLY E 78 -35.58 -6.32 -0.89
CA GLY E 78 -36.91 -6.59 -0.39
C GLY E 78 -37.08 -8.00 0.15
N ASN E 79 -36.05 -8.57 0.74
CA ASN E 79 -36.18 -9.88 1.34
C ASN E 79 -37.45 -9.85 2.16
N PRO E 80 -38.39 -10.80 2.03
CA PRO E 80 -39.65 -10.87 2.74
C PRO E 80 -39.53 -10.81 4.25
N GLU E 81 -38.36 -11.11 4.79
CA GLU E 81 -38.19 -11.06 6.24
C GLU E 81 -37.77 -9.64 6.76
N CYS E 82 -37.61 -8.65 5.84
CA CYS E 82 -37.18 -7.27 6.05
C CYS E 82 -38.36 -6.33 5.81
N ASP E 83 -39.59 -6.80 6.02
CA ASP E 83 -40.78 -5.97 5.78
C ASP E 83 -40.81 -4.71 6.64
N ARG E 84 -40.20 -4.78 7.81
CA ARG E 84 -40.12 -3.67 8.74
C ARG E 84 -39.27 -2.52 8.18
N LEU E 85 -38.49 -2.79 7.14
CA LEU E 85 -37.61 -1.82 6.51
C LEU E 85 -38.14 -1.30 5.16
N LEU E 86 -39.40 -1.53 4.85
CA LEU E 86 -39.92 -1.06 3.56
C LEU E 86 -40.25 0.43 3.51
N SER E 87 -40.23 1.11 4.65
CA SER E 87 -40.53 2.52 4.77
C SER E 87 -39.58 3.21 5.76
N VAL E 88 -38.28 3.08 5.52
CA VAL E 88 -37.28 3.59 6.44
C VAL E 88 -37.15 5.12 6.47
N PRO E 89 -37.26 5.76 7.66
CA PRO E 89 -37.11 7.17 7.91
C PRO E 89 -35.64 7.55 7.91
N GLU E 90 -35.35 8.83 7.88
CA GLU E 90 -33.97 9.32 7.89
C GLU E 90 -33.16 8.79 9.03
N TRP E 91 -31.93 8.39 8.72
CA TRP E 91 -31.03 7.86 9.71
C TRP E 91 -29.73 8.62 9.78
N SER E 92 -29.13 8.58 10.96
CA SER E 92 -27.84 9.20 11.23
C SER E 92 -26.62 8.32 10.98
N TYR E 93 -26.81 7.00 11.05
CA TYR E 93 -25.80 5.96 10.81
C TYR E 93 -26.56 4.67 10.60
N ILE E 94 -25.92 3.65 10.06
CA ILE E 94 -26.58 2.36 9.86
C ILE E 94 -26.07 1.31 10.80
N MET E 95 -26.96 0.62 11.47
CA MET E 95 -26.52 -0.45 12.35
C MET E 95 -26.78 -1.79 11.71
N GLU E 96 -25.71 -2.40 11.26
CA GLU E 96 -25.79 -3.67 10.60
C GLU E 96 -25.22 -4.70 11.52
N LYS E 97 -25.92 -5.78 11.72
CA LYS E 97 -25.42 -6.82 12.59
C LYS E 97 -24.32 -7.50 11.82
N GLU E 98 -23.22 -7.87 12.44
CA GLU E 98 -22.23 -8.57 11.67
C GLU E 98 -22.78 -9.95 11.40
N ASN E 99 -22.58 -10.45 10.19
CA ASN E 99 -23.11 -11.76 9.79
C ASN E 99 -24.63 -11.84 9.97
N PRO E 100 -25.40 -10.99 9.29
CA PRO E 100 -26.85 -10.89 9.31
C PRO E 100 -27.42 -12.10 8.61
N ARG E 101 -28.69 -12.41 8.84
CA ARG E 101 -29.26 -13.58 8.17
C ARG E 101 -30.17 -13.24 6.99
N ASP E 102 -30.86 -12.13 7.06
CA ASP E 102 -31.85 -11.81 6.05
C ASP E 102 -31.21 -11.07 4.88
N GLY E 103 -30.48 -11.85 4.10
CA GLY E 103 -29.72 -11.39 2.96
C GLY E 103 -30.33 -11.89 1.68
N LEU E 104 -29.53 -12.52 0.85
CA LEU E 104 -30.07 -13.01 -0.39
C LEU E 104 -30.70 -14.37 -0.18
N CYS E 105 -32.02 -14.41 0.18
CA CYS E 105 -32.81 -15.62 0.47
C CYS E 105 -32.72 -16.60 -0.71
N TYR E 106 -32.90 -16.05 -1.89
CA TYR E 106 -32.70 -16.84 -3.06
C TYR E 106 -31.19 -16.73 -3.19
N PRO E 107 -30.41 -17.79 -3.18
CA PRO E 107 -28.97 -17.72 -3.14
C PRO E 107 -28.48 -16.98 -4.33
N GLY E 108 -27.40 -16.25 -4.15
CA GLY E 108 -26.87 -15.48 -5.22
C GLY E 108 -25.65 -14.70 -4.79
N SER E 109 -25.39 -13.65 -5.53
CA SER E 109 -24.24 -12.78 -5.33
C SER E 109 -24.66 -11.37 -5.65
N PHE E 110 -23.91 -10.40 -5.16
CA PHE E 110 -24.24 -9.02 -5.44
C PHE E 110 -22.94 -8.37 -5.87
N ASN E 111 -22.88 -7.86 -7.07
CA ASN E 111 -21.68 -7.27 -7.63
C ASN E 111 -21.44 -5.89 -7.08
N ASP E 112 -20.19 -5.54 -6.86
CA ASP E 112 -19.83 -4.22 -6.37
C ASP E 112 -20.63 -3.90 -5.13
N TYR E 113 -20.73 -4.89 -4.26
CA TYR E 113 -21.48 -4.74 -3.04
C TYR E 113 -20.77 -3.86 -2.07
N GLU E 114 -19.46 -3.97 -1.98
CA GLU E 114 -18.68 -3.16 -1.08
C GLU E 114 -18.75 -1.70 -1.51
N GLU E 115 -18.77 -1.46 -2.83
CA GLU E 115 -18.88 -0.10 -3.32
C GLU E 115 -20.24 0.44 -2.99
N LEU E 116 -21.29 -0.39 -3.03
CA LEU E 116 -22.60 0.08 -2.67
C LEU E 116 -22.67 0.40 -1.20
N LYS E 117 -22.10 -0.44 -0.35
CA LYS E 117 -22.14 -0.15 1.06
C LYS E 117 -21.43 1.16 1.35
N HIS E 118 -20.32 1.41 0.64
CA HIS E 118 -19.59 2.65 0.78
C HIS E 118 -20.47 3.81 0.31
N LEU E 119 -21.13 3.66 -0.82
CA LEU E 119 -22.01 4.70 -1.34
C LEU E 119 -23.06 5.08 -0.35
N LEU E 120 -23.62 4.11 0.34
CA LEU E 120 -24.70 4.34 1.29
C LEU E 120 -24.25 5.03 2.54
N SER E 121 -22.95 5.18 2.74
CA SER E 121 -22.43 5.87 3.88
C SER E 121 -22.82 7.32 3.75
N SER E 122 -22.43 7.98 2.67
CA SER E 122 -22.79 9.38 2.53
C SER E 122 -24.16 9.56 1.89
N VAL E 123 -25.19 9.01 2.51
CA VAL E 123 -26.56 9.06 1.99
C VAL E 123 -27.62 9.52 2.97
N LYS E 124 -27.72 8.86 4.12
CA LYS E 124 -28.82 9.11 5.05
C LYS E 124 -30.15 8.85 4.33
N HIS E 125 -31.15 9.67 4.46
CA HIS E 125 -32.40 9.28 3.83
C HIS E 125 -32.40 9.16 2.30
N PHE E 126 -33.21 8.21 1.82
CA PHE E 126 -33.53 8.04 0.42
C PHE E 126 -34.98 7.61 0.28
N GLU E 127 -35.58 7.94 -0.84
CA GLU E 127 -36.96 7.61 -1.13
C GLU E 127 -37.14 6.47 -2.08
N LYS E 128 -37.97 5.52 -1.72
CA LYS E 128 -38.21 4.43 -2.65
C LYS E 128 -39.23 4.92 -3.66
N VAL E 129 -38.88 4.82 -4.94
CA VAL E 129 -39.69 5.30 -6.05
C VAL E 129 -40.08 4.19 -6.99
N LYS E 130 -41.35 4.05 -7.31
CA LYS E 130 -41.68 2.99 -8.24
C LYS E 130 -41.25 3.44 -9.64
N ILE E 131 -40.46 2.61 -10.32
CA ILE E 131 -39.96 2.97 -11.64
C ILE E 131 -40.58 2.15 -12.75
N LEU E 132 -40.72 0.84 -12.53
CA LEU E 132 -41.21 -0.09 -13.52
C LEU E 132 -42.29 -0.98 -12.90
N PRO E 133 -43.53 -0.49 -12.74
CA PRO E 133 -44.57 -1.15 -12.00
C PRO E 133 -44.75 -2.56 -12.47
N LYS E 134 -44.94 -3.48 -11.55
CA LYS E 134 -45.05 -4.89 -11.88
C LYS E 134 -46.08 -5.20 -12.95
N ASP E 135 -47.19 -4.51 -12.94
CA ASP E 135 -48.25 -4.82 -13.88
C ASP E 135 -48.06 -4.21 -15.26
N ARG E 136 -46.91 -3.58 -15.51
CA ARG E 136 -46.65 -3.05 -16.83
C ARG E 136 -46.16 -4.18 -17.68
N TRP E 137 -45.75 -5.28 -17.04
CA TRP E 137 -45.14 -6.35 -17.79
C TRP E 137 -46.18 -7.27 -18.36
N THR E 138 -46.89 -6.76 -19.33
CA THR E 138 -47.93 -7.56 -19.91
C THR E 138 -47.19 -8.52 -20.78
N GLN E 139 -47.84 -9.60 -21.13
CA GLN E 139 -47.26 -10.65 -21.94
C GLN E 139 -46.14 -11.42 -21.22
N HIS E 140 -45.98 -11.21 -19.91
CA HIS E 140 -45.02 -11.95 -19.10
C HIS E 140 -45.65 -12.40 -17.81
N THR E 141 -45.06 -13.43 -17.23
CA THR E 141 -45.50 -13.88 -15.93
C THR E 141 -44.69 -13.16 -14.88
N THR E 142 -45.38 -12.50 -13.96
CA THR E 142 -44.77 -11.71 -12.91
C THR E 142 -45.10 -12.26 -11.54
N THR E 143 -45.53 -13.52 -11.52
CA THR E 143 -45.99 -14.21 -10.33
C THR E 143 -45.06 -15.31 -9.88
N GLY E 144 -43.82 -15.29 -10.35
CA GLY E 144 -42.87 -16.33 -9.99
C GLY E 144 -42.40 -16.12 -8.57
N GLY E 145 -41.76 -17.13 -8.01
CA GLY E 145 -41.27 -17.05 -6.65
C GLY E 145 -40.61 -18.35 -6.29
N SER E 146 -40.19 -18.46 -5.05
CA SER E 146 -39.49 -19.64 -4.57
C SER E 146 -39.72 -19.93 -3.12
N ARG E 147 -39.64 -21.21 -2.79
CA ARG E 147 -39.78 -21.65 -1.41
C ARG E 147 -38.66 -21.08 -0.55
N ALA E 148 -37.54 -20.72 -1.18
CA ALA E 148 -36.39 -20.15 -0.46
C ALA E 148 -36.72 -18.85 0.28
N CYS E 149 -37.66 -18.02 -0.26
CA CYS E 149 -38.04 -16.71 0.24
C CYS E 149 -39.45 -16.81 0.81
N ALA E 150 -39.93 -18.04 1.06
CA ALA E 150 -41.32 -18.22 1.47
C ALA E 150 -41.70 -17.53 2.75
N VAL E 151 -42.94 -17.08 2.76
CA VAL E 151 -43.54 -16.41 3.89
C VAL E 151 -44.71 -17.24 4.33
N SER E 152 -44.68 -17.72 5.56
CA SER E 152 -45.73 -18.59 6.05
C SER E 152 -45.97 -19.78 5.13
N GLY E 153 -44.88 -20.42 4.70
CA GLY E 153 -44.92 -21.59 3.83
C GLY E 153 -45.00 -21.25 2.34
N ASN E 154 -45.90 -20.36 2.01
CA ASN E 154 -46.14 -19.92 0.65
C ASN E 154 -44.90 -19.32 -0.03
N PRO E 155 -44.48 -19.80 -1.22
CA PRO E 155 -43.34 -19.31 -1.98
C PRO E 155 -43.50 -17.82 -2.22
N SER E 156 -42.38 -17.12 -2.22
CA SER E 156 -42.43 -15.68 -2.42
C SER E 156 -41.16 -15.18 -3.07
N PHE E 157 -40.94 -13.88 -3.06
CA PHE E 157 -39.76 -13.36 -3.71
C PHE E 157 -39.35 -12.03 -3.13
N PHE E 158 -38.28 -11.47 -3.63
CA PHE E 158 -37.82 -10.19 -3.16
C PHE E 158 -38.92 -9.22 -3.52
N ARG E 159 -39.34 -8.40 -2.58
CA ARG E 159 -40.46 -7.53 -2.83
C ARG E 159 -40.24 -6.35 -3.73
N ASN E 160 -39.01 -5.91 -3.92
CA ASN E 160 -38.81 -4.76 -4.78
C ASN E 160 -38.39 -5.19 -6.18
N MET E 161 -38.44 -6.50 -6.46
CA MET E 161 -37.97 -7.06 -7.72
C MET E 161 -39.04 -7.88 -8.45
N VAL E 162 -38.99 -7.89 -9.76
CA VAL E 162 -39.93 -8.66 -10.55
C VAL E 162 -39.22 -9.76 -11.33
N TRP E 163 -39.61 -11.00 -11.09
CA TRP E 163 -38.99 -12.11 -11.78
C TRP E 163 -39.78 -12.37 -13.03
N LEU E 164 -39.23 -12.09 -14.20
CA LEU E 164 -40.01 -12.24 -15.42
C LEU E 164 -39.78 -13.60 -16.04
N THR E 165 -40.85 -14.37 -16.16
CA THR E 165 -40.80 -15.72 -16.72
C THR E 165 -41.83 -15.91 -17.83
N LYS E 166 -41.75 -17.10 -18.43
CA LYS E 166 -42.61 -17.41 -19.60
C LYS E 166 -44.08 -17.33 -19.24
N LYS E 167 -44.88 -16.82 -20.16
CA LYS E 167 -46.33 -16.70 -20.02
C LYS E 167 -46.99 -17.53 -21.10
N GLY E 168 -47.86 -18.45 -20.71
CA GLY E 168 -48.39 -19.29 -21.75
C GLY E 168 -47.20 -20.08 -22.26
N SER E 169 -46.90 -19.99 -23.54
CA SER E 169 -45.78 -20.70 -24.13
C SER E 169 -44.68 -19.77 -24.64
N ASN E 170 -44.75 -18.47 -24.31
CA ASN E 170 -43.78 -17.53 -24.86
C ASN E 170 -43.10 -16.58 -23.91
N TYR E 171 -41.93 -16.12 -24.35
CA TYR E 171 -41.19 -15.10 -23.64
C TYR E 171 -40.82 -14.00 -24.64
N PRO E 172 -41.69 -13.04 -24.91
CA PRO E 172 -41.50 -11.96 -25.84
C PRO E 172 -40.32 -11.19 -25.32
N VAL E 173 -39.59 -10.50 -26.17
CA VAL E 173 -38.46 -9.78 -25.60
C VAL E 173 -39.01 -8.79 -24.59
N ALA E 174 -38.42 -8.82 -23.41
CA ALA E 174 -38.83 -7.99 -22.31
C ALA E 174 -38.16 -6.66 -22.43
N LYS E 175 -38.94 -5.60 -22.43
CA LYS E 175 -38.35 -4.28 -22.52
C LYS E 175 -38.99 -3.32 -21.58
N GLY E 176 -38.22 -2.33 -21.20
CA GLY E 176 -38.72 -1.21 -20.42
C GLY E 176 -37.62 -0.23 -20.17
N SER E 177 -37.99 0.95 -19.72
CA SER E 177 -36.99 1.95 -19.46
C SER E 177 -37.50 2.94 -18.47
N TYR E 178 -36.59 3.70 -17.91
CA TYR E 178 -36.96 4.74 -17.00
C TYR E 178 -36.09 5.99 -17.15
N ASN E 179 -36.75 7.16 -17.28
CA ASN E 179 -36.13 8.48 -17.37
C ASN E 179 -36.09 9.08 -15.96
N ASN E 180 -34.89 9.44 -15.44
CA ASN E 180 -34.77 9.93 -14.06
C ASN E 180 -35.16 11.38 -13.95
N THR E 181 -36.42 11.58 -13.63
CA THR E 181 -37.04 12.87 -13.46
C THR E 181 -37.44 13.01 -12.01
N SER E 182 -36.89 12.15 -11.15
CA SER E 182 -37.23 12.07 -9.71
C SER E 182 -36.76 13.25 -8.88
N GLY E 183 -35.81 14.00 -9.40
CA GLY E 183 -35.21 15.16 -8.75
C GLY E 183 -33.81 14.95 -8.23
N GLU E 184 -33.36 13.70 -8.12
CA GLU E 184 -32.00 13.42 -7.64
C GLU E 184 -31.49 12.09 -8.19
N GLN E 185 -30.18 11.93 -8.18
CA GLN E 185 -29.50 10.72 -8.63
C GLN E 185 -30.12 9.49 -7.98
N MET E 186 -30.42 8.49 -8.81
CA MET E 186 -31.11 7.29 -8.36
C MET E 186 -30.33 5.98 -8.42
N LEU E 187 -30.49 5.16 -7.40
CA LEU E 187 -29.91 3.83 -7.34
C LEU E 187 -30.82 2.76 -7.90
N ILE E 188 -30.33 2.06 -8.90
CA ILE E 188 -31.11 1.01 -9.54
C ILE E 188 -30.41 -0.33 -9.46
N ILE E 189 -31.14 -1.33 -9.01
CA ILE E 189 -30.67 -2.70 -8.84
C ILE E 189 -31.42 -3.63 -9.78
N TRP E 190 -30.72 -4.56 -10.41
CA TRP E 190 -31.37 -5.53 -11.29
C TRP E 190 -30.57 -6.81 -11.22
N GLY E 191 -31.09 -7.90 -11.75
CA GLY E 191 -30.24 -9.08 -11.73
C GLY E 191 -30.54 -10.09 -12.79
N VAL E 192 -29.72 -11.14 -12.82
CA VAL E 192 -29.80 -12.22 -13.78
C VAL E 192 -29.90 -13.57 -13.11
N HIS E 193 -30.87 -14.35 -13.54
CA HIS E 193 -31.01 -15.71 -13.02
C HIS E 193 -30.08 -16.66 -13.75
N HIS E 194 -29.42 -17.52 -12.99
CA HIS E 194 -28.52 -18.55 -13.48
C HIS E 194 -29.00 -19.94 -13.07
N PRO E 195 -29.68 -20.68 -13.94
CA PRO E 195 -30.27 -21.98 -13.73
C PRO E 195 -29.25 -23.05 -13.42
N ASN E 196 -29.69 -24.08 -12.71
CA ASN E 196 -28.85 -25.22 -12.39
C ASN E 196 -28.67 -26.06 -13.66
N ASP E 197 -29.71 -26.11 -14.50
CA ASP E 197 -29.61 -26.87 -15.74
C ASP E 197 -30.51 -26.33 -16.87
N GLU E 198 -30.42 -26.97 -18.04
CA GLU E 198 -31.18 -26.56 -19.21
C GLU E 198 -32.66 -26.85 -19.10
N THR E 199 -33.03 -27.85 -18.29
CA THR E 199 -34.43 -28.14 -18.10
C THR E 199 -35.06 -26.94 -17.44
N GLU E 200 -34.41 -26.43 -16.40
CA GLU E 200 -34.89 -25.27 -15.67
C GLU E 200 -34.95 -24.06 -16.57
N GLN E 201 -33.93 -23.87 -17.42
CA GLN E 201 -33.92 -22.73 -18.32
C GLN E 201 -35.08 -22.75 -19.26
N ARG E 202 -35.41 -23.91 -19.81
CA ARG E 202 -36.53 -23.93 -20.72
C ARG E 202 -37.86 -23.81 -20.00
N THR E 203 -37.98 -24.43 -18.84
CA THR E 203 -39.23 -24.37 -18.08
C THR E 203 -39.57 -22.94 -17.72
N LEU E 204 -38.57 -22.16 -17.32
CA LEU E 204 -38.80 -20.79 -16.95
C LEU E 204 -38.80 -19.77 -18.09
N TYR E 205 -37.94 -19.92 -19.11
CA TYR E 205 -37.85 -18.87 -20.12
C TYR E 205 -38.09 -19.28 -21.58
N GLN E 206 -38.37 -20.56 -21.86
CA GLN E 206 -38.57 -21.12 -23.21
C GLN E 206 -37.28 -21.20 -24.04
N ASN E 207 -36.61 -20.07 -24.25
CA ASN E 207 -35.36 -20.04 -24.99
C ASN E 207 -34.21 -20.32 -24.07
N VAL E 208 -33.12 -20.79 -24.66
CA VAL E 208 -31.87 -21.04 -23.97
C VAL E 208 -30.82 -20.00 -24.32
N GLY E 209 -30.75 -19.58 -25.57
CA GLY E 209 -29.71 -18.66 -26.01
C GLY E 209 -30.07 -17.22 -25.64
N THR E 210 -30.19 -16.95 -24.35
CA THR E 210 -30.67 -15.68 -23.87
C THR E 210 -29.59 -14.75 -23.38
N TYR E 211 -29.97 -13.48 -23.22
CA TYR E 211 -29.12 -12.46 -22.66
C TYR E 211 -29.94 -11.40 -21.98
N VAL E 212 -29.27 -10.65 -21.11
CA VAL E 212 -29.81 -9.48 -20.46
C VAL E 212 -28.93 -8.28 -20.76
N SER E 213 -29.54 -7.21 -21.25
CA SER E 213 -28.82 -6.00 -21.63
C SER E 213 -29.36 -4.77 -20.93
N VAL E 214 -28.46 -4.06 -20.25
CA VAL E 214 -28.83 -2.87 -19.51
C VAL E 214 -27.92 -1.70 -19.84
N GLY E 215 -28.47 -0.51 -20.01
CA GLY E 215 -27.57 0.60 -20.22
C GLY E 215 -28.17 1.99 -20.02
N THR E 216 -27.27 2.95 -19.87
CA THR E 216 -27.50 4.37 -19.62
C THR E 216 -26.53 5.10 -20.50
N SER E 217 -26.33 6.40 -20.30
CA SER E 217 -25.36 7.09 -21.15
C SER E 217 -23.92 6.68 -20.82
N THR E 218 -23.70 6.07 -19.64
CA THR E 218 -22.38 5.62 -19.21
C THR E 218 -22.26 4.11 -19.02
N LEU E 219 -23.37 3.44 -18.81
CA LEU E 219 -23.40 2.00 -18.58
C LEU E 219 -23.72 1.25 -19.84
N ASN E 220 -22.89 0.29 -20.18
CA ASN E 220 -23.10 -0.51 -21.36
C ASN E 220 -22.83 -1.96 -21.01
N LYS E 221 -23.80 -2.64 -20.42
CA LYS E 221 -23.54 -3.97 -19.93
C LYS E 221 -24.45 -5.04 -20.48
N ARG E 222 -23.84 -6.11 -20.98
CA ARG E 222 -24.60 -7.24 -21.48
C ARG E 222 -24.06 -8.49 -20.84
N SER E 223 -24.96 -9.36 -20.42
CA SER E 223 -24.58 -10.59 -19.76
C SER E 223 -25.46 -11.75 -20.11
N THR E 224 -24.88 -12.94 -20.20
CA THR E 224 -25.65 -14.11 -20.51
C THR E 224 -25.68 -15.03 -19.30
N PRO E 225 -26.72 -15.83 -19.09
CA PRO E 225 -26.81 -16.80 -18.04
C PRO E 225 -25.76 -17.87 -18.14
N ASP E 226 -25.28 -18.30 -17.00
CA ASP E 226 -24.32 -19.37 -16.86
C ASP E 226 -25.04 -20.60 -16.32
N ILE E 227 -25.39 -21.52 -17.19
CA ILE E 227 -26.14 -22.68 -16.75
C ILE E 227 -25.16 -23.73 -16.31
N ALA E 228 -25.25 -24.13 -15.04
CA ALA E 228 -24.31 -25.10 -14.52
C ALA E 228 -24.80 -25.76 -13.27
N THR E 229 -24.35 -26.98 -13.03
CA THR E 229 -24.67 -27.62 -11.77
C THR E 229 -23.86 -26.97 -10.67
N ARG E 230 -24.53 -26.61 -9.59
CA ARG E 230 -23.87 -25.98 -8.47
C ARG E 230 -24.29 -26.66 -7.17
N PRO E 231 -23.49 -26.59 -6.09
CA PRO E 231 -23.86 -27.05 -4.76
C PRO E 231 -25.11 -26.31 -4.38
N LYS E 232 -26.03 -26.97 -3.69
CA LYS E 232 -27.24 -26.25 -3.31
C LYS E 232 -27.04 -25.36 -2.11
N VAL E 233 -27.65 -24.19 -2.16
CA VAL E 233 -27.68 -23.26 -1.06
C VAL E 233 -29.14 -22.95 -0.79
N ASN E 234 -29.57 -23.15 0.44
CA ASN E 234 -30.96 -22.95 0.83
C ASN E 234 -31.89 -23.79 -0.04
N GLY E 235 -31.42 -24.98 -0.44
CA GLY E 235 -32.19 -25.91 -1.25
C GLY E 235 -32.12 -25.69 -2.77
N GLN E 236 -31.49 -24.62 -3.23
CA GLN E 236 -31.46 -24.36 -4.67
C GLN E 236 -30.07 -24.42 -5.28
N GLY E 237 -29.99 -25.03 -6.47
CA GLY E 237 -28.71 -25.13 -7.20
C GLY E 237 -28.52 -23.98 -8.18
N GLY E 238 -29.49 -23.10 -8.21
CA GLY E 238 -29.51 -21.94 -9.06
C GLY E 238 -28.98 -20.74 -8.31
N ARG E 239 -28.64 -19.68 -9.03
CA ARG E 239 -28.15 -18.46 -8.40
C ARG E 239 -28.72 -17.18 -9.01
N MET E 240 -28.94 -16.16 -8.21
CA MET E 240 -29.28 -14.86 -8.80
C MET E 240 -28.16 -13.87 -8.61
N GLU E 241 -27.71 -13.28 -9.69
CA GLU E 241 -26.64 -12.31 -9.65
C GLU E 241 -27.20 -10.91 -9.74
N PHE E 242 -26.92 -10.08 -8.76
CA PHE E 242 -27.48 -8.73 -8.76
C PHE E 242 -26.39 -7.72 -9.00
N SER E 243 -26.75 -6.63 -9.64
CA SER E 243 -25.82 -5.56 -9.91
C SER E 243 -26.54 -4.24 -9.82
N TRP E 244 -25.79 -3.15 -9.78
CA TRP E 244 -26.43 -1.87 -9.65
C TRP E 244 -25.70 -0.75 -10.32
N THR E 245 -26.42 0.32 -10.61
CA THR E 245 -25.82 1.53 -11.10
C THR E 245 -26.48 2.73 -10.52
N LEU E 246 -25.90 3.90 -10.76
CA LEU E 246 -26.55 5.14 -10.41
C LEU E 246 -26.94 5.81 -11.68
N LEU E 247 -28.20 6.13 -11.75
CA LEU E 247 -28.73 6.77 -12.90
C LEU E 247 -28.69 8.27 -12.63
N ASP E 248 -27.89 8.95 -13.41
CA ASP E 248 -27.70 10.36 -13.22
C ASP E 248 -28.96 11.06 -13.54
N MET E 249 -29.14 12.21 -12.94
CA MET E 249 -30.36 12.94 -13.13
C MET E 249 -30.52 13.28 -14.61
N TRP E 250 -31.73 13.07 -15.11
CA TRP E 250 -32.19 13.29 -16.46
C TRP E 250 -31.70 12.26 -17.47
N ASP E 251 -30.98 11.23 -17.02
CA ASP E 251 -30.58 10.20 -17.97
C ASP E 251 -31.67 9.15 -18.06
N THR E 252 -31.49 8.15 -18.91
CA THR E 252 -32.45 7.06 -19.07
C THR E 252 -31.82 5.70 -19.02
N ILE E 253 -32.41 4.81 -18.24
CA ILE E 253 -31.89 3.46 -18.19
C ILE E 253 -32.79 2.56 -18.99
N ASN E 254 -32.19 1.81 -19.89
CA ASN E 254 -32.94 0.90 -20.71
C ASN E 254 -32.66 -0.52 -20.30
N PHE E 255 -33.69 -1.34 -20.30
CA PHE E 255 -33.58 -2.77 -20.06
C PHE E 255 -34.11 -3.54 -21.25
N GLU E 256 -33.38 -4.57 -21.64
CA GLU E 256 -33.80 -5.48 -22.69
C GLU E 256 -33.42 -6.91 -22.36
N SER E 257 -34.35 -7.82 -22.50
CA SER E 257 -34.01 -9.20 -22.21
C SER E 257 -34.75 -10.25 -22.99
N THR E 258 -34.04 -11.31 -23.31
CA THR E 258 -34.61 -12.43 -24.01
C THR E 258 -34.85 -13.59 -23.06
N GLY E 259 -34.61 -13.34 -21.80
CA GLY E 259 -34.78 -14.29 -20.73
C GLY E 259 -33.83 -14.00 -19.59
N ASN E 260 -34.16 -14.55 -18.43
CA ASN E 260 -33.38 -14.49 -17.20
C ASN E 260 -33.25 -13.11 -16.54
N LEU E 261 -34.10 -12.16 -16.90
CA LEU E 261 -34.10 -10.85 -16.28
C LEU E 261 -34.99 -10.74 -15.07
N ILE E 262 -34.41 -10.18 -14.03
CA ILE E 262 -35.11 -9.84 -12.82
C ILE E 262 -35.09 -8.32 -12.80
N ALA E 263 -36.23 -7.72 -13.05
CA ALA E 263 -36.30 -6.29 -13.22
C ALA E 263 -36.54 -5.64 -11.89
N PRO E 264 -36.09 -4.44 -11.63
CA PRO E 264 -36.46 -3.73 -10.46
C PRO E 264 -37.85 -3.28 -10.62
N GLU E 265 -38.58 -3.19 -9.53
CA GLU E 265 -39.85 -2.51 -9.59
C GLU E 265 -39.59 -1.11 -9.09
N TYR E 266 -38.71 -1.00 -8.10
CA TYR E 266 -38.42 0.28 -7.47
C TYR E 266 -36.98 0.70 -7.58
N GLY E 267 -36.74 2.00 -7.61
CA GLY E 267 -35.39 2.54 -7.55
C GLY E 267 -35.29 3.37 -6.29
N PHE E 268 -34.11 3.84 -5.95
CA PHE E 268 -34.00 4.64 -4.74
C PHE E 268 -33.43 6.01 -4.97
N LYS E 269 -34.21 7.02 -4.67
CA LYS E 269 -33.79 8.39 -4.90
C LYS E 269 -33.01 8.87 -3.72
N ILE E 270 -31.82 9.34 -3.91
CA ILE E 270 -31.08 9.79 -2.76
C ILE E 270 -31.69 11.08 -2.24
N SER E 271 -31.98 11.19 -0.92
CA SER E 271 -32.61 12.42 -0.43
C SER E 271 -31.66 13.38 0.29
N LYS E 272 -30.72 12.86 1.08
CA LYS E 272 -29.90 13.80 1.86
C LYS E 272 -28.43 13.98 1.51
N ARG E 273 -27.72 12.89 1.24
CA ARG E 273 -26.29 12.93 0.88
C ARG E 273 -25.38 13.56 1.94
N GLY E 274 -25.69 13.36 3.21
CA GLY E 274 -24.83 13.91 4.26
C GLY E 274 -23.80 12.88 4.72
N SER E 275 -22.92 13.26 5.65
CA SER E 275 -21.91 12.33 6.14
C SER E 275 -22.47 11.38 7.18
N SER E 276 -22.14 10.10 7.03
CA SER E 276 -22.55 9.03 7.92
C SER E 276 -21.58 7.86 7.84
N GLY E 277 -22.05 6.65 8.15
CA GLY E 277 -21.23 5.44 8.11
C GLY E 277 -22.00 4.20 8.57
N ILE E 278 -21.38 3.03 8.39
CA ILE E 278 -22.01 1.78 8.79
C ILE E 278 -21.27 1.20 9.96
N MET E 279 -21.99 0.96 11.02
CA MET E 279 -21.45 0.41 12.24
C MET E 279 -21.83 -1.04 12.39
N LYS E 280 -20.90 -1.87 12.83
CA LYS E 280 -21.21 -3.28 13.04
C LYS E 280 -21.51 -3.55 14.48
N THR E 281 -22.75 -3.89 14.76
CA THR E 281 -23.14 -4.10 16.14
C THR E 281 -24.39 -4.92 16.33
N GLU E 282 -24.42 -5.66 17.42
CA GLU E 282 -25.55 -6.46 17.85
C GLU E 282 -26.52 -5.72 18.74
N GLY E 283 -26.24 -4.46 19.04
CA GLY E 283 -27.08 -3.73 19.95
C GLY E 283 -28.29 -3.11 19.27
N THR E 284 -29.03 -2.33 20.04
CA THR E 284 -30.24 -1.67 19.59
C THR E 284 -30.20 -0.23 20.01
N LEU E 285 -31.16 0.56 19.57
CA LEU E 285 -31.21 1.96 19.98
C LEU E 285 -31.78 2.12 21.39
N GLU E 286 -31.03 2.86 22.23
CA GLU E 286 -31.37 3.10 23.64
C GLU E 286 -32.04 4.44 23.94
N ASN E 287 -32.38 5.19 22.92
CA ASN E 287 -33.03 6.52 23.03
C ASN E 287 -32.31 7.60 23.88
N CYS E 288 -30.98 7.67 23.72
CA CYS E 288 -30.01 8.62 24.29
C CYS E 288 -29.46 9.46 23.14
N GLU E 289 -28.73 10.53 23.43
CA GLU E 289 -28.17 11.33 22.33
C GLU E 289 -26.68 11.58 22.44
N THR E 290 -25.99 11.54 21.31
CA THR E 290 -24.57 11.85 21.29
C THR E 290 -24.09 12.67 20.11
N LYS E 291 -22.82 13.01 20.15
CA LYS E 291 -22.06 13.68 19.09
C LYS E 291 -20.93 12.81 18.45
N CYS E 292 -20.59 11.69 19.15
CA CYS E 292 -19.54 10.71 18.89
C CYS E 292 -20.04 9.34 19.36
N GLN E 293 -20.00 8.35 18.48
CA GLN E 293 -20.49 7.01 18.82
C GLN E 293 -19.56 5.89 18.42
N THR E 294 -19.26 4.99 19.35
CA THR E 294 -18.44 3.85 19.03
C THR E 294 -19.38 2.65 19.16
N PRO E 295 -19.04 1.46 18.67
CA PRO E 295 -19.82 0.25 18.83
C PRO E 295 -20.02 -0.18 20.28
N LEU E 296 -19.21 0.36 21.20
CA LEU E 296 -19.31 -0.02 22.59
C LEU E 296 -20.19 0.91 23.40
N GLY E 297 -20.53 2.06 22.83
CA GLY E 297 -21.23 3.07 23.57
C GLY E 297 -20.87 4.46 23.06
N ALA E 298 -21.62 5.47 23.50
CA ALA E 298 -21.36 6.82 23.05
C ALA E 298 -20.32 7.49 23.92
N ILE E 299 -19.56 8.42 23.34
CA ILE E 299 -18.56 9.14 24.11
C ILE E 299 -18.89 10.63 24.25
N ASN E 300 -19.11 11.11 25.50
CA ASN E 300 -19.39 12.51 25.84
C ASN E 300 -18.14 13.12 26.50
N THR E 301 -17.30 13.85 25.72
CA THR E 301 -16.02 14.39 26.22
C THR E 301 -15.51 15.58 25.45
N THR E 302 -14.65 16.33 26.11
CA THR E 302 -13.97 17.48 25.53
C THR E 302 -12.47 17.26 25.43
N LEU E 303 -12.00 16.07 25.76
CA LEU E 303 -10.57 15.81 25.78
C LEU E 303 -10.06 15.49 24.38
N PRO E 304 -8.79 15.79 24.04
CA PRO E 304 -8.16 15.55 22.75
C PRO E 304 -7.90 14.11 22.35
N PHE E 305 -7.83 13.18 23.31
CA PHE E 305 -7.57 11.80 22.97
C PHE E 305 -8.55 10.90 23.67
N HIS E 306 -8.80 9.71 23.12
CA HIS E 306 -9.62 8.70 23.79
C HIS E 306 -9.04 7.34 23.49
N ASN E 307 -9.37 6.35 24.30
CA ASN E 307 -8.90 5.00 24.02
C ASN E 307 -10.04 3.97 24.05
N VAL E 308 -11.23 4.35 23.60
CA VAL E 308 -12.35 3.44 23.68
C VAL E 308 -12.45 2.42 22.54
N HIS E 309 -12.43 2.87 21.30
CA HIS E 309 -12.53 1.95 20.17
C HIS E 309 -12.08 2.69 18.92
N PRO E 310 -11.30 2.11 18.00
CA PRO E 310 -10.92 2.78 16.78
C PRO E 310 -12.00 3.00 15.72
N LEU E 311 -13.08 2.21 15.70
CA LEU E 311 -14.06 2.38 14.63
C LEU E 311 -15.16 3.29 15.04
N THR E 312 -14.84 4.55 15.07
CA THR E 312 -15.77 5.51 15.62
C THR E 312 -16.42 6.42 14.57
N ILE E 313 -17.74 6.62 14.68
CA ILE E 313 -18.47 7.50 13.76
C ILE E 313 -18.87 8.78 14.48
N GLY E 314 -18.44 9.92 13.96
CA GLY E 314 -18.76 11.20 14.58
C GLY E 314 -17.58 12.14 14.60
N GLU E 315 -17.72 13.23 15.36
CA GLU E 315 -16.65 14.23 15.49
C GLU E 315 -15.97 13.91 16.81
N CYS E 316 -14.86 13.13 16.74
CA CYS E 316 -14.26 12.46 17.90
C CYS E 316 -12.78 12.81 18.16
N PRO E 317 -12.28 12.60 19.40
CA PRO E 317 -10.91 12.74 19.84
C PRO E 317 -10.06 11.74 19.10
N LYS E 318 -8.76 11.91 19.07
CA LYS E 318 -7.95 10.93 18.38
C LYS E 318 -7.93 9.66 19.20
N TYR E 319 -7.97 8.52 18.53
CA TYR E 319 -7.85 7.27 19.23
C TYR E 319 -6.38 7.00 19.40
N VAL E 320 -5.98 6.65 20.61
CA VAL E 320 -4.60 6.29 20.90
C VAL E 320 -4.54 4.96 21.60
N LYS E 321 -3.36 4.35 21.57
CA LYS E 321 -3.14 3.07 22.23
C LYS E 321 -2.71 3.22 23.68
N SER E 322 -2.57 4.45 24.14
CA SER E 322 -2.13 4.73 25.48
C SER E 322 -3.18 4.41 26.52
N GLU E 323 -2.73 4.26 27.77
CA GLU E 323 -3.61 4.01 28.90
C GLU E 323 -3.89 5.27 29.70
N LYS E 324 -2.91 6.17 29.77
CA LYS E 324 -3.08 7.40 30.50
C LYS E 324 -2.24 8.50 29.93
N LEU E 325 -2.83 9.67 29.78
CA LEU E 325 -2.12 10.86 29.35
C LEU E 325 -2.47 11.95 30.31
N VAL E 326 -1.62 12.20 31.27
CA VAL E 326 -2.00 13.18 32.28
C VAL E 326 -0.98 14.27 32.36
N LEU E 327 -1.45 15.50 32.25
CA LEU E 327 -0.58 16.66 32.32
C LEU E 327 -0.51 17.16 33.74
N ALA E 328 0.66 17.55 34.16
CA ALA E 328 0.80 18.20 35.44
C ALA E 328 0.34 19.60 35.24
N THR E 329 -0.32 20.19 36.21
CA THR E 329 -0.64 21.59 36.05
C THR E 329 -0.05 22.25 37.25
N GLY E 330 0.05 21.45 38.29
CA GLY E 330 0.48 21.92 39.59
C GLY E 330 1.95 21.68 39.88
N LEU E 331 2.27 21.73 41.16
CA LEU E 331 3.62 21.66 41.68
C LEU E 331 3.89 20.28 42.19
N ARG E 332 5.14 19.91 42.40
CA ARG E 332 5.29 18.59 42.97
C ARG E 332 4.61 18.65 44.31
N ASN E 333 3.82 17.65 44.64
CA ASN E 333 3.15 17.70 45.90
C ASN E 333 4.08 17.16 46.90
N VAL E 334 4.74 18.06 47.56
CA VAL E 334 5.71 17.65 48.52
C VAL E 334 5.44 18.23 49.88
N PRO E 335 4.66 17.54 50.74
CA PRO E 335 4.45 17.88 52.13
C PRO E 335 5.82 18.06 52.74
N ALA E 345 7.26 24.93 58.01
CA ALA E 345 6.55 26.08 58.59
C ALA E 345 7.47 27.28 58.78
N ILE E 346 8.72 27.04 59.07
CA ILE E 346 9.67 28.11 59.28
C ILE E 346 10.79 28.00 58.28
N ALA E 347 10.46 27.52 57.10
CA ALA E 347 11.40 27.35 56.01
C ALA E 347 10.69 27.64 54.70
N GLY E 348 11.43 27.96 53.69
CA GLY E 348 10.86 28.27 52.41
C GLY E 348 10.87 27.10 51.45
N PHE E 349 11.01 27.47 50.19
CA PHE E 349 10.98 26.60 49.01
C PHE E 349 12.00 25.48 49.04
N ILE E 350 13.01 25.65 49.86
CA ILE E 350 14.06 24.70 50.02
C ILE E 350 13.49 23.41 50.59
N GLU E 351 12.54 23.51 51.51
CA GLU E 351 11.94 22.33 52.10
C GLU E 351 10.56 22.05 51.49
N GLY E 352 9.84 23.13 51.14
CA GLY E 352 8.49 23.05 50.60
C GLY E 352 7.50 22.66 51.68
N GLY E 353 6.36 22.14 51.27
CA GLY E 353 5.35 21.71 52.23
C GLY E 353 4.42 22.73 52.86
N TRP E 354 4.14 23.88 52.25
CA TRP E 354 3.27 24.79 52.96
C TRP E 354 1.82 24.43 52.81
N GLN E 355 1.40 23.43 53.57
CA GLN E 355 0.03 22.93 53.52
C GLN E 355 -0.93 23.92 54.15
N GLY E 356 -0.37 24.86 54.90
CA GLY E 356 -1.14 25.90 55.55
C GLY E 356 -1.42 27.07 54.62
N MET E 357 -0.88 27.06 53.40
CA MET E 357 -1.10 28.16 52.48
C MET E 357 -2.04 27.70 51.39
N VAL E 358 -3.24 28.26 51.35
CA VAL E 358 -4.26 27.84 50.37
C VAL E 358 -4.75 29.00 49.51
N ASP E 359 -3.96 30.04 49.49
CA ASP E 359 -4.24 31.29 48.79
C ASP E 359 -3.77 31.31 47.34
N GLY E 360 -2.77 30.50 47.04
CA GLY E 360 -2.18 30.44 45.72
C GLY E 360 -0.99 29.52 45.79
N TRP E 361 -0.40 29.24 44.64
CA TRP E 361 0.73 28.35 44.56
C TRP E 361 2.00 28.86 45.19
N TYR E 362 2.29 30.13 45.00
CA TYR E 362 3.55 30.65 45.47
C TYR E 362 3.23 31.71 46.48
N GLY E 363 4.06 31.88 47.49
CA GLY E 363 3.76 32.91 48.46
C GLY E 363 4.77 33.11 49.55
N TYR E 364 4.29 33.76 50.60
CA TYR E 364 5.09 34.15 51.73
C TYR E 364 4.54 33.66 53.05
N HIS E 365 5.44 33.45 53.98
CA HIS E 365 5.09 33.16 55.36
C HIS E 365 5.83 34.12 56.21
N HIS E 366 5.13 34.97 56.94
CA HIS E 366 5.89 35.91 57.73
C HIS E 366 5.56 35.79 59.19
N SER E 367 6.52 36.23 60.00
CA SER E 367 6.36 36.31 61.43
C SER E 367 7.00 37.57 62.00
N ASN E 368 6.20 38.36 62.71
CA ASN E 368 6.65 39.61 63.30
C ASN E 368 5.95 39.83 64.63
N ASP E 369 6.11 41.04 65.20
CA ASP E 369 5.56 41.39 66.50
C ASP E 369 4.05 41.44 66.54
N GLN E 370 3.41 41.71 65.41
CA GLN E 370 1.97 41.87 65.37
C GLN E 370 1.27 40.55 65.13
N GLY E 371 1.89 39.70 64.34
CA GLY E 371 1.31 38.41 64.03
C GLY E 371 2.09 37.65 62.96
N SER E 372 1.54 36.52 62.56
CA SER E 372 2.17 35.68 61.57
C SER E 372 1.13 35.00 60.72
N GLY E 373 1.56 34.55 59.56
CA GLY E 373 0.66 33.80 58.69
C GLY E 373 1.09 33.71 57.24
N TYR E 374 0.29 33.00 56.47
CA TYR E 374 0.59 32.77 55.07
C TYR E 374 -0.17 33.72 54.18
N ALA E 375 0.43 34.05 53.05
CA ALA E 375 -0.23 34.85 52.03
C ALA E 375 0.30 34.44 50.68
N ALA E 376 -0.51 34.56 49.65
CA ALA E 376 0.00 34.23 48.34
C ALA E 376 0.62 35.42 47.71
N ASP E 377 1.57 35.16 46.84
CA ASP E 377 2.10 36.20 46.02
C ASP E 377 1.19 36.15 44.81
N LYS E 378 0.23 37.06 44.78
CA LYS E 378 -0.78 36.96 43.76
C LYS E 378 -0.24 37.28 42.39
N GLU E 379 0.73 38.18 42.30
CA GLU E 379 1.25 38.51 40.98
C GLU E 379 1.94 37.31 40.36
N SER E 380 2.79 36.65 41.14
CA SER E 380 3.55 35.53 40.66
C SER E 380 2.66 34.34 40.36
N THR E 381 1.70 34.08 41.26
CA THR E 381 0.82 32.95 41.07
C THR E 381 -0.04 33.14 39.85
N GLN E 382 -0.59 34.33 39.66
CA GLN E 382 -1.47 34.50 38.52
C GLN E 382 -0.71 34.37 37.23
N LYS E 383 0.53 34.86 37.16
CA LYS E 383 1.24 34.71 35.90
C LYS E 383 1.53 33.25 35.62
N ALA E 384 1.92 32.50 36.66
CA ALA E 384 2.20 31.10 36.45
C ALA E 384 0.96 30.35 36.04
N PHE E 385 -0.16 30.73 36.65
CA PHE E 385 -1.43 30.12 36.39
C PHE E 385 -1.84 30.32 34.95
N ASP E 386 -1.73 31.55 34.46
CA ASP E 386 -2.13 31.84 33.10
C ASP E 386 -1.26 31.07 32.14
N GLY E 387 0.03 30.93 32.46
CA GLY E 387 0.97 30.19 31.63
C GLY E 387 0.55 28.74 31.53
N ILE E 388 0.24 28.12 32.66
CA ILE E 388 -0.15 26.73 32.64
C ILE E 388 -1.45 26.57 31.87
N THR E 389 -2.40 27.47 32.06
CA THR E 389 -3.66 27.37 31.34
C THR E 389 -3.43 27.42 29.84
N ASN E 390 -2.58 28.34 29.38
CA ASN E 390 -2.32 28.45 27.96
C ASN E 390 -1.64 27.21 27.43
N LYS E 391 -0.75 26.61 28.20
CA LYS E 391 -0.05 25.41 27.80
C LYS E 391 -1.01 24.25 27.60
N VAL E 392 -1.93 24.08 28.54
CA VAL E 392 -2.89 23.01 28.45
C VAL E 392 -3.79 23.23 27.25
N ASN E 393 -4.23 24.46 27.05
CA ASN E 393 -5.07 24.74 25.93
C ASN E 393 -4.32 24.60 24.63
N SER E 394 -3.02 24.85 24.58
CA SER E 394 -2.32 24.66 23.32
C SER E 394 -2.35 23.19 22.92
N VAL E 395 -2.10 22.33 23.89
CA VAL E 395 -2.08 20.90 23.61
C VAL E 395 -3.43 20.41 23.10
N ILE E 396 -4.51 20.88 23.72
CA ILE E 396 -5.84 20.46 23.35
C ILE E 396 -6.43 21.14 22.12
N GLU E 397 -6.34 22.46 22.05
CA GLU E 397 -6.92 23.26 20.98
C GLU E 397 -6.24 23.08 19.65
N LYS E 398 -4.97 22.66 19.63
CA LYS E 398 -4.33 22.47 18.35
C LYS E 398 -4.68 21.13 17.71
N MET E 399 -5.45 20.28 18.40
CA MET E 399 -5.78 19.02 17.80
C MET E 399 -6.97 19.17 16.85
N ASN E 400 -6.85 18.65 15.64
CA ASN E 400 -7.90 18.78 14.64
C ASN E 400 -8.99 17.71 14.67
N THR E 401 -10.20 18.10 15.06
CA THR E 401 -11.32 17.16 15.16
C THR E 401 -12.26 17.34 13.97
N GLN E 402 -12.47 16.26 13.23
CA GLN E 402 -13.28 16.21 12.02
C GLN E 402 -14.26 15.05 12.06
N PHE E 403 -15.35 15.16 11.32
CA PHE E 403 -16.25 14.01 11.22
C PHE E 403 -15.53 12.91 10.46
N GLU E 404 -15.61 11.70 10.98
CA GLU E 404 -15.02 10.53 10.35
C GLU E 404 -15.88 9.28 10.60
N ALA E 405 -15.78 8.27 9.72
CA ALA E 405 -16.50 7.01 9.91
C ALA E 405 -15.53 5.83 10.08
N VAL E 406 -14.30 6.00 9.61
CA VAL E 406 -13.17 5.06 9.68
C VAL E 406 -13.29 3.76 8.89
N GLY E 407 -14.30 2.95 9.20
CA GLY E 407 -14.42 1.62 8.61
C GLY E 407 -14.74 1.58 7.13
N LYS E 408 -14.18 0.56 6.45
CA LYS E 408 -14.39 0.29 5.04
C LYS E 408 -14.55 -1.18 4.80
N GLU E 409 -15.33 -1.52 3.78
CA GLU E 409 -15.58 -2.89 3.41
C GLU E 409 -14.71 -3.31 2.26
N PHE E 410 -14.20 -4.54 2.29
CA PHE E 410 -13.40 -5.09 1.20
C PHE E 410 -13.87 -6.50 0.88
N SER E 411 -13.73 -6.91 -0.37
CA SER E 411 -14.15 -8.25 -0.78
C SER E 411 -13.04 -9.21 -0.49
N ASN E 412 -13.29 -10.49 -0.68
CA ASN E 412 -12.29 -11.50 -0.41
C ASN E 412 -11.22 -11.58 -1.47
N LEU E 413 -11.38 -10.80 -2.53
CA LEU E 413 -10.44 -10.74 -3.63
C LEU E 413 -9.66 -9.44 -3.61
N GLU E 414 -9.77 -8.70 -2.51
CA GLU E 414 -9.10 -7.43 -2.35
C GLU E 414 -8.29 -7.41 -1.09
N ARG E 415 -7.47 -8.42 -0.88
CA ARG E 415 -6.73 -8.51 0.35
C ARG E 415 -5.54 -7.59 0.36
N ARG E 416 -4.95 -7.32 -0.80
CA ARG E 416 -3.81 -6.44 -0.73
C ARG E 416 -4.27 -5.04 -0.38
N LEU E 417 -5.46 -4.67 -0.86
CA LEU E 417 -6.03 -3.36 -0.62
C LEU E 417 -6.53 -3.24 0.81
N GLU E 418 -7.17 -4.29 1.31
CA GLU E 418 -7.65 -4.29 2.68
C GLU E 418 -6.50 -4.12 3.62
N ASN E 419 -5.40 -4.81 3.33
CA ASN E 419 -4.24 -4.73 4.18
C ASN E 419 -3.58 -3.38 4.06
N LEU E 420 -3.57 -2.77 2.88
CA LEU E 420 -2.99 -1.45 2.72
C LEU E 420 -3.76 -0.49 3.61
N ASN E 421 -5.09 -0.57 3.56
CA ASN E 421 -5.93 0.29 4.37
C ASN E 421 -5.65 0.11 5.84
N LYS E 422 -5.56 -1.15 6.28
CA LYS E 422 -5.27 -1.40 7.67
C LYS E 422 -3.95 -0.82 8.07
N LYS E 423 -2.94 -1.03 7.24
CA LYS E 423 -1.62 -0.58 7.54
C LYS E 423 -1.58 0.92 7.66
N MET E 424 -2.30 1.63 6.79
CA MET E 424 -2.36 3.07 6.84
C MET E 424 -2.90 3.52 8.18
N GLU E 425 -3.99 2.90 8.61
CA GLU E 425 -4.61 3.28 9.86
C GLU E 425 -3.71 2.96 11.05
N ASP E 426 -3.00 1.82 11.01
CA ASP E 426 -2.13 1.45 12.11
C ASP E 426 -0.95 2.40 12.16
N GLY E 427 -0.49 2.81 10.99
CA GLY E 427 0.62 3.73 10.89
C GLY E 427 0.28 5.05 11.54
N PHE E 428 -0.90 5.59 11.23
CA PHE E 428 -1.25 6.87 11.82
C PHE E 428 -1.48 6.73 13.30
N LEU E 429 -2.01 5.60 13.74
CA LEU E 429 -2.22 5.40 15.16
C LEU E 429 -0.89 5.37 15.90
N ASP E 430 0.14 4.70 15.37
CA ASP E 430 1.42 4.70 16.05
C ASP E 430 2.02 6.09 16.07
N VAL E 431 1.84 6.88 15.02
CA VAL E 431 2.37 8.23 15.02
C VAL E 431 1.71 9.07 16.07
N TRP E 432 0.39 9.02 16.16
CA TRP E 432 -0.30 9.85 17.12
C TRP E 432 -0.10 9.38 18.54
N THR E 433 0.02 8.07 18.76
CA THR E 433 0.22 7.59 20.10
C THR E 433 1.59 8.02 20.58
N TYR E 434 2.62 7.86 19.75
CA TYR E 434 3.98 8.21 20.12
C TYR E 434 4.06 9.68 20.42
N ASN E 435 3.48 10.50 19.56
CA ASN E 435 3.55 11.92 19.80
C ASN E 435 2.79 12.30 21.05
N ALA E 436 1.65 11.68 21.32
CA ALA E 436 0.92 12.00 22.53
C ALA E 436 1.72 11.64 23.78
N GLU E 437 2.41 10.50 23.74
CA GLU E 437 3.16 10.08 24.91
C GLU E 437 4.33 11.00 25.18
N LEU E 438 5.03 11.42 24.13
CA LEU E 438 6.17 12.27 24.38
C LEU E 438 5.78 13.68 24.61
N LEU E 439 4.68 14.14 24.04
CA LEU E 439 4.31 15.50 24.30
C LEU E 439 3.96 15.62 25.75
N VAL E 440 3.24 14.64 26.30
CA VAL E 440 2.91 14.71 27.70
C VAL E 440 4.14 14.62 28.57
N LEU E 441 5.07 13.72 28.29
CA LEU E 441 6.24 13.63 29.15
C LEU E 441 7.11 14.86 29.07
N MET E 442 7.29 15.43 27.88
CA MET E 442 8.13 16.61 27.76
C MET E 442 7.47 17.79 28.45
N GLU E 443 6.15 17.91 28.32
CA GLU E 443 5.49 19.02 28.92
C GLU E 443 5.44 18.88 30.43
N ASN E 444 5.32 17.67 30.97
CA ASN E 444 5.29 17.55 32.41
C ASN E 444 6.65 17.85 33.00
N GLU E 445 7.72 17.54 32.27
CA GLU E 445 9.04 17.85 32.79
C GLU E 445 9.22 19.35 32.85
N ARG E 446 8.75 20.04 31.82
CA ARG E 446 8.87 21.47 31.76
C ARG E 446 7.98 22.15 32.76
N THR E 447 6.81 21.58 33.05
CA THR E 447 5.89 22.17 34.00
C THR E 447 6.51 22.20 35.37
N LEU E 448 7.11 21.11 35.77
CA LEU E 448 7.64 21.09 37.10
C LEU E 448 8.90 21.97 37.18
N ASP E 449 9.69 22.01 36.10
CA ASP E 449 10.89 22.84 36.06
C ASP E 449 10.48 24.33 36.10
N PHE E 450 9.38 24.66 35.44
CA PHE E 450 8.78 25.97 35.41
C PHE E 450 8.40 26.44 36.79
N HIS E 451 7.70 25.60 37.53
CA HIS E 451 7.32 26.00 38.86
C HIS E 451 8.52 26.18 39.76
N ASP E 452 9.53 25.33 39.64
CA ASP E 452 10.69 25.47 40.51
C ASP E 452 11.39 26.79 40.23
N SER E 453 11.45 27.16 38.95
CA SER E 453 12.07 28.40 38.52
C SER E 453 11.32 29.60 39.05
N ASN E 454 9.99 29.57 38.96
CA ASN E 454 9.21 30.70 39.41
C ASN E 454 9.31 30.93 40.91
N VAL E 455 9.38 29.87 41.68
CA VAL E 455 9.49 30.08 43.10
C VAL E 455 10.83 30.69 43.40
N LYS E 456 11.90 30.17 42.79
CA LYS E 456 13.20 30.73 43.02
C LYS E 456 13.22 32.18 42.57
N ASN E 457 12.52 32.53 41.50
CA ASN E 457 12.53 33.91 41.07
C ASN E 457 11.97 34.81 42.15
N LEU E 458 10.98 34.37 42.95
CA LEU E 458 10.56 35.26 44.02
C LEU E 458 11.67 35.39 45.01
N TYR E 459 12.34 34.30 45.27
CA TYR E 459 13.39 34.35 46.25
C TYR E 459 14.42 35.40 45.89
N ASP E 460 14.83 35.43 44.63
CA ASP E 460 15.82 36.41 44.22
C ASP E 460 15.22 37.79 44.01
N LYS E 461 13.97 37.89 43.57
CA LYS E 461 13.34 39.19 43.40
C LYS E 461 13.38 39.93 44.71
N VAL E 462 13.06 39.21 45.78
CA VAL E 462 13.07 39.74 47.12
C VAL E 462 14.48 39.95 47.63
N ARG E 463 15.37 38.97 47.47
CA ARG E 463 16.72 39.10 47.94
C ARG E 463 17.39 40.35 47.43
N MET E 464 17.20 40.66 46.15
CA MET E 464 17.81 41.80 45.50
C MET E 464 17.28 43.13 45.97
N GLN E 465 16.12 43.16 46.58
CA GLN E 465 15.59 44.42 47.04
C GLN E 465 15.97 44.65 48.49
N LEU E 466 15.94 43.58 49.28
CA LEU E 466 16.25 43.65 50.69
C LEU E 466 17.73 43.94 50.89
N ARG E 467 18.55 43.42 49.98
CA ARG E 467 19.98 43.67 49.94
C ARG E 467 20.66 43.41 51.25
N ASP E 468 21.27 44.43 51.84
CA ASP E 468 22.04 44.26 53.06
C ASP E 468 21.25 44.47 54.34
N ASN E 469 19.94 44.67 54.24
CA ASN E 469 19.20 44.89 55.47
C ASN E 469 18.71 43.59 56.08
N VAL E 470 19.01 42.48 55.42
CA VAL E 470 18.61 41.18 55.92
C VAL E 470 19.73 40.17 55.92
N LYS E 471 19.53 39.15 56.74
CA LYS E 471 20.41 38.02 56.82
C LYS E 471 19.78 36.89 56.05
N GLU E 472 20.49 36.31 55.11
CA GLU E 472 19.92 35.21 54.38
C GLU E 472 20.14 33.98 55.24
N LEU E 473 19.09 33.21 55.52
CA LEU E 473 19.24 32.09 56.46
C LEU E 473 19.62 30.75 55.85
N GLY E 474 19.63 30.67 54.53
CA GLY E 474 20.02 29.44 53.83
C GLY E 474 18.94 28.37 53.63
N ASN E 475 17.74 28.62 54.11
CA ASN E 475 16.62 27.69 54.01
C ASN E 475 15.44 28.32 53.31
N GLY E 476 15.69 29.29 52.45
CA GLY E 476 14.63 29.99 51.73
C GLY E 476 13.90 31.13 52.50
N CYS E 477 14.51 31.65 53.59
CA CYS E 477 13.98 32.70 54.47
C CYS E 477 15.01 33.81 54.69
N PHE E 478 14.50 34.99 55.02
CA PHE E 478 15.33 36.13 55.36
C PHE E 478 14.99 36.66 56.73
N GLU E 479 16.01 37.04 57.48
CA GLU E 479 15.82 37.64 58.80
C GLU E 479 16.17 39.11 58.76
N PHE E 480 15.30 39.94 59.26
CA PHE E 480 15.57 41.35 59.18
C PHE E 480 16.44 41.81 60.30
N TYR E 481 17.39 42.69 60.00
CA TYR E 481 18.16 43.22 61.10
C TYR E 481 17.34 44.30 61.76
N HIS E 482 16.68 45.08 60.93
CA HIS E 482 15.85 46.18 61.37
C HIS E 482 14.54 45.61 61.82
N LYS E 483 13.96 46.10 62.89
CA LYS E 483 12.65 45.57 63.18
C LYS E 483 11.75 45.90 61.98
N CYS E 484 10.98 44.90 61.49
CA CYS E 484 10.10 44.99 60.33
C CYS E 484 8.74 44.42 60.73
N ASP E 485 7.78 45.33 60.77
CA ASP E 485 6.39 45.15 61.19
C ASP E 485 5.49 44.75 60.05
N ASP E 486 4.16 44.84 60.25
CA ASP E 486 3.22 44.38 59.26
C ASP E 486 2.88 45.39 58.18
N GLU E 487 3.55 46.54 58.18
CA GLU E 487 3.45 47.51 57.08
C GLU E 487 4.72 47.40 56.20
N CYS E 488 5.91 47.17 56.85
CA CYS E 488 7.22 46.93 56.27
C CYS E 488 7.17 45.63 55.46
N MET E 489 6.66 44.55 56.06
CA MET E 489 6.60 43.32 55.32
C MET E 489 5.67 43.44 54.14
N ASN E 490 4.62 44.25 54.24
CA ASN E 490 3.74 44.37 53.10
C ASN E 490 4.47 45.11 52.00
N SER E 491 5.29 46.09 52.38
CA SER E 491 6.08 46.82 51.40
C SER E 491 7.01 45.85 50.68
N VAL E 492 7.57 44.88 51.42
CA VAL E 492 8.44 43.88 50.81
C VAL E 492 7.63 43.01 49.85
N LYS E 493 6.46 42.53 50.27
CA LYS E 493 5.60 41.69 49.43
C LYS E 493 5.18 42.40 48.11
N ASN E 494 4.97 43.73 48.16
CA ASN E 494 4.63 44.64 47.06
C ASN E 494 5.80 44.86 46.08
N GLY E 495 7.07 44.58 46.50
CA GLY E 495 8.29 44.87 45.75
C GLY E 495 8.67 46.35 45.86
N THR E 496 8.25 47.01 46.95
CA THR E 496 8.49 48.42 47.17
C THR E 496 9.29 48.70 48.43
N TYR E 497 10.03 47.72 48.94
CA TYR E 497 10.73 47.97 50.18
C TYR E 497 11.64 49.17 50.04
N ASP E 498 11.49 50.13 50.95
CA ASP E 498 12.27 51.34 50.85
C ASP E 498 13.60 51.17 51.55
N TYR E 499 14.49 50.45 50.91
CA TYR E 499 15.77 50.07 51.46
C TYR E 499 16.52 51.12 52.31
N PRO E 500 16.71 52.39 51.88
CA PRO E 500 17.48 53.40 52.59
C PRO E 500 16.95 53.76 53.98
N LYS E 501 15.69 53.43 54.28
CA LYS E 501 15.14 53.79 55.57
C LYS E 501 15.36 52.74 56.61
N TYR E 502 15.88 51.60 56.22
CA TYR E 502 16.06 50.50 57.14
C TYR E 502 17.53 50.19 57.39
N GLU E 503 18.40 51.12 57.01
CA GLU E 503 19.84 50.89 57.16
C GLU E 503 20.32 51.19 58.58
N GLU E 504 19.93 50.32 59.51
CA GLU E 504 20.23 50.45 60.94
C GLU E 504 20.17 49.07 61.63
N GLU E 505 20.48 49.03 62.93
CA GLU E 505 20.47 47.85 63.82
C GLU E 505 21.39 46.67 63.42
N SER E 506 22.61 46.98 62.92
CA SER E 506 23.64 46.02 62.50
C SER E 506 24.96 46.78 62.36
C1 NAG F . -19.44 -32.37 1.99
C2 NAG F . -20.99 -32.53 1.80
C3 NAG F . -21.68 -32.01 3.10
C4 NAG F . -21.18 -32.84 4.31
C5 NAG F . -19.63 -32.71 4.40
C6 NAG F . -19.05 -33.61 5.50
C7 NAG F . -22.00 -32.23 -0.42
C8 NAG F . -22.39 -31.34 -1.57
N2 NAG F . -21.41 -31.70 0.65
O3 NAG F . -23.11 -32.18 2.98
O4 NAG F . -21.74 -32.25 5.50
O5 NAG F . -19.02 -33.14 3.14
O6 NAG F . -19.47 -34.96 5.36
O7 NAG F . -22.23 -33.44 -0.48
C1 NAG F . -22.62 -33.13 6.34
C2 NAG F . -22.75 -32.46 7.78
C3 NAG F . -23.66 -33.39 8.65
C4 NAG F . -25.06 -33.57 7.97
C5 NAG F . -24.85 -34.19 6.54
C6 NAG F . -26.16 -34.35 5.74
C7 NAG F . -20.71 -31.18 8.42
C8 NAG F . -19.34 -31.14 9.04
N2 NAG F . -21.39 -32.33 8.37
O3 NAG F . -23.84 -32.79 9.95
O4 NAG F . -25.87 -34.45 8.76
O5 NAG F . -23.93 -33.32 5.74
O6 NAG F . -26.89 -33.13 5.62
O7 NAG F . -21.19 -30.12 7.97
C1 FUC F . -19.25 -35.77 6.60
C2 FUC F . -19.81 -37.23 6.39
C3 FUC F . -18.91 -37.94 5.33
C4 FUC F . -17.42 -37.95 5.82
C5 FUC F . -16.95 -36.46 6.06
C6 FUC F . -15.55 -36.37 6.64
O2 FUC F . -21.17 -37.18 5.96
O3 FUC F . -19.38 -39.29 5.13
O4 FUC F . -17.29 -38.77 6.99
O5 FUC F . -17.86 -35.80 7.02
C1 NAG G . 10.81 -8.34 -33.70
C2 NAG G . 10.91 -9.90 -33.86
C3 NAG G . 12.09 -10.39 -32.98
C4 NAG G . 13.40 -9.71 -33.44
C5 NAG G . 13.23 -8.17 -33.32
C6 NAG G . 14.43 -7.39 -33.85
C7 NAG G . 8.74 -11.00 -34.24
C8 NAG G . 7.46 -11.60 -33.73
N2 NAG G . 9.64 -10.50 -33.40
O3 NAG G . 12.20 -11.82 -33.10
O4 NAG G . 14.45 -10.12 -32.53
O5 NAG G . 12.07 -7.73 -34.13
O6 NAG G . 14.79 -7.76 -35.19
O7 NAG G . 8.94 -10.99 -35.47
C1 NAG G . 15.71 -10.70 -33.13
C2 NAG G . 16.88 -10.55 -32.07
C3 NAG G . 18.18 -11.15 -32.69
C4 NAG G . 17.95 -12.65 -33.09
C5 NAG G . 16.77 -12.72 -34.12
C6 NAG G . 16.40 -14.15 -34.51
C7 NAG G . 16.80 -8.49 -30.62
C8 NAG G . 17.06 -7.02 -30.47
N2 NAG G . 17.09 -9.09 -31.79
O3 NAG G . 19.26 -11.06 -31.73
O4 NAG G . 19.15 -13.17 -33.68
O5 NAG G . 15.55 -12.11 -33.51
O6 NAG G . 15.53 -14.19 -35.64
O7 NAG G . 16.31 -9.13 -29.67
C1 FUC G . 16.12 -7.23 -35.60
C2 FUC G . 16.47 -7.74 -37.05
C3 FUC G . 15.48 -7.09 -38.06
C4 FUC G . 15.58 -5.53 -37.97
C5 FUC G . 15.25 -5.10 -36.49
C6 FUC G . 15.42 -3.60 -36.25
O2 FUC G . 16.38 -9.17 -37.10
O3 FUC G . 15.80 -7.53 -39.40
O4 FUC G . 16.86 -5.08 -38.42
O5 FUC G . 16.18 -5.77 -35.54
C1 NAG H . -35.54 12.59 -20.16
C2 NAG H . -35.36 12.86 -21.70
C3 NAG H . -34.61 14.22 -21.84
C4 NAG H . -35.44 15.34 -21.17
C5 NAG H . -35.66 14.98 -19.68
C6 NAG H . -36.58 15.98 -18.98
C7 NAG H . -35.06 10.94 -23.20
C8 NAG H . -34.20 9.84 -23.76
N2 NAG H . -34.56 11.77 -22.29
O3 NAG H . -34.45 14.53 -23.25
O4 NAG H . -34.64 16.54 -21.20
O5 NAG H . -36.31 13.66 -19.57
O6 NAG H . -37.82 16.14 -19.68
O7 NAG H . -36.23 11.05 -23.59
C1 NAG H . -35.18 17.70 -21.99
C2 NAG H . -34.37 18.99 -21.54
C3 NAG H . -34.93 20.21 -22.38
C4 NAG H . -34.78 19.92 -23.91
C5 NAG H . -35.57 18.60 -24.27
C6 NAG H . -35.41 18.17 -25.73
C7 NAG H . -33.63 18.94 -19.15
C8 NAG H . -33.92 19.17 -17.70
N2 NAG H . -34.58 19.21 -20.08
O3 NAG H . -34.18 21.39 -22.04
O4 NAG H . -35.30 21.02 -24.65
O5 NAG H . -35.05 17.49 -23.43
O6 NAG H . -36.47 17.30 -26.14
O7 NAG H . -32.52 18.50 -19.49
C1 FUC H . -38.62 17.33 -19.22
C2 FUC H . -39.91 17.47 -20.10
C3 FUC H . -40.85 16.26 -19.79
C4 FUC H . -41.19 16.23 -18.26
C5 FUC H . -39.85 16.13 -17.46
C6 FUC H . -40.04 16.18 -15.95
O2 FUC H . -39.57 17.51 -21.49
O3 FUC H . -42.07 16.40 -20.56
O4 FUC H . -41.98 17.37 -17.89
O5 FUC H . -38.95 17.25 -17.80
C1 NAG I . 30.82 18.33 12.06
C2 NAG I . 30.89 19.45 10.94
C3 NAG I . 30.74 18.75 9.54
C4 NAG I . 31.87 17.67 9.35
C5 NAG I . 31.77 16.63 10.51
C6 NAG I . 32.90 15.59 10.48
C7 NAG I . 29.94 21.64 11.67
C8 NAG I . 28.74 22.55 11.84
N2 NAG I . 29.77 20.42 11.14
O3 NAG I . 30.84 19.74 8.50
O4 NAG I . 31.70 17.02 8.10
O5 NAG I . 31.87 17.32 11.82
O6 NAG I . 32.71 14.57 11.46
O7 NAG I . 31.05 22.05 12.01
C1 NAG J . 22.83 -11.05 19.55
C2 NAG J . 22.70 -12.64 19.40
C3 NAG J . 22.83 -13.27 20.85
C4 NAG J . 24.19 -12.86 21.49
C5 NAG J . 24.27 -11.29 21.57
C6 NAG J . 25.62 -10.78 22.10
C7 NAG J . 21.18 -13.83 17.81
C8 NAG J . 19.80 -14.08 17.27
N2 NAG J . 21.36 -12.96 18.82
O3 NAG J . 22.76 -14.70 20.73
O4 NAG J . 24.28 -13.41 22.81
O5 NAG J . 24.11 -10.72 20.20
O6 NAG J . 25.62 -9.38 22.31
O7 NAG J . 22.15 -14.44 17.31
C1 NAG K . 27.47 13.46 57.21
C2 NAG K . 27.38 12.05 57.78
C3 NAG K . 27.51 12.12 59.29
C4 NAG K . 28.81 12.82 59.64
C5 NAG K . 28.86 14.19 59.00
C6 NAG K . 30.17 14.90 59.31
C7 NAG K . 25.01 11.56 58.12
C8 NAG K . 24.15 12.74 57.79
N2 NAG K . 26.13 11.44 57.39
O3 NAG K . 27.50 10.80 59.84
O4 NAG K . 28.92 12.94 61.07
O5 NAG K . 28.70 14.08 57.59
O6 NAG K . 31.26 14.02 58.96
O7 NAG K . 24.73 10.77 58.99
C1 NAG L . 40.64 6.73 27.05
C2 NAG L . 41.77 6.02 26.31
C3 NAG L . 41.64 4.49 26.47
C4 NAG L . 41.43 4.11 27.93
C5 NAG L . 40.29 4.93 28.51
C6 NAG L . 40.02 4.57 29.96
C7 NAG L . 42.29 7.49 24.43
C8 NAG L . 42.07 7.77 22.97
N2 NAG L . 41.77 6.36 24.91
O3 NAG L . 42.80 3.87 25.92
O4 NAG L . 41.00 2.75 28.07
O5 NAG L . 40.60 6.32 28.40
O6 NAG L . 40.55 5.61 30.76
O7 NAG L . 42.92 8.27 25.13
C1 NAG M . 12.13 51.47 13.48
C2 NAG M . 10.96 51.50 12.40
C3 NAG M . 11.60 51.29 10.98
C4 NAG M . 12.68 52.39 10.70
C5 NAG M . 13.77 52.32 11.83
C6 NAG M . 14.87 53.38 11.68
C7 NAG M . 8.87 50.52 13.38
C8 NAG M . 8.00 49.31 13.66
N2 NAG M . 10.03 50.37 12.71
O3 NAG M . 10.55 51.38 9.99
O4 NAG M . 13.27 52.18 9.42
O5 NAG M . 13.13 52.51 13.16
O6 NAG M . 15.97 53.12 12.57
O7 NAG M . 8.48 51.63 13.77
C1 NAG N . -3.64 37.75 19.61
C2 NAG N . -5.01 37.65 20.43
C3 NAG N . -6.14 37.22 19.42
C4 NAG N . -6.25 38.27 18.25
C5 NAG N . -4.86 38.36 17.52
C6 NAG N . -4.82 39.42 16.42
C7 NAG N . -4.65 36.91 22.78
C8 NAG N . -4.54 35.82 23.81
N2 NAG N . -4.88 36.62 21.49
O3 NAG N . -7.40 37.18 20.12
O4 NAG N . -7.26 37.85 17.33
O5 NAG N . -3.80 38.71 18.51
O6 NAG N . -5.10 40.74 16.89
O7 NAG N . -4.54 38.09 23.17
C1 NAG O . 13.35 33.95 -6.38
C2 NAG O . 13.60 34.61 -7.81
C3 NAG O . 15.13 34.93 -7.95
C4 NAG O . 15.57 35.89 -6.80
C5 NAG O . 15.27 35.23 -5.42
C6 NAG O . 15.57 36.15 -4.22
C7 NAG O . 12.00 33.75 -9.52
C8 NAG O . 11.62 32.73 -10.56
N2 NAG O . 13.16 33.65 -8.86
O3 NAG O . 15.36 35.55 -9.23
O4 NAG O . 16.98 36.15 -6.92
O5 NAG O . 13.82 34.89 -5.33
O6 NAG O . 15.40 35.47 -2.98
O7 NAG O . 11.21 34.69 -9.29
C1 NAG P . -8.33 17.27 51.04
C2 NAG P . -9.53 16.23 51.02
C3 NAG P . -10.80 16.98 50.49
C4 NAG P . -11.11 18.22 51.41
C5 NAG P . -9.87 19.18 51.42
C6 NAG P . -10.04 20.38 52.35
C7 NAG P . -8.68 13.93 50.53
C8 NAG P . -8.31 12.87 49.53
N2 NAG P . -9.16 15.12 50.11
O3 NAG P . -11.93 16.08 50.51
O4 NAG P . -12.24 18.92 50.88
O5 NAG P . -8.66 18.42 51.90
O6 NAG P . -8.99 21.33 52.19
O7 NAG P . -8.52 13.70 51.74
C1 NAG Q . 4.42 4.10 39.09
C2 NAG Q . 5.44 2.87 39.14
C3 NAG Q . 4.71 1.62 38.50
C4 NAG Q . 3.39 1.30 39.29
C5 NAG Q . 2.46 2.57 39.25
C6 NAG Q . 1.16 2.39 40.06
C7 NAG Q . 7.90 2.93 38.79
C8 NAG Q . 9.11 3.29 37.96
N2 NAG Q . 6.66 3.21 38.36
O3 NAG Q . 5.58 0.48 38.57
O4 NAG Q . 2.73 0.21 38.67
O5 NAG Q . 3.19 3.75 39.82
O6 NAG Q . 1.40 2.08 41.42
O7 NAG Q . 8.09 2.35 39.87
C1 NAG R . -22.20 15.68 28.58
C2 NAG R . -23.75 15.44 28.86
C3 NAG R . -24.39 16.80 29.29
C4 NAG R . -23.67 17.36 30.56
C5 NAG R . -22.14 17.54 30.25
C6 NAG R . -21.32 18.01 31.46
C7 NAG R . -24.70 13.68 27.37
C8 NAG R . -25.33 13.28 26.07
N2 NAG R . -24.38 14.96 27.60
O3 NAG R . -25.79 16.60 29.59
O4 NAG R . -24.25 18.62 30.94
O5 NAG R . -21.56 16.24 29.80
O6 NAG R . -19.98 18.33 31.09
O7 NAG R . -24.48 12.80 28.23
#